data_3SUA
#
_entry.id   3SUA
#
_cell.length_a   142.340
_cell.length_b   224.250
_cell.length_c   258.160
_cell.angle_alpha   90.00
_cell.angle_beta   90.00
_cell.angle_gamma   90.00
#
_symmetry.space_group_name_H-M   'I 21 21 21'
#
loop_
_entity.id
_entity.type
_entity.pdbx_description
1 polymer 'Ras-related C3 botulinum toxin substrate 1'
2 polymer Plexin-B1
3 non-polymer 'MAGNESIUM ION'
4 non-polymer 'PHOSPHOAMINOPHOSPHONIC ACID-GUANYLATE ESTER'
#
loop_
_entity_poly.entity_id
_entity_poly.type
_entity_poly.pdbx_seq_one_letter_code
_entity_poly.pdbx_strand_id
1 'polypeptide(L)'
;MQAIKCVVVGDGAVGKTCLLISYTTNAFPGEYIPTVFDNYSANVMVDGKPVNLGLWDTAGQEDYDRLRPLSYPQTDVFLI
CFSLVSPASFENVRAKWYPEVRHHCPNTPIILVGTKLDLRDDKDTIEKLKEKKLTPITYPQGLAMAKEIGAVKYLECSAL
TQRGLKTVFDEAIRAVLKHHHHHH
;
A,B,C
2 'polypeptide(L)'
;MGHHHHHHYRRKSKQALRDYKKVQIQLENLESSVRDRCKKEFTDLMTEMTDLTSDLLGSGIPFLDYKVYAERIFFPGHRE
SPLHRDLGVPESRRPTVEQGLGQLSNLLNSKLFLTKFIHTLETQRTFSARDRAYVASLLTVALHGKLEYFTDILRTLLSD
LVAQYVAKNPKLMLRRTETVVEKLLTNWMSICLYTFVRDSVGEPLYMLFRGIKHQVDKGPVDSVTGKAKYTLNDNRLLRE
DVEYRPLTLNALLAVGPGAGEAQGVPVKVLDCDTISQAKEKMLDQLYKGVPLTQRPDPRTLDVEWRSGVAGHLILSDEDV
TSEVQGLWRRLNTLQHYKVPDGATVALVPCLTKHVLRENQDYVPGERTPMLEDVDEGGIRPWHLVKPSDEPEPPRPRRGS
LRGGERERAKAIPEIYLTRLLSMKGTLQKFVDDLFQVILSTSRPVPLAVKYFFDLLDEQAQQHGISDQDTIHIWKTNSLP
LRFWINIIKNPQFVFDVQTSDNMDAVLLVIAQTFMDACTLADHKLGRDSPINKLLYARDIPRYKRMVERYYADIRQTVPA
SDQEMNSVLAELSWNYSGDLGARVALHELYKYINKYYDQIITALEEDGTAQKMQLGYRLQQIAAAVENKVTDL
;
D,E,F
#
loop_
_chem_comp.id
_chem_comp.type
_chem_comp.name
_chem_comp.formula
GNP non-polymer 'PHOSPHOAMINOPHOSPHONIC ACID-GUANYLATE ESTER' 'C10 H17 N6 O13 P3'
MG non-polymer 'MAGNESIUM ION' 'Mg 2'
#
# COMPACT_ATOMS: atom_id res chain seq x y z
N MET A 1 54.99 -7.77 -1.44
CA MET A 1 53.79 -6.94 -1.36
C MET A 1 53.51 -6.51 0.09
N GLN A 2 53.94 -5.29 0.45
CA GLN A 2 53.73 -4.74 1.78
C GLN A 2 52.58 -3.76 1.78
N ALA A 3 51.62 -3.95 2.69
CA ALA A 3 50.48 -3.06 2.82
C ALA A 3 50.67 -2.14 4.00
N ILE A 4 50.45 -0.84 3.79
CA ILE A 4 50.64 0.15 4.84
C ILE A 4 49.32 0.81 5.24
N LYS A 5 48.89 0.61 6.51
CA LYS A 5 47.68 1.24 7.04
C LYS A 5 48.03 2.66 7.49
N CYS A 6 47.49 3.63 6.77
CA CYS A 6 47.70 5.01 7.08
C CYS A 6 46.42 5.69 7.54
N VAL A 7 46.42 6.26 8.78
CA VAL A 7 45.27 6.98 9.35
C VAL A 7 45.60 8.46 9.39
N VAL A 8 44.69 9.28 8.86
CA VAL A 8 44.86 10.73 8.82
C VAL A 8 43.90 11.36 9.81
N VAL A 9 44.43 11.79 10.95
CA VAL A 9 43.64 12.45 11.98
C VAL A 9 43.97 13.90 12.00
N GLY A 10 42.95 14.73 11.93
CA GLY A 10 43.17 16.17 11.90
C GLY A 10 41.93 16.95 12.25
N ASP A 11 42.17 18.21 12.71
CA ASP A 11 41.14 19.17 13.15
C ASP A 11 40.04 19.45 12.12
N GLY A 12 38.87 19.84 12.61
CA GLY A 12 37.70 20.17 11.79
C GLY A 12 38.05 21.09 10.64
N ALA A 13 37.84 20.60 9.39
CA ALA A 13 38.13 21.27 8.11
C ALA A 13 39.59 21.72 7.85
N VAL A 14 40.58 20.91 8.29
CA VAL A 14 41.99 21.18 8.03
C VAL A 14 42.32 20.91 6.55
N GLY A 15 41.53 20.02 5.92
CA GLY A 15 41.64 19.65 4.51
C GLY A 15 42.15 18.25 4.25
N LYS A 16 41.89 17.32 5.20
CA LYS A 16 42.32 15.91 5.14
C LYS A 16 41.65 15.17 3.99
N THR A 17 40.31 15.08 4.03
CA THR A 17 39.44 14.45 3.02
C THR A 17 39.93 14.92 1.65
N CYS A 18 40.07 16.24 1.48
CA CYS A 18 40.55 16.91 0.28
C CYS A 18 41.95 16.44 -0.14
N LEU A 19 42.92 16.41 0.80
CA LEU A 19 44.30 15.97 0.58
C LEU A 19 44.41 14.45 0.25
N LEU A 20 43.50 13.67 0.85
CA LEU A 20 43.38 12.22 0.64
C LEU A 20 42.81 11.98 -0.76
N ILE A 21 41.72 12.70 -1.14
CA ILE A 21 41.08 12.65 -2.45
C ILE A 21 42.04 13.12 -3.56
N SER A 22 42.71 14.26 -3.34
CA SER A 22 43.68 14.83 -4.28
C SER A 22 44.79 13.86 -4.63
N TYR A 23 45.29 13.09 -3.65
CA TYR A 23 46.37 12.12 -3.86
C TYR A 23 45.93 10.90 -4.64
N THR A 24 44.70 10.44 -4.40
CA THR A 24 44.13 9.21 -5.00
C THR A 24 43.28 9.37 -6.28
N THR A 25 42.98 10.62 -6.69
CA THR A 25 42.17 10.87 -7.90
C THR A 25 42.76 11.97 -8.76
N ASN A 26 43.61 12.83 -8.15
CA ASN A 26 44.24 14.01 -8.77
C ASN A 26 43.17 15.03 -9.21
N ALA A 27 42.13 15.11 -8.38
CA ALA A 27 40.97 15.98 -8.49
C ALA A 27 40.55 16.39 -7.08
N PHE A 28 40.23 17.68 -6.91
CA PHE A 28 39.83 18.28 -5.63
C PHE A 28 38.29 18.19 -5.40
N PRO A 29 37.81 17.91 -4.15
CA PRO A 29 36.35 17.81 -3.93
C PRO A 29 35.52 19.04 -4.27
N GLY A 30 35.83 20.14 -3.61
CA GLY A 30 35.11 21.39 -3.78
C GLY A 30 34.21 21.58 -2.58
N GLU A 31 33.05 20.88 -2.59
CA GLU A 31 32.04 20.94 -1.53
C GLU A 31 32.51 20.40 -0.16
N TYR A 32 32.19 21.13 0.95
CA TYR A 32 32.52 20.62 2.29
C TYR A 32 31.35 19.91 2.88
N ILE A 33 31.67 18.72 3.33
CA ILE A 33 30.81 17.78 4.00
C ILE A 33 31.68 17.17 5.10
N PRO A 34 31.20 17.19 6.35
CA PRO A 34 32.02 16.66 7.45
C PRO A 34 32.10 15.15 7.40
N THR A 35 33.32 14.63 7.18
CA THR A 35 33.54 13.21 7.07
C THR A 35 33.36 12.43 8.37
N VAL A 36 32.70 11.26 8.25
CA VAL A 36 32.43 10.40 9.40
C VAL A 36 33.63 9.48 9.55
N PHE A 37 33.76 8.44 8.70
CA PHE A 37 34.84 7.48 8.84
C PHE A 37 35.43 6.90 7.53
N ASP A 38 35.38 7.68 6.43
CA ASP A 38 35.88 7.26 5.11
C ASP A 38 37.27 6.59 4.83
N ASN A 39 37.27 5.59 3.96
CA ASN A 39 38.40 4.72 3.62
C ASN A 39 38.80 4.97 2.18
N TYR A 40 40.09 5.04 1.91
CA TYR A 40 40.58 5.27 0.56
C TYR A 40 41.56 4.20 0.22
N SER A 41 41.97 4.12 -1.05
CA SER A 41 42.95 3.13 -1.49
C SER A 41 43.80 3.61 -2.66
N ALA A 42 45.12 3.31 -2.60
CA ALA A 42 46.12 3.67 -3.61
C ALA A 42 47.24 2.63 -3.67
N ASN A 43 47.72 2.31 -4.89
CA ASN A 43 48.84 1.38 -5.06
C ASN A 43 50.05 2.15 -5.61
N VAL A 44 51.04 2.36 -4.72
CA VAL A 44 52.25 3.15 -4.97
C VAL A 44 53.54 2.39 -5.21
N MET A 45 54.56 3.13 -5.64
CA MET A 45 55.90 2.66 -5.91
C MET A 45 56.89 3.64 -5.25
N VAL A 46 57.57 3.18 -4.20
CA VAL A 46 58.55 3.98 -3.45
C VAL A 46 59.84 3.19 -3.35
N ASP A 47 60.93 3.77 -3.90
CA ASP A 47 62.29 3.20 -3.95
C ASP A 47 62.31 1.78 -4.54
N GLY A 48 61.62 1.64 -5.67
CA GLY A 48 61.51 0.39 -6.40
C GLY A 48 60.76 -0.72 -5.69
N LYS A 49 59.76 -0.34 -4.85
CA LYS A 49 58.96 -1.32 -4.10
C LYS A 49 57.45 -1.05 -4.18
N PRO A 50 56.62 -2.07 -4.53
CA PRO A 50 55.17 -1.83 -4.63
C PRO A 50 54.44 -1.96 -3.28
N VAL A 51 53.70 -0.91 -2.92
CA VAL A 51 52.97 -0.81 -1.65
C VAL A 51 51.52 -0.38 -1.85
N ASN A 52 50.60 -1.01 -1.11
CA ASN A 52 49.18 -0.66 -1.13
C ASN A 52 48.89 0.20 0.09
N LEU A 53 48.61 1.48 -0.13
CA LEU A 53 48.32 2.43 0.93
C LEU A 53 46.82 2.52 1.20
N GLY A 54 46.42 1.86 2.27
CA GLY A 54 45.04 1.79 2.75
C GLY A 54 44.70 2.92 3.68
N LEU A 55 44.33 4.07 3.11
CA LEU A 55 44.00 5.28 3.83
C LEU A 55 42.70 5.24 4.62
N TRP A 56 42.69 6.05 5.68
CA TRP A 56 41.60 6.15 6.63
C TRP A 56 41.33 7.58 6.93
N ASP A 57 40.18 8.08 6.49
CA ASP A 57 39.79 9.44 6.86
C ASP A 57 39.12 9.29 8.22
N THR A 58 39.10 10.40 8.98
CA THR A 58 38.49 10.49 10.31
C THR A 58 37.76 11.84 10.42
N ALA A 59 37.07 12.07 11.54
CA ALA A 59 36.38 13.30 11.81
C ALA A 59 37.28 14.29 12.59
N GLY A 60 36.95 15.56 12.48
CA GLY A 60 37.62 16.65 13.19
C GLY A 60 36.65 17.36 14.13
N GLN A 61 35.54 16.67 14.44
CA GLN A 61 34.42 17.13 15.27
C GLN A 61 34.35 16.34 16.56
N GLU A 62 33.97 17.02 17.64
CA GLU A 62 33.82 16.42 18.97
C GLU A 62 32.61 15.47 19.03
N ASP A 63 31.72 15.56 18.01
CA ASP A 63 30.52 14.76 17.85
C ASP A 63 30.90 13.33 17.46
N TYR A 64 31.74 13.19 16.42
CA TYR A 64 32.25 11.91 15.96
C TYR A 64 33.61 11.66 16.62
N ASP A 65 33.59 11.60 17.96
CA ASP A 65 34.77 11.36 18.80
C ASP A 65 34.49 10.06 19.53
N ARG A 66 33.20 9.81 19.84
CA ARG A 66 32.74 8.60 20.50
C ARG A 66 32.97 7.40 19.60
N LEU A 67 33.28 7.64 18.29
CA LEU A 67 33.52 6.55 17.32
C LEU A 67 34.97 6.44 16.75
N ARG A 68 35.68 7.57 16.60
CA ARG A 68 37.05 7.66 16.04
C ARG A 68 38.06 6.60 16.53
N PRO A 69 38.11 6.22 17.84
CA PRO A 69 39.09 5.20 18.28
C PRO A 69 39.11 3.89 17.51
N LEU A 70 37.96 3.53 16.89
CA LEU A 70 37.80 2.32 16.08
C LEU A 70 38.69 2.31 14.81
N SER A 71 39.05 3.50 14.27
CA SER A 71 39.89 3.61 13.06
C SER A 71 41.35 3.22 13.36
N TYR A 72 41.80 3.48 14.61
CA TYR A 72 43.17 3.34 15.15
C TYR A 72 43.88 1.98 15.15
N PRO A 73 43.26 0.84 15.54
CA PRO A 73 44.03 -0.42 15.63
C PRO A 73 44.86 -0.86 14.43
N GLN A 74 46.11 -1.29 14.72
CA GLN A 74 47.12 -1.79 13.78
C GLN A 74 47.54 -0.79 12.69
N THR A 75 47.54 0.51 13.03
CA THR A 75 47.96 1.57 12.12
C THR A 75 49.48 1.51 11.98
N ASP A 76 49.96 1.55 10.73
CA ASP A 76 51.38 1.48 10.45
C ASP A 76 52.03 2.85 10.51
N VAL A 77 51.29 3.91 10.12
CA VAL A 77 51.76 5.30 10.13
C VAL A 77 50.61 6.31 10.33
N PHE A 78 50.75 7.26 11.29
CA PHE A 78 49.73 8.28 11.54
C PHE A 78 50.04 9.55 10.79
N LEU A 79 49.01 10.37 10.53
CA LEU A 79 49.17 11.63 9.82
C LEU A 79 48.45 12.74 10.55
N ILE A 80 49.08 13.27 11.61
CA ILE A 80 48.52 14.37 12.42
C ILE A 80 48.44 15.67 11.60
N CYS A 81 47.21 16.20 11.40
CA CYS A 81 46.99 17.35 10.56
C CYS A 81 46.54 18.63 11.19
N PHE A 82 46.85 19.70 10.45
CA PHE A 82 46.52 21.11 10.72
C PHE A 82 46.58 21.94 9.43
N SER A 83 45.91 23.09 9.46
CA SER A 83 45.86 24.04 8.36
C SER A 83 46.80 25.16 8.68
N LEU A 84 47.66 25.50 7.72
CA LEU A 84 48.63 26.57 7.84
C LEU A 84 47.92 27.92 7.97
N VAL A 85 46.66 28.02 7.51
CA VAL A 85 45.86 29.24 7.62
C VAL A 85 45.05 29.41 8.90
N SER A 86 45.27 28.51 9.90
CA SER A 86 44.66 28.63 11.23
C SER A 86 45.54 28.06 12.33
N PRO A 87 45.88 28.90 13.32
CA PRO A 87 46.71 28.42 14.43
C PRO A 87 45.87 27.66 15.44
N ALA A 88 44.53 27.81 15.37
CA ALA A 88 43.58 27.13 16.22
C ALA A 88 43.66 25.63 15.91
N SER A 89 43.71 25.28 14.60
CA SER A 89 43.83 23.93 14.04
C SER A 89 45.23 23.33 14.30
N PHE A 90 46.23 24.22 14.52
CA PHE A 90 47.63 23.93 14.82
C PHE A 90 47.83 23.71 16.33
N GLU A 91 47.17 24.53 17.17
CA GLU A 91 47.27 24.40 18.62
C GLU A 91 46.58 23.14 19.11
N ASN A 92 45.53 22.71 18.39
CA ASN A 92 44.83 21.48 18.71
C ASN A 92 45.66 20.24 18.40
N VAL A 93 46.83 20.40 17.75
CA VAL A 93 47.77 19.31 17.46
C VAL A 93 48.38 18.84 18.77
N ARG A 94 48.86 19.79 19.57
CA ARG A 94 49.46 19.55 20.88
C ARG A 94 48.36 19.22 21.90
N ALA A 95 47.16 19.80 21.70
CA ALA A 95 46.02 19.68 22.61
C ALA A 95 45.12 18.45 22.46
N LYS A 96 44.61 18.16 21.26
CA LYS A 96 43.68 17.07 21.03
C LYS A 96 44.31 15.87 20.37
N TRP A 97 44.89 16.06 19.17
CA TRP A 97 45.47 15.01 18.32
C TRP A 97 46.61 14.22 18.91
N TYR A 98 47.79 14.82 19.14
CA TYR A 98 48.92 14.10 19.73
C TYR A 98 48.54 13.30 20.98
N PRO A 99 47.79 13.87 21.96
CA PRO A 99 47.39 13.08 23.13
C PRO A 99 46.58 11.85 22.78
N GLU A 100 45.54 12.02 21.94
CA GLU A 100 44.65 10.94 21.50
C GLU A 100 45.42 9.82 20.80
N VAL A 101 46.26 10.16 19.82
CA VAL A 101 47.06 9.20 19.04
C VAL A 101 47.91 8.31 19.95
N ARG A 102 48.78 8.93 20.76
CA ARG A 102 49.68 8.19 21.64
C ARG A 102 49.01 7.45 22.80
N HIS A 103 47.84 7.95 23.29
CA HIS A 103 47.06 7.31 24.34
C HIS A 103 46.75 5.88 23.95
N HIS A 104 46.48 5.67 22.65
CA HIS A 104 46.20 4.35 22.10
C HIS A 104 47.48 3.74 21.53
N CYS A 105 47.99 4.27 20.39
CA CYS A 105 49.19 3.78 19.72
C CYS A 105 50.46 4.47 20.22
N PRO A 106 51.26 3.81 21.08
CA PRO A 106 52.45 4.47 21.59
C PRO A 106 53.70 4.25 20.75
N ASN A 107 53.61 3.39 19.72
CA ASN A 107 54.75 3.06 18.87
C ASN A 107 54.67 3.62 17.45
N THR A 108 53.43 3.85 16.94
CA THR A 108 53.16 4.32 15.59
C THR A 108 53.81 5.68 15.22
N PRO A 109 54.64 5.73 14.15
CA PRO A 109 55.29 7.00 13.77
C PRO A 109 54.31 8.09 13.30
N ILE A 110 54.47 9.33 13.81
CA ILE A 110 53.62 10.47 13.45
C ILE A 110 54.35 11.35 12.42
N ILE A 111 53.58 12.02 11.54
CA ILE A 111 54.09 12.96 10.53
C ILE A 111 53.18 14.17 10.63
N LEU A 112 53.67 15.28 11.20
CA LEU A 112 52.84 16.49 11.28
C LEU A 112 52.73 17.10 9.89
N VAL A 113 51.49 17.35 9.40
CA VAL A 113 51.28 17.90 8.06
C VAL A 113 50.49 19.20 8.02
N GLY A 114 51.12 20.21 7.42
CA GLY A 114 50.57 21.53 7.21
C GLY A 114 49.89 21.64 5.87
N THR A 115 48.56 21.55 5.88
CA THR A 115 47.71 21.63 4.68
C THR A 115 47.34 23.08 4.37
N LYS A 116 46.82 23.34 3.14
CA LYS A 116 46.42 24.65 2.63
C LYS A 116 47.62 25.64 2.49
N LEU A 117 48.72 25.16 1.88
CA LEU A 117 49.96 25.92 1.63
C LEU A 117 49.71 27.15 0.73
N ASP A 118 48.83 26.99 -0.28
CA ASP A 118 48.43 28.01 -1.25
C ASP A 118 47.81 29.24 -0.60
N LEU A 119 47.04 29.04 0.49
CA LEU A 119 46.34 30.11 1.20
C LEU A 119 47.23 30.95 2.12
N ARG A 120 48.35 30.38 2.63
CA ARG A 120 49.31 31.06 3.50
C ARG A 120 49.95 32.27 2.80
N ASP A 121 50.42 32.06 1.56
CA ASP A 121 51.08 33.07 0.73
C ASP A 121 50.10 34.09 0.11
N ASP A 122 48.78 33.84 0.19
CA ASP A 122 47.75 34.73 -0.34
C ASP A 122 47.51 35.91 0.59
N LYS A 123 47.37 37.11 0.01
CA LYS A 123 47.13 38.34 0.75
C LYS A 123 45.73 38.40 1.37
N ASP A 124 44.68 38.21 0.54
CA ASP A 124 43.26 38.25 0.93
C ASP A 124 42.94 37.40 2.16
N THR A 125 43.63 36.26 2.31
CA THR A 125 43.46 35.35 3.45
C THR A 125 44.05 35.98 4.71
N ILE A 126 45.25 36.59 4.60
CA ILE A 126 45.93 37.24 5.72
C ILE A 126 45.12 38.45 6.25
N GLU A 127 44.23 39.01 5.41
CA GLU A 127 43.34 40.12 5.77
C GLU A 127 42.35 39.66 6.86
N LYS A 128 41.71 38.49 6.67
CA LYS A 128 40.77 37.91 7.63
C LYS A 128 41.47 37.52 8.93
N LEU A 129 42.73 37.05 8.83
CA LEU A 129 43.60 36.66 9.95
C LEU A 129 43.87 37.88 10.83
N LYS A 130 44.24 39.00 10.20
CA LYS A 130 44.54 40.28 10.85
C LYS A 130 43.29 40.84 11.53
N GLU A 131 42.10 40.62 10.95
CA GLU A 131 40.82 41.10 11.48
C GLU A 131 40.44 40.50 12.83
N LYS A 132 40.79 39.23 13.04
CA LYS A 132 40.56 38.55 14.32
C LYS A 132 41.88 38.58 15.13
N LYS A 133 42.83 39.43 14.67
CA LYS A 133 44.16 39.66 15.23
C LYS A 133 45.00 38.40 15.36
N LEU A 134 45.26 37.74 14.22
CA LEU A 134 46.02 36.49 14.15
C LEU A 134 46.99 36.39 12.98
N THR A 135 47.99 35.53 13.13
CA THR A 135 49.06 35.32 12.15
C THR A 135 49.19 33.85 11.69
N PRO A 136 49.41 33.60 10.38
CA PRO A 136 49.55 32.20 9.91
C PRO A 136 50.84 31.48 10.32
N ILE A 137 50.80 30.13 10.30
CA ILE A 137 51.91 29.20 10.64
C ILE A 137 53.02 29.25 9.57
N THR A 138 54.29 29.24 10.00
CA THR A 138 55.47 29.25 9.14
C THR A 138 56.24 27.95 9.32
N TYR A 139 57.19 27.64 8.40
CA TYR A 139 58.02 26.43 8.48
C TYR A 139 58.70 26.23 9.85
N PRO A 140 59.37 27.23 10.47
CA PRO A 140 60.01 26.98 11.78
C PRO A 140 59.00 26.77 12.92
N GLN A 141 57.82 27.44 12.86
CA GLN A 141 56.76 27.31 13.86
C GLN A 141 56.30 25.86 13.93
N GLY A 142 56.09 25.26 12.75
CA GLY A 142 55.66 23.89 12.55
C GLY A 142 56.75 22.85 12.78
N LEU A 143 58.01 23.18 12.39
CA LEU A 143 59.15 22.27 12.59
C LEU A 143 59.48 22.10 14.08
N ALA A 144 59.17 23.14 14.89
CA ALA A 144 59.34 23.14 16.34
C ALA A 144 58.29 22.25 16.98
N MET A 145 57.08 22.22 16.37
CA MET A 145 55.95 21.42 16.80
C MET A 145 56.20 19.92 16.57
N ALA A 146 56.71 19.56 15.36
CA ALA A 146 57.01 18.17 14.95
C ALA A 146 58.10 17.53 15.78
N LYS A 147 59.13 18.31 16.16
CA LYS A 147 60.25 17.84 16.98
C LYS A 147 59.75 17.64 18.44
N GLU A 148 58.81 18.50 18.88
CA GLU A 148 58.18 18.51 20.20
C GLU A 148 57.30 17.28 20.45
N ILE A 149 56.45 16.93 19.47
CA ILE A 149 55.54 15.77 19.54
C ILE A 149 56.26 14.44 19.29
N GLY A 150 57.37 14.47 18.57
CA GLY A 150 58.14 13.26 18.27
C GLY A 150 57.78 12.69 16.92
N ALA A 151 57.42 13.60 15.99
CA ALA A 151 57.05 13.27 14.62
C ALA A 151 58.31 12.90 13.82
N VAL A 152 58.23 11.80 13.05
CA VAL A 152 59.33 11.28 12.21
C VAL A 152 59.66 12.15 10.98
N LYS A 153 58.91 13.27 10.79
CA LYS A 153 59.05 14.28 9.72
C LYS A 153 57.98 15.39 9.85
N TYR A 154 58.22 16.53 9.20
CA TYR A 154 57.29 17.65 9.09
C TYR A 154 57.18 17.99 7.62
N LEU A 155 55.97 17.95 7.09
CA LEU A 155 55.72 18.22 5.69
C LEU A 155 54.63 19.25 5.48
N GLU A 156 54.95 20.27 4.70
CA GLU A 156 54.01 21.31 4.30
C GLU A 156 53.50 20.90 2.92
N CYS A 157 52.22 21.18 2.63
CA CYS A 157 51.57 20.85 1.36
C CYS A 157 50.22 21.57 1.16
N SER A 158 49.62 21.36 -0.03
CA SER A 158 48.32 21.87 -0.42
C SER A 158 47.66 20.88 -1.36
N ALA A 159 46.34 20.65 -1.16
CA ALA A 159 45.47 19.73 -1.91
C ALA A 159 45.00 20.29 -3.29
N LEU A 160 44.69 21.61 -3.37
CA LEU A 160 44.20 22.28 -4.58
C LEU A 160 45.29 22.46 -5.66
N THR A 161 46.55 22.45 -5.23
CA THR A 161 47.72 22.62 -6.09
C THR A 161 48.46 21.32 -6.32
N GLN A 162 48.33 20.37 -5.37
CA GLN A 162 49.05 19.11 -5.28
C GLN A 162 50.54 19.33 -5.03
N ARG A 163 50.84 20.51 -4.44
CA ARG A 163 52.19 20.93 -4.13
C ARG A 163 52.72 20.17 -2.93
N GLY A 164 53.82 19.43 -3.16
CA GLY A 164 54.49 18.64 -2.14
C GLY A 164 53.64 17.61 -1.43
N LEU A 165 52.46 17.30 -2.03
CA LEU A 165 51.47 16.33 -1.56
C LEU A 165 51.97 14.94 -1.89
N LYS A 166 52.59 14.79 -3.08
CA LYS A 166 53.19 13.53 -3.53
C LYS A 166 54.18 13.06 -2.48
N THR A 167 55.08 13.96 -2.10
CA THR A 167 56.14 13.77 -1.11
C THR A 167 55.60 13.33 0.24
N VAL A 168 54.54 14.00 0.73
CA VAL A 168 53.86 13.75 2.02
C VAL A 168 53.63 12.26 2.28
N PHE A 169 53.05 11.55 1.30
CA PHE A 169 52.75 10.13 1.41
C PHE A 169 53.96 9.24 1.16
N ASP A 170 54.83 9.61 0.21
CA ASP A 170 56.05 8.85 -0.10
C ASP A 170 56.93 8.76 1.13
N GLU A 171 56.98 9.86 1.92
CA GLU A 171 57.72 10.00 3.17
C GLU A 171 57.09 9.13 4.26
N ALA A 172 55.75 9.02 4.27
CA ALA A 172 54.99 8.20 5.22
C ALA A 172 55.23 6.70 4.98
N ILE A 173 55.51 6.32 3.71
CA ILE A 173 55.82 4.96 3.30
C ILE A 173 57.22 4.63 3.81
N ARG A 174 58.15 5.59 3.68
CA ARG A 174 59.54 5.51 4.16
C ARG A 174 59.56 5.44 5.69
N ALA A 175 58.63 6.17 6.35
CA ALA A 175 58.45 6.25 7.81
C ALA A 175 58.10 4.90 8.44
N VAL A 176 57.63 3.95 7.62
CA VAL A 176 57.24 2.61 8.05
C VAL A 176 58.40 1.64 7.86
N LEU A 177 58.99 1.62 6.66
CA LEU A 177 60.06 0.71 6.26
C LEU A 177 61.32 0.65 7.13
N LYS A 178 61.62 1.71 7.90
CA LYS A 178 62.78 1.73 8.80
C LYS A 178 62.40 2.21 10.19
N MET B 1 -24.89 29.65 -39.93
CA MET B 1 -24.38 29.39 -38.59
C MET B 1 -23.02 30.09 -38.36
N GLN B 2 -23.05 31.28 -37.74
CA GLN B 2 -21.85 32.06 -37.44
C GLN B 2 -21.48 31.93 -35.97
N ALA B 3 -20.23 31.58 -35.70
CA ALA B 3 -19.71 31.45 -34.34
C ALA B 3 -18.90 32.68 -33.97
N ILE B 4 -19.19 33.26 -32.81
CA ILE B 4 -18.51 34.47 -32.35
C ILE B 4 -17.65 34.21 -31.11
N LYS B 5 -16.32 34.38 -31.23
CA LYS B 5 -15.39 34.23 -30.10
C LYS B 5 -15.38 35.53 -29.31
N CYS B 6 -15.91 35.47 -28.10
CA CYS B 6 -15.97 36.61 -27.23
C CYS B 6 -15.06 36.41 -26.00
N VAL B 7 -14.07 37.32 -25.79
CA VAL B 7 -13.15 37.29 -24.64
C VAL B 7 -13.51 38.44 -23.72
N VAL B 8 -13.69 38.13 -22.44
CA VAL B 8 -14.01 39.12 -21.43
C VAL B 8 -12.81 39.33 -20.54
N VAL B 9 -12.11 40.45 -20.73
CA VAL B 9 -10.93 40.80 -19.94
C VAL B 9 -11.28 41.95 -19.02
N GLY B 10 -11.01 41.78 -17.75
CA GLY B 10 -11.33 42.79 -16.78
C GLY B 10 -10.59 42.63 -15.48
N ASP B 11 -10.50 43.76 -14.74
CA ASP B 11 -9.79 43.90 -13.47
C ASP B 11 -10.23 42.91 -12.38
N GLY B 12 -9.31 42.59 -11.47
CA GLY B 12 -9.54 41.68 -10.34
C GLY B 12 -10.85 41.98 -9.64
N ALA B 13 -11.76 40.98 -9.66
CA ALA B 13 -13.12 41.02 -9.08
C ALA B 13 -14.09 42.15 -9.58
N VAL B 14 -14.03 42.48 -10.91
CA VAL B 14 -14.95 43.46 -11.50
C VAL B 14 -16.36 42.84 -11.63
N GLY B 15 -16.41 41.50 -11.71
CA GLY B 15 -17.65 40.72 -11.79
C GLY B 15 -17.90 40.06 -13.12
N LYS B 16 -16.81 39.75 -13.87
CA LYS B 16 -16.83 39.11 -15.20
C LYS B 16 -17.44 37.70 -15.14
N THR B 17 -16.78 36.79 -14.38
CA THR B 17 -17.15 35.39 -14.15
C THR B 17 -18.65 35.41 -13.85
N CYS B 18 -19.05 36.25 -12.89
CA CYS B 18 -20.43 36.46 -12.44
C CYS B 18 -21.36 36.87 -13.57
N LEU B 19 -20.98 37.90 -14.36
CA LEU B 19 -21.74 38.42 -15.52
C LEU B 19 -21.85 37.36 -16.69
N LEU B 20 -20.77 36.54 -16.85
CA LEU B 20 -20.69 35.48 -17.84
C LEU B 20 -21.63 34.34 -17.41
N ILE B 21 -21.56 33.94 -16.12
CA ILE B 21 -22.41 32.90 -15.53
C ILE B 21 -23.89 33.32 -15.53
N SER B 22 -24.18 34.56 -15.11
CA SER B 22 -25.52 35.12 -15.08
C SER B 22 -26.21 35.07 -16.45
N TYR B 23 -25.47 35.33 -17.53
CA TYR B 23 -26.02 35.33 -18.90
C TYR B 23 -26.33 33.94 -19.43
N THR B 24 -25.49 32.96 -19.07
CA THR B 24 -25.55 31.57 -19.55
C THR B 24 -26.29 30.56 -18.67
N THR B 25 -26.70 30.96 -17.44
CA THR B 25 -27.41 30.08 -16.51
C THR B 25 -28.61 30.76 -15.85
N ASN B 26 -28.59 32.11 -15.82
CA ASN B 26 -29.59 32.98 -15.18
C ASN B 26 -29.63 32.72 -13.66
N ALA B 27 -28.43 32.45 -13.13
CA ALA B 27 -28.12 32.20 -11.73
C ALA B 27 -26.75 32.83 -11.44
N PHE B 28 -26.65 33.50 -10.29
CA PHE B 28 -25.46 34.21 -9.84
C PHE B 28 -24.54 33.28 -9.00
N PRO B 29 -23.19 33.35 -9.15
CA PRO B 29 -22.32 32.44 -8.37
C PRO B 29 -22.44 32.50 -6.85
N GLY B 30 -22.20 33.67 -6.32
CA GLY B 30 -22.22 33.91 -4.88
C GLY B 30 -20.78 33.98 -4.39
N GLU B 31 -20.16 32.81 -4.22
CA GLU B 31 -18.79 32.67 -3.76
C GLU B 31 -17.73 33.25 -4.73
N TYR B 32 -16.71 33.99 -4.22
CA TYR B 32 -15.64 34.45 -5.09
C TYR B 32 -14.49 33.49 -5.07
N ILE B 33 -14.09 33.15 -6.26
CA ILE B 33 -12.98 32.28 -6.56
C ILE B 33 -12.28 32.93 -7.75
N PRO B 34 -10.95 33.16 -7.66
CA PRO B 34 -10.27 33.86 -8.76
C PRO B 34 -10.14 32.94 -9.96
N THR B 35 -10.78 33.33 -11.05
CA THR B 35 -10.77 32.54 -12.27
C THR B 35 -9.42 32.52 -13.00
N VAL B 36 -9.04 31.32 -13.47
CA VAL B 36 -7.80 31.10 -14.18
C VAL B 36 -8.06 31.37 -15.64
N PHE B 37 -8.70 30.41 -16.35
CA PHE B 37 -8.95 30.57 -17.78
C PHE B 37 -10.27 30.02 -18.33
N ASP B 38 -11.31 29.98 -17.50
CA ASP B 38 -12.63 29.48 -17.87
C ASP B 38 -13.40 29.87 -19.19
N ASN B 39 -14.05 28.87 -19.80
CA ASN B 39 -14.72 28.93 -21.09
C ASN B 39 -16.19 28.71 -20.86
N TYR B 40 -17.01 29.48 -21.55
CA TYR B 40 -18.46 29.34 -21.43
C TYR B 40 -19.05 29.14 -22.82
N SER B 41 -20.34 28.78 -22.90
CA SER B 41 -21.01 28.58 -24.17
C SER B 41 -22.50 28.90 -24.11
N ALA B 42 -22.99 29.60 -25.16
CA ALA B 42 -24.38 30.03 -25.33
C ALA B 42 -24.79 30.07 -26.80
N ASN B 43 -26.02 29.64 -27.10
CA ASN B 43 -26.55 29.70 -28.46
C ASN B 43 -27.70 30.72 -28.50
N VAL B 44 -27.41 31.90 -29.11
CA VAL B 44 -28.30 33.06 -29.20
C VAL B 44 -28.98 33.31 -30.54
N MET B 45 -29.94 34.24 -30.51
CA MET B 45 -30.71 34.70 -31.66
C MET B 45 -30.73 36.23 -31.64
N VAL B 46 -30.05 36.85 -32.61
CA VAL B 46 -29.96 38.30 -32.74
C VAL B 46 -30.34 38.69 -34.17
N ASP B 47 -31.39 39.51 -34.29
CA ASP B 47 -31.95 40.02 -35.56
C ASP B 47 -32.28 38.87 -36.55
N GLY B 48 -32.94 37.85 -36.02
CA GLY B 48 -33.34 36.66 -36.76
C GLY B 48 -32.21 35.81 -37.28
N LYS B 49 -31.08 35.77 -36.54
CA LYS B 49 -29.91 34.98 -36.93
C LYS B 49 -29.34 34.14 -35.78
N PRO B 50 -29.11 32.82 -35.97
CA PRO B 50 -28.57 31.99 -34.87
C PRO B 50 -27.05 32.03 -34.79
N VAL B 51 -26.54 32.38 -33.59
CA VAL B 51 -25.12 32.53 -33.30
C VAL B 51 -24.69 31.76 -32.05
N ASN B 52 -23.52 31.09 -32.12
CA ASN B 52 -22.96 30.37 -30.97
C ASN B 52 -21.88 31.26 -30.37
N LEU B 53 -22.14 31.78 -29.16
CA LEU B 53 -21.21 32.66 -28.46
C LEU B 53 -20.31 31.85 -27.54
N GLY B 54 -19.08 31.65 -28.00
CA GLY B 54 -18.02 30.92 -27.28
C GLY B 54 -17.22 31.85 -26.38
N LEU B 55 -17.75 32.08 -25.15
CA LEU B 55 -17.15 32.96 -24.15
C LEU B 55 -15.86 32.45 -23.52
N TRP B 56 -15.05 33.41 -23.09
CA TRP B 56 -13.73 33.20 -22.52
C TRP B 56 -13.55 34.06 -21.31
N ASP B 57 -13.50 33.43 -20.13
CA ASP B 57 -13.20 34.18 -18.92
C ASP B 57 -11.68 34.25 -18.87
N THR B 58 -11.17 35.25 -18.16
CA THR B 58 -9.75 35.50 -17.97
C THR B 58 -9.54 35.93 -16.51
N ALA B 59 -8.28 36.12 -16.13
CA ALA B 59 -7.92 36.57 -14.80
C ALA B 59 -7.79 38.10 -14.75
N GLY B 60 -7.91 38.64 -13.55
CA GLY B 60 -7.76 40.05 -13.25
C GLY B 60 -6.62 40.27 -12.27
N GLN B 61 -5.73 39.24 -12.18
CA GLN B 61 -4.57 39.17 -11.30
C GLN B 61 -3.28 39.21 -12.11
N GLU B 62 -2.25 39.86 -11.55
CA GLU B 62 -0.92 39.98 -12.14
C GLU B 62 -0.18 38.62 -12.15
N ASP B 63 -0.68 37.65 -11.36
CA ASP B 63 -0.16 36.29 -11.22
C ASP B 63 -0.47 35.49 -12.49
N TYR B 64 -1.74 35.49 -12.91
CA TYR B 64 -2.19 34.85 -14.13
C TYR B 64 -2.18 35.87 -15.26
N ASP B 65 -0.99 36.41 -15.56
CA ASP B 65 -0.74 37.40 -16.60
C ASP B 65 0.21 36.75 -17.58
N ARG B 66 1.11 35.89 -17.04
CA ARG B 66 2.08 35.13 -17.80
C ARG B 66 1.37 34.15 -18.70
N LEU B 67 0.05 33.89 -18.48
CA LEU B 67 -0.76 32.95 -19.28
C LEU B 67 -1.90 33.55 -20.14
N ARG B 68 -2.53 34.66 -19.68
CA ARG B 68 -3.65 35.37 -20.35
C ARG B 68 -3.51 35.58 -21.86
N PRO B 69 -2.34 35.95 -22.42
CA PRO B 69 -2.25 36.14 -23.88
C PRO B 69 -2.72 34.99 -24.76
N LEU B 70 -2.69 33.76 -24.23
CA LEU B 70 -3.12 32.56 -24.93
C LEU B 70 -4.64 32.55 -25.22
N SER B 71 -5.47 33.28 -24.42
CA SER B 71 -6.92 33.35 -24.62
C SER B 71 -7.28 34.19 -25.86
N TYR B 72 -6.43 35.20 -26.17
CA TYR B 72 -6.56 36.22 -27.23
C TYR B 72 -6.69 35.84 -28.71
N PRO B 73 -5.90 34.88 -29.27
CA PRO B 73 -5.99 34.62 -30.73
C PRO B 73 -7.37 34.35 -31.35
N GLN B 74 -7.60 35.01 -32.50
CA GLN B 74 -8.81 34.94 -33.34
C GLN B 74 -10.09 35.40 -32.62
N THR B 75 -9.98 36.36 -31.69
CA THR B 75 -11.15 36.89 -30.96
C THR B 75 -11.94 37.76 -31.89
N ASP B 76 -13.25 37.55 -31.93
CA ASP B 76 -14.14 38.28 -32.82
C ASP B 76 -14.59 39.60 -32.18
N VAL B 77 -14.76 39.60 -30.84
CA VAL B 77 -15.18 40.77 -30.07
C VAL B 77 -14.64 40.74 -28.62
N PHE B 78 -14.01 41.85 -28.16
CA PHE B 78 -13.47 41.94 -26.78
C PHE B 78 -14.47 42.59 -25.85
N LEU B 79 -14.34 42.32 -24.55
CA LEU B 79 -15.24 42.90 -23.56
C LEU B 79 -14.43 43.45 -22.38
N ILE B 80 -13.85 44.65 -22.56
CA ILE B 80 -13.06 45.34 -21.52
C ILE B 80 -13.96 45.74 -20.34
N CYS B 81 -13.65 45.18 -19.17
CA CYS B 81 -14.46 45.38 -17.97
C CYS B 81 -13.88 46.19 -16.82
N PHE B 82 -14.84 46.72 -16.04
CA PHE B 82 -14.67 47.51 -14.83
C PHE B 82 -15.96 47.49 -14.00
N SER B 83 -15.81 47.80 -12.71
CA SER B 83 -16.89 47.88 -11.74
C SER B 83 -17.21 49.34 -11.52
N LEU B 84 -18.48 49.67 -11.61
CA LEU B 84 -18.98 51.01 -11.41
C LEU B 84 -18.74 51.47 -9.97
N VAL B 85 -18.56 50.53 -9.04
CA VAL B 85 -18.30 50.83 -7.63
C VAL B 85 -16.86 50.99 -7.24
N SER B 86 -15.95 50.97 -8.24
CA SER B 86 -14.51 51.25 -8.04
C SER B 86 -13.87 51.94 -9.22
N PRO B 87 -13.31 53.14 -8.97
CA PRO B 87 -12.66 53.86 -10.06
C PRO B 87 -11.27 53.30 -10.32
N ALA B 88 -10.73 52.52 -9.36
CA ALA B 88 -9.44 51.85 -9.46
C ALA B 88 -9.53 50.83 -10.60
N SER B 89 -10.65 50.04 -10.63
CA SER B 89 -10.97 49.02 -11.65
C SER B 89 -11.31 49.66 -13.01
N PHE B 90 -11.70 50.97 -12.99
CA PHE B 90 -12.04 51.83 -14.13
C PHE B 90 -10.77 52.48 -14.70
N GLU B 91 -9.86 52.94 -13.83
CA GLU B 91 -8.62 53.56 -14.26
C GLU B 91 -7.68 52.54 -14.87
N ASN B 92 -7.76 51.30 -14.43
CA ASN B 92 -6.97 50.21 -14.98
C ASN B 92 -7.43 49.83 -16.39
N VAL B 93 -8.56 50.40 -16.86
CA VAL B 93 -9.09 50.19 -18.22
C VAL B 93 -8.13 50.87 -19.20
N ARG B 94 -7.78 52.14 -18.92
CA ARG B 94 -6.86 52.96 -19.71
C ARG B 94 -5.42 52.50 -19.46
N ALA B 95 -5.13 52.00 -18.25
CA ALA B 95 -3.81 51.59 -17.80
C ALA B 95 -3.33 50.17 -18.16
N LYS B 96 -4.11 49.13 -17.83
CA LYS B 96 -3.70 47.74 -18.07
C LYS B 96 -4.41 47.10 -19.26
N TRP B 97 -5.76 47.06 -19.25
CA TRP B 97 -6.61 46.41 -20.24
C TRP B 97 -6.49 46.91 -21.67
N TYR B 98 -6.92 48.15 -21.97
CA TYR B 98 -6.80 48.69 -23.32
C TYR B 98 -5.42 48.49 -23.93
N PRO B 99 -4.31 48.80 -23.21
CA PRO B 99 -2.98 48.56 -23.79
C PRO B 99 -2.73 47.12 -24.17
N GLU B 100 -3.02 46.19 -23.24
CA GLU B 100 -2.84 44.75 -23.43
C GLU B 100 -3.64 44.23 -24.64
N VAL B 101 -4.94 44.56 -24.72
CA VAL B 101 -5.83 44.14 -25.80
C VAL B 101 -5.30 44.54 -27.17
N ARG B 102 -5.07 45.84 -27.38
CA ARG B 102 -4.57 46.35 -28.66
C ARG B 102 -3.14 45.96 -29.02
N HIS B 103 -2.27 45.73 -28.01
CA HIS B 103 -0.87 45.29 -28.21
C HIS B 103 -0.87 44.02 -29.04
N HIS B 104 -1.85 43.14 -28.81
CA HIS B 104 -2.02 41.90 -29.55
C HIS B 104 -3.01 42.11 -30.69
N CYS B 105 -4.31 42.25 -30.40
CA CYS B 105 -5.35 42.43 -31.40
C CYS B 105 -5.59 43.91 -31.73
N PRO B 106 -5.10 44.40 -32.89
CA PRO B 106 -5.30 45.82 -33.21
C PRO B 106 -6.57 46.09 -34.00
N ASN B 107 -7.30 45.04 -34.41
CA ASN B 107 -8.50 45.18 -35.21
C ASN B 107 -9.80 44.85 -34.47
N THR B 108 -9.72 43.97 -33.45
CA THR B 108 -10.87 43.49 -32.67
C THR B 108 -11.70 44.59 -31.96
N PRO B 109 -13.02 44.68 -32.23
CA PRO B 109 -13.85 45.73 -31.58
C PRO B 109 -13.98 45.56 -30.07
N ILE B 110 -13.79 46.65 -29.32
CA ILE B 110 -13.90 46.66 -27.86
C ILE B 110 -15.27 47.23 -27.43
N ILE B 111 -15.81 46.75 -26.30
CA ILE B 111 -17.05 47.21 -25.69
C ILE B 111 -16.73 47.43 -24.23
N LEU B 112 -16.61 48.68 -23.78
CA LEU B 112 -16.35 48.92 -22.36
C LEU B 112 -17.62 48.60 -21.56
N VAL B 113 -17.52 47.73 -20.53
CA VAL B 113 -18.69 47.34 -19.72
C VAL B 113 -18.57 47.64 -18.23
N GLY B 114 -19.54 48.41 -17.74
CA GLY B 114 -19.66 48.81 -16.35
C GLY B 114 -20.55 47.87 -15.59
N THR B 115 -19.91 46.96 -14.83
CA THR B 115 -20.58 45.93 -14.02
C THR B 115 -20.89 46.46 -12.63
N LYS B 116 -21.77 45.76 -11.88
CA LYS B 116 -22.22 46.09 -10.53
C LYS B 116 -23.05 47.43 -10.48
N LEU B 117 -24.02 47.58 -11.42
CA LEU B 117 -24.91 48.73 -11.54
C LEU B 117 -25.76 48.93 -10.27
N ASP B 118 -26.22 47.81 -9.67
CA ASP B 118 -27.04 47.77 -8.45
C ASP B 118 -26.36 48.42 -7.24
N LEU B 119 -25.01 48.28 -7.13
CA LEU B 119 -24.22 48.82 -6.02
C LEU B 119 -23.96 50.33 -6.09
N ARG B 120 -23.96 50.91 -7.30
CA ARG B 120 -23.73 52.35 -7.54
C ARG B 120 -24.82 53.21 -6.86
N ASP B 121 -26.09 52.82 -7.05
CA ASP B 121 -27.26 53.50 -6.52
C ASP B 121 -27.49 53.22 -5.01
N ASP B 122 -26.75 52.25 -4.43
CA ASP B 122 -26.88 51.91 -3.01
C ASP B 122 -26.13 52.89 -2.14
N LYS B 123 -26.75 53.28 -1.01
CA LYS B 123 -26.20 54.23 -0.03
C LYS B 123 -24.99 53.64 0.72
N ASP B 124 -25.18 52.47 1.37
CA ASP B 124 -24.17 51.77 2.17
C ASP B 124 -22.83 51.61 1.47
N THR B 125 -22.86 51.41 0.14
CA THR B 125 -21.66 51.25 -0.68
C THR B 125 -20.94 52.59 -0.80
N ILE B 126 -21.69 53.69 -1.04
CA ILE B 126 -21.15 55.05 -1.16
C ILE B 126 -20.48 55.50 0.16
N GLU B 127 -20.88 54.88 1.30
CA GLU B 127 -20.29 55.16 2.62
C GLU B 127 -18.81 54.75 2.64
N LYS B 128 -18.49 53.54 2.14
CA LYS B 128 -17.12 53.03 2.06
C LYS B 128 -16.27 53.85 1.09
N LEU B 129 -16.90 54.32 -0.02
CA LEU B 129 -16.29 55.15 -1.05
C LEU B 129 -15.86 56.49 -0.45
N LYS B 130 -16.76 57.13 0.32
CA LYS B 130 -16.53 58.40 1.01
C LYS B 130 -15.41 58.26 2.05
N GLU B 131 -15.31 57.08 2.72
CA GLU B 131 -14.31 56.83 3.75
C GLU B 131 -12.87 56.85 3.23
N LYS B 132 -12.66 56.39 1.99
CA LYS B 132 -11.35 56.44 1.35
C LYS B 132 -11.30 57.66 0.43
N LYS B 133 -12.29 58.58 0.60
CA LYS B 133 -12.49 59.83 -0.13
C LYS B 133 -12.59 59.65 -1.64
N LEU B 134 -13.59 58.86 -2.07
CA LEU B 134 -13.84 58.53 -3.48
C LEU B 134 -15.30 58.53 -3.91
N THR B 135 -15.51 58.68 -5.22
CA THR B 135 -16.81 58.76 -5.86
C THR B 135 -17.02 57.71 -6.98
N PRO B 136 -18.22 57.09 -7.05
CA PRO B 136 -18.47 56.08 -8.10
C PRO B 136 -18.61 56.61 -9.52
N ILE B 137 -18.40 55.73 -10.53
CA ILE B 137 -18.47 56.00 -11.98
C ILE B 137 -19.92 56.25 -12.42
N THR B 138 -20.14 57.24 -13.29
CA THR B 138 -21.45 57.62 -13.84
C THR B 138 -21.45 57.39 -15.35
N TYR B 139 -22.64 57.40 -16.00
CA TYR B 139 -22.76 57.21 -17.45
C TYR B 139 -21.85 58.12 -18.29
N PRO B 140 -21.77 59.44 -18.04
CA PRO B 140 -20.88 60.28 -18.86
C PRO B 140 -19.39 60.03 -18.62
N GLN B 141 -19.01 59.66 -17.38
CA GLN B 141 -17.62 59.35 -17.02
C GLN B 141 -17.12 58.15 -17.85
N GLY B 142 -17.97 57.13 -17.96
CA GLY B 142 -17.72 55.91 -18.70
C GLY B 142 -17.86 56.08 -20.20
N LEU B 143 -18.83 56.90 -20.66
CA LEU B 143 -19.03 57.15 -22.10
C LEU B 143 -17.86 57.91 -22.70
N ALA B 144 -17.17 58.73 -21.87
CA ALA B 144 -15.97 59.50 -22.23
C ALA B 144 -14.79 58.55 -22.37
N MET B 145 -14.77 57.48 -21.54
CA MET B 145 -13.74 56.45 -21.54
C MET B 145 -13.83 55.58 -22.79
N ALA B 146 -15.05 55.15 -23.17
CA ALA B 146 -15.32 54.31 -24.34
C ALA B 146 -14.98 55.00 -25.67
N LYS B 147 -15.25 56.31 -25.77
CA LYS B 147 -14.94 57.09 -26.96
C LYS B 147 -13.42 57.30 -27.06
N GLU B 148 -12.75 57.42 -25.90
CA GLU B 148 -11.31 57.63 -25.75
C GLU B 148 -10.49 56.40 -26.19
N ILE B 149 -10.91 55.20 -25.76
CA ILE B 149 -10.23 53.93 -26.10
C ILE B 149 -10.57 53.44 -27.52
N GLY B 150 -11.71 53.85 -28.05
CA GLY B 150 -12.15 53.45 -29.39
C GLY B 150 -13.09 52.27 -29.36
N ALA B 151 -13.89 52.20 -28.28
CA ALA B 151 -14.87 51.14 -28.06
C ALA B 151 -16.07 51.36 -28.96
N VAL B 152 -16.55 50.28 -29.60
CA VAL B 152 -17.70 50.31 -30.51
C VAL B 152 -19.06 50.54 -29.83
N LYS B 153 -19.07 50.62 -28.47
CA LYS B 153 -20.23 50.87 -27.60
C LYS B 153 -19.79 50.91 -26.11
N TYR B 154 -20.66 51.49 -25.26
CA TYR B 154 -20.50 51.52 -23.81
C TYR B 154 -21.79 51.00 -23.20
N LEU B 155 -21.68 49.95 -22.40
CA LEU B 155 -22.85 49.35 -21.78
C LEU B 155 -22.69 49.19 -20.28
N GLU B 156 -23.67 49.69 -19.54
CA GLU B 156 -23.74 49.57 -18.10
C GLU B 156 -24.67 48.38 -17.83
N CYS B 157 -24.37 47.61 -16.76
CA CYS B 157 -25.14 46.42 -16.38
C CYS B 157 -24.80 45.93 -14.97
N SER B 158 -25.51 44.89 -14.53
CA SER B 158 -25.33 44.22 -13.26
C SER B 158 -25.71 42.74 -13.44
N ALA B 159 -24.89 41.84 -12.85
CA ALA B 159 -25.02 40.37 -12.87
C ALA B 159 -26.10 39.81 -11.89
N LEU B 160 -26.23 40.41 -10.67
CA LEU B 160 -27.17 39.99 -9.62
C LEU B 160 -28.62 40.34 -9.93
N THR B 161 -28.82 41.33 -10.79
CA THR B 161 -30.14 41.80 -11.21
C THR B 161 -30.49 41.33 -12.63
N GLN B 162 -29.46 41.12 -13.46
CA GLN B 162 -29.51 40.80 -14.90
C GLN B 162 -30.01 42.01 -15.68
N ARG B 163 -29.82 43.19 -15.08
CA ARG B 163 -30.24 44.46 -15.64
C ARG B 163 -29.33 44.85 -16.78
N GLY B 164 -29.92 44.96 -17.98
CA GLY B 164 -29.24 45.35 -19.20
C GLY B 164 -28.06 44.47 -19.61
N LEU B 165 -27.98 43.27 -19.01
CA LEU B 165 -26.97 42.25 -19.23
C LEU B 165 -27.29 41.53 -20.55
N LYS B 166 -28.58 41.33 -20.83
CA LYS B 166 -29.08 40.72 -22.06
C LYS B 166 -28.53 41.53 -23.24
N THR B 167 -28.75 42.85 -23.18
CA THR B 167 -28.35 43.84 -24.16
C THR B 167 -26.85 43.83 -24.42
N VAL B 168 -26.03 43.79 -23.34
CA VAL B 168 -24.55 43.75 -23.36
C VAL B 168 -23.98 42.79 -24.42
N PHE B 169 -24.47 41.55 -24.42
CA PHE B 169 -24.01 40.52 -25.36
C PHE B 169 -24.65 40.64 -26.74
N ASP B 170 -25.94 41.00 -26.81
CA ASP B 170 -26.65 41.18 -28.07
C ASP B 170 -25.96 42.24 -28.91
N GLU B 171 -25.47 43.31 -28.25
CA GLU B 171 -24.72 44.42 -28.83
C GLU B 171 -23.34 43.98 -29.31
N ALA B 172 -22.70 43.05 -28.57
CA ALA B 172 -21.39 42.48 -28.90
C ALA B 172 -21.48 41.60 -30.15
N ILE B 173 -22.66 40.96 -30.38
CA ILE B 173 -22.95 40.14 -31.55
C ILE B 173 -23.09 41.06 -32.76
N ARG B 174 -23.79 42.21 -32.57
CA ARG B 174 -23.99 43.26 -33.57
C ARG B 174 -22.64 43.93 -33.92
N ALA B 175 -21.76 44.08 -32.91
CA ALA B 175 -20.40 44.65 -33.01
C ALA B 175 -19.47 43.87 -33.93
N VAL B 176 -19.83 42.61 -34.22
CA VAL B 176 -19.07 41.71 -35.09
C VAL B 176 -19.61 41.77 -36.52
N LEU B 177 -20.94 41.60 -36.68
CA LEU B 177 -21.64 41.54 -37.97
C LEU B 177 -21.42 42.69 -38.96
N LYS B 178 -21.07 43.89 -38.48
CA LYS B 178 -20.78 45.04 -39.35
C LYS B 178 -19.47 45.72 -38.98
N MET C 1 -28.96 -12.88 46.90
CA MET C 1 -27.93 -12.19 46.11
C MET C 1 -28.37 -10.76 45.74
N GLN C 2 -27.91 -9.77 46.51
CA GLN C 2 -28.24 -8.37 46.27
C GLN C 2 -27.07 -7.66 45.62
N ALA C 3 -27.33 -6.97 44.51
CA ALA C 3 -26.30 -6.21 43.80
C ALA C 3 -26.45 -4.73 44.12
N ILE C 4 -25.35 -4.09 44.48
CA ILE C 4 -25.36 -2.67 44.84
C ILE C 4 -24.58 -1.82 43.84
N LYS C 5 -25.27 -0.91 43.14
CA LYS C 5 -24.63 0.02 42.20
C LYS C 5 -24.07 1.19 42.98
N CYS C 6 -22.75 1.28 43.00
CA CYS C 6 -22.06 2.35 43.69
C CYS C 6 -21.33 3.25 42.70
N VAL C 7 -21.67 4.57 42.67
CA VAL C 7 -21.04 5.59 41.81
C VAL C 7 -20.17 6.47 42.69
N VAL C 8 -18.92 6.66 42.31
CA VAL C 8 -17.98 7.50 43.04
C VAL C 8 -17.73 8.74 42.22
N VAL C 9 -18.33 9.85 42.64
CA VAL C 9 -18.15 11.14 41.99
C VAL C 9 -17.30 12.03 42.85
N GLY C 10 -16.27 12.59 42.27
CA GLY C 10 -15.36 13.43 43.04
C GLY C 10 -14.50 14.29 42.17
N ASP C 11 -13.99 15.40 42.78
CA ASP C 11 -13.17 16.43 42.16
C ASP C 11 -11.89 15.90 41.48
N GLY C 12 -11.42 16.64 40.47
CA GLY C 12 -10.22 16.31 39.70
C GLY C 12 -9.05 15.93 40.61
N ALA C 13 -8.58 14.68 40.47
CA ALA C 13 -7.48 14.05 41.23
C ALA C 13 -7.65 13.98 42.78
N VAL C 14 -8.88 13.74 43.27
CA VAL C 14 -9.13 13.57 44.71
C VAL C 14 -8.59 12.22 45.19
N GLY C 15 -8.49 11.26 44.26
CA GLY C 15 -7.97 9.92 44.50
C GLY C 15 -8.98 8.80 44.46
N LYS C 16 -10.08 8.99 43.66
CA LYS C 16 -11.20 8.05 43.49
C LYS C 16 -10.73 6.76 42.84
N THR C 17 -10.23 6.85 41.58
CA THR C 17 -9.72 5.77 40.76
C THR C 17 -8.80 4.93 41.67
N CYS C 18 -7.85 5.61 42.35
CA CYS C 18 -6.89 5.04 43.28
C CYS C 18 -7.55 4.28 44.42
N LEU C 19 -8.54 4.90 45.10
CA LEU C 19 -9.30 4.32 46.21
C LEU C 19 -10.18 3.12 45.76
N LEU C 20 -10.70 3.19 44.52
CA LEU C 20 -11.51 2.15 43.89
C LEU C 20 -10.61 0.95 43.56
N ILE C 21 -9.43 1.22 42.94
CA ILE C 21 -8.42 0.21 42.61
C ILE C 21 -7.85 -0.45 43.86
N SER C 22 -7.47 0.35 44.86
CA SER C 22 -6.94 -0.12 46.14
C SER C 22 -7.87 -1.11 46.84
N TYR C 23 -9.18 -0.87 46.81
CA TYR C 23 -10.16 -1.73 47.43
C TYR C 23 -10.37 -3.07 46.72
N THR C 24 -10.31 -3.05 45.38
CA THR C 24 -10.57 -4.19 44.51
C THR C 24 -9.36 -5.00 44.07
N THR C 25 -8.12 -4.53 44.33
CA THR C 25 -6.89 -5.23 43.94
C THR C 25 -5.86 -5.29 45.05
N ASN C 26 -5.98 -4.37 46.03
CA ASN C 26 -5.07 -4.19 47.16
C ASN C 26 -3.66 -3.80 46.67
N ALA C 27 -3.66 -3.01 45.58
CA ALA C 27 -2.51 -2.45 44.89
C ALA C 27 -2.89 -1.05 44.42
N PHE C 28 -1.97 -0.10 44.60
CA PHE C 28 -2.16 1.31 44.26
C PHE C 28 -1.71 1.60 42.81
N PRO C 29 -2.43 2.46 42.03
CA PRO C 29 -2.02 2.71 40.64
C PRO C 29 -0.61 3.28 40.44
N GLY C 30 -0.37 4.44 41.04
CA GLY C 30 0.89 5.15 40.93
C GLY C 30 0.71 6.29 39.95
N GLU C 31 0.72 5.97 38.65
CA GLU C 31 0.57 6.91 37.54
C GLU C 31 -0.82 7.59 37.49
N TYR C 32 -0.86 8.93 37.26
CA TYR C 32 -2.14 9.62 37.09
C TYR C 32 -2.49 9.73 35.65
N ILE C 33 -3.70 9.31 35.39
CA ILE C 33 -4.35 9.34 34.12
C ILE C 33 -5.79 9.75 34.43
N PRO C 34 -6.30 10.79 33.73
CA PRO C 34 -7.66 11.27 34.05
C PRO C 34 -8.70 10.29 33.55
N THR C 35 -9.45 9.69 34.49
CA THR C 35 -10.45 8.69 34.16
C THR C 35 -11.68 9.25 33.46
N VAL C 36 -12.13 8.49 32.44
CA VAL C 36 -13.29 8.86 31.64
C VAL C 36 -14.51 8.33 32.32
N PHE C 37 -14.76 7.00 32.19
CA PHE C 37 -15.97 6.40 32.76
C PHE C 37 -15.83 4.98 33.33
N ASP C 38 -14.62 4.60 33.78
CA ASP C 38 -14.34 3.26 34.32
C ASP C 38 -15.26 2.54 35.35
N ASN C 39 -15.40 1.22 35.16
CA ASN C 39 -16.28 0.33 35.91
C ASN C 39 -15.43 -0.68 36.65
N TYR C 40 -15.77 -0.95 37.90
CA TYR C 40 -15.03 -1.92 38.67
C TYR C 40 -15.99 -2.95 39.20
N SER C 41 -15.46 -4.03 39.78
CA SER C 41 -16.31 -5.08 40.34
C SER C 41 -15.65 -5.79 41.52
N ALA C 42 -16.47 -6.04 42.58
CA ALA C 42 -16.06 -6.71 43.82
C ALA C 42 -17.21 -7.50 44.41
N ASN C 43 -16.93 -8.69 44.93
CA ASN C 43 -17.94 -9.52 45.60
C ASN C 43 -17.61 -9.61 47.09
N VAL C 44 -18.38 -8.87 47.89
CA VAL C 44 -18.21 -8.70 49.34
C VAL C 44 -19.15 -9.49 50.24
N MET C 45 -18.81 -9.48 51.54
CA MET C 45 -19.55 -10.10 52.61
C MET C 45 -19.69 -9.09 53.75
N VAL C 46 -20.92 -8.61 53.98
CA VAL C 46 -21.23 -7.63 55.03
C VAL C 46 -22.39 -8.17 55.86
N ASP C 47 -22.14 -8.35 57.18
CA ASP C 47 -23.08 -8.87 58.17
C ASP C 47 -23.70 -10.20 57.75
N GLY C 48 -22.84 -11.11 57.30
CA GLY C 48 -23.21 -12.45 56.85
C GLY C 48 -24.08 -12.49 55.60
N LYS C 49 -23.89 -11.50 54.69
CA LYS C 49 -24.65 -11.43 53.44
C LYS C 49 -23.78 -11.18 52.20
N PRO C 50 -23.92 -11.98 51.12
CA PRO C 50 -23.07 -11.76 49.93
C PRO C 50 -23.65 -10.73 48.98
N VAL C 51 -22.83 -9.72 48.66
CA VAL C 51 -23.19 -8.59 47.80
C VAL C 51 -22.17 -8.34 46.69
N ASN C 52 -22.65 -8.06 45.47
CA ASN C 52 -21.79 -7.73 44.33
C ASN C 52 -21.79 -6.20 44.18
N LEU C 53 -20.66 -5.57 44.49
CA LEU C 53 -20.51 -4.12 44.40
C LEU C 53 -19.97 -3.72 43.02
N GLY C 54 -20.90 -3.24 42.19
CA GLY C 54 -20.64 -2.77 40.83
C GLY C 54 -20.26 -1.30 40.80
N LEU C 55 -18.97 -1.03 41.04
CA LEU C 55 -18.41 0.32 41.09
C LEU C 55 -18.34 1.03 39.77
N TRP C 56 -18.41 2.36 39.86
CA TRP C 56 -18.43 3.27 38.74
C TRP C 56 -17.50 4.42 39.00
N ASP C 57 -16.40 4.48 38.25
CA ASP C 57 -15.52 5.63 38.35
C ASP C 57 -16.15 6.68 37.43
N THR C 58 -15.84 7.95 37.69
CA THR C 58 -16.31 9.11 36.92
C THR C 58 -15.14 10.09 36.77
N ALA C 59 -15.37 11.17 36.02
CA ALA C 59 -14.38 12.22 35.84
C ALA C 59 -14.55 13.35 36.88
N GLY C 60 -13.46 14.08 37.10
CA GLY C 60 -13.41 15.25 37.99
C GLY C 60 -13.07 16.50 37.21
N GLN C 61 -13.25 16.43 35.87
CA GLN C 61 -12.96 17.46 34.89
C GLN C 61 -14.23 18.00 34.26
N GLU C 62 -14.25 19.31 33.96
CA GLU C 62 -15.36 20.01 33.32
C GLU C 62 -15.54 19.57 31.85
N ASP C 63 -14.51 18.91 31.29
CA ASP C 63 -14.45 18.40 29.93
C ASP C 63 -15.36 17.17 29.81
N TYR C 64 -15.20 16.19 30.73
CA TYR C 64 -16.03 15.00 30.79
C TYR C 64 -17.17 15.25 31.78
N ASP C 65 -17.99 16.25 31.48
CA ASP C 65 -19.15 16.66 32.27
C ASP C 65 -20.36 16.44 31.38
N ARG C 66 -20.18 16.66 30.06
CA ARG C 66 -21.19 16.48 29.04
C ARG C 66 -21.58 15.01 28.95
N LEU C 67 -20.78 14.09 29.55
CA LEU C 67 -21.05 12.64 29.56
C LEU C 67 -21.41 11.98 30.92
N ARG C 68 -20.83 12.49 32.04
CA ARG C 68 -21.03 11.99 33.42
C ARG C 68 -22.48 11.64 33.81
N PRO C 69 -23.53 12.44 33.47
CA PRO C 69 -24.90 12.07 33.87
C PRO C 69 -25.37 10.66 33.52
N LEU C 70 -24.77 10.06 32.47
CA LEU C 70 -25.09 8.71 32.01
C LEU C 70 -24.70 7.62 33.02
N SER C 71 -23.72 7.89 33.93
CA SER C 71 -23.27 6.93 34.95
C SER C 71 -24.32 6.79 36.07
N TYR C 72 -25.06 7.88 36.32
CA TYR C 72 -26.07 8.07 37.39
C TYR C 72 -27.32 7.17 37.51
N PRO C 73 -28.07 6.83 36.42
CA PRO C 73 -29.31 6.03 36.60
C PRO C 73 -29.25 4.74 37.41
N GLN C 74 -30.23 4.59 38.31
CA GLN C 74 -30.44 3.47 39.23
C GLN C 74 -29.29 3.21 40.20
N THR C 75 -28.60 4.26 40.64
CA THR C 75 -27.51 4.17 41.61
C THR C 75 -28.11 3.87 42.97
N ASP C 76 -27.56 2.88 43.65
CA ASP C 76 -28.06 2.46 44.95
C ASP C 76 -27.43 3.29 46.07
N VAL C 77 -26.16 3.70 45.89
CA VAL C 77 -25.41 4.52 46.85
C VAL C 77 -24.34 5.40 46.18
N PHE C 78 -24.33 6.71 46.48
CA PHE C 78 -23.34 7.63 45.92
C PHE C 78 -22.16 7.80 46.85
N LEU C 79 -21.01 8.20 46.29
CA LEU C 79 -19.80 8.41 47.08
C LEU C 79 -19.15 9.74 46.72
N ILE C 80 -19.69 10.85 47.27
CA ILE C 80 -19.16 12.20 47.04
C ILE C 80 -17.76 12.36 47.65
N CYS C 81 -16.76 12.65 46.79
CA CYS C 81 -15.38 12.71 47.20
C CYS C 81 -14.67 14.05 47.18
N PHE C 82 -13.62 14.10 48.02
CA PHE C 82 -12.70 15.20 48.23
C PHE C 82 -11.39 14.69 48.87
N SER C 83 -10.34 15.49 48.72
CA SER C 83 -9.02 15.22 49.26
C SER C 83 -8.85 16.07 50.50
N LEU C 84 -8.42 15.43 51.59
CA LEU C 84 -8.17 16.09 52.87
C LEU C 84 -7.02 17.09 52.74
N VAL C 85 -6.15 16.93 51.74
CA VAL C 85 -5.03 17.83 51.49
C VAL C 85 -5.32 19.03 50.59
N SER C 86 -6.61 19.23 50.22
CA SER C 86 -7.06 20.41 49.47
C SER C 86 -8.48 20.83 49.81
N PRO C 87 -8.63 22.08 50.25
CA PRO C 87 -9.97 22.57 50.59
C PRO C 87 -10.73 22.98 49.34
N ALA C 88 -10.01 23.16 48.22
CA ALA C 88 -10.57 23.49 46.92
C ALA C 88 -11.45 22.33 46.46
N SER C 89 -10.93 21.08 46.62
CA SER C 89 -11.59 19.80 46.31
C SER C 89 -12.74 19.49 47.28
N PHE C 90 -12.69 20.11 48.48
CA PHE C 90 -13.67 20.02 49.57
C PHE C 90 -14.80 21.05 49.37
N GLU C 91 -14.44 22.29 48.94
CA GLU C 91 -15.43 23.34 48.70
C GLU C 91 -16.29 23.01 47.47
N ASN C 92 -15.71 22.29 46.51
CA ASN C 92 -16.44 21.87 45.33
C ASN C 92 -17.46 20.78 45.64
N VAL C 93 -17.48 20.26 46.89
CA VAL C 93 -18.45 19.25 47.36
C VAL C 93 -19.81 19.94 47.46
N ARG C 94 -19.83 21.10 48.10
CA ARG C 94 -21.03 21.93 48.29
C ARG C 94 -21.38 22.64 46.98
N ALA C 95 -20.34 22.96 46.16
CA ALA C 95 -20.46 23.70 44.92
C ALA C 95 -20.83 22.92 43.64
N LYS C 96 -20.10 21.85 43.31
CA LYS C 96 -20.33 21.09 42.08
C LYS C 96 -21.03 19.76 42.31
N TRP C 97 -20.44 18.89 43.15
CA TRP C 97 -20.91 17.52 43.42
C TRP C 97 -22.29 17.38 44.03
N TYR C 98 -22.50 17.82 45.30
CA TYR C 98 -23.83 17.73 45.90
C TYR C 98 -24.96 18.24 45.00
N PRO C 99 -24.81 19.44 44.36
CA PRO C 99 -25.88 19.92 43.46
C PRO C 99 -26.17 18.95 42.31
N GLU C 100 -25.11 18.50 41.61
CA GLU C 100 -25.22 17.58 40.48
C GLU C 100 -25.90 16.27 40.87
N VAL C 101 -25.46 15.63 41.97
CA VAL C 101 -26.00 14.36 42.45
C VAL C 101 -27.51 14.43 42.70
N ARG C 102 -27.93 15.37 43.55
CA ARG C 102 -29.34 15.52 43.88
C ARG C 102 -30.24 16.04 42.76
N HIS C 103 -29.67 16.83 41.82
CA HIS C 103 -30.39 17.36 40.65
C HIS C 103 -31.01 16.21 39.89
N HIS C 104 -30.28 15.08 39.81
CA HIS C 104 -30.73 13.85 39.16
C HIS C 104 -31.38 12.93 40.18
N CYS C 105 -30.56 12.29 41.05
CA CYS C 105 -31.02 11.35 42.08
C CYS C 105 -31.39 12.05 43.39
N PRO C 106 -32.70 12.24 43.67
CA PRO C 106 -33.06 12.92 44.91
C PRO C 106 -33.26 11.98 46.10
N ASN C 107 -33.18 10.66 45.88
CA ASN C 107 -33.40 9.66 46.93
C ASN C 107 -32.15 8.91 47.36
N THR C 108 -31.16 8.78 46.45
CA THR C 108 -29.92 8.04 46.66
C THR C 108 -29.05 8.53 47.85
N PRO C 109 -28.73 7.64 48.83
CA PRO C 109 -27.91 8.06 49.99
C PRO C 109 -26.48 8.46 49.62
N ILE C 110 -26.01 9.60 50.15
CA ILE C 110 -24.65 10.10 49.91
C ILE C 110 -23.75 9.76 51.11
N ILE C 111 -22.44 9.55 50.85
CA ILE C 111 -21.41 9.30 51.87
C ILE C 111 -20.25 10.22 51.51
N LEU C 112 -20.05 11.30 52.26
CA LEU C 112 -18.91 12.18 51.98
C LEU C 112 -17.62 11.48 52.39
N VAL C 113 -16.64 11.37 51.47
CA VAL C 113 -15.38 10.68 51.76
C VAL C 113 -14.13 11.53 51.59
N GLY C 114 -13.36 11.60 52.67
CA GLY C 114 -12.09 12.32 52.73
C GLY C 114 -10.94 11.40 52.43
N THR C 115 -10.42 11.50 51.19
CA THR C 115 -9.30 10.69 50.69
C THR C 115 -7.97 11.37 50.99
N LYS C 116 -6.85 10.61 50.88
CA LYS C 116 -5.47 11.05 51.12
C LYS C 116 -5.24 11.42 52.62
N LEU C 117 -5.68 10.54 53.55
CA LEU C 117 -5.54 10.68 55.01
C LEU C 117 -4.07 10.75 55.45
N ASP C 118 -3.21 9.94 54.79
CA ASP C 118 -1.78 9.85 55.05
C ASP C 118 -1.05 11.18 54.84
N LEU C 119 -1.49 11.99 53.87
CA LEU C 119 -0.89 13.29 53.52
C LEU C 119 -1.23 14.43 54.47
N ARG C 120 -2.41 14.36 55.16
CA ARG C 120 -2.88 15.37 56.11
C ARG C 120 -1.92 15.50 57.31
N ASP C 121 -1.52 14.34 57.89
CA ASP C 121 -0.64 14.26 59.05
C ASP C 121 0.85 14.50 58.69
N ASP C 122 1.19 14.53 57.39
CA ASP C 122 2.56 14.76 56.94
C ASP C 122 2.93 16.23 57.01
N LYS C 123 4.16 16.52 57.46
CA LYS C 123 4.69 17.87 57.60
C LYS C 123 4.96 18.53 56.24
N ASP C 124 5.77 17.86 55.38
CA ASP C 124 6.16 18.33 54.04
C ASP C 124 5.00 18.82 53.19
N THR C 125 3.82 18.17 53.32
CA THR C 125 2.61 18.53 52.59
C THR C 125 2.05 19.85 53.12
N ILE C 126 2.02 20.01 54.46
CA ILE C 126 1.53 21.22 55.12
C ILE C 126 2.40 22.45 54.77
N GLU C 127 3.67 22.22 54.36
CA GLU C 127 4.59 23.27 53.92
C GLU C 127 4.08 23.95 52.64
N LYS C 128 3.64 23.14 51.65
CA LYS C 128 3.10 23.64 50.38
C LYS C 128 1.77 24.37 50.61
N LEU C 129 0.96 23.88 51.58
CA LEU C 129 -0.34 24.43 51.98
C LEU C 129 -0.14 25.84 52.53
N LYS C 130 0.84 25.99 53.44
CA LYS C 130 1.21 27.24 54.08
C LYS C 130 1.73 28.26 53.05
N GLU C 131 2.45 27.78 52.03
CA GLU C 131 3.03 28.63 50.97
C GLU C 131 1.99 29.35 50.11
N LYS C 132 0.84 28.71 49.87
CA LYS C 132 -0.26 29.32 49.15
C LYS C 132 -1.29 29.82 50.16
N LYS C 133 -0.87 29.90 51.45
CA LYS C 133 -1.62 30.36 52.62
C LYS C 133 -2.93 29.60 52.84
N LEU C 134 -2.82 28.27 53.03
CA LEU C 134 -3.97 27.37 53.23
C LEU C 134 -3.76 26.30 54.31
N THR C 135 -4.89 25.79 54.83
CA THR C 135 -4.93 24.79 55.90
C THR C 135 -5.72 23.52 55.52
N PRO C 136 -5.21 22.32 55.87
CA PRO C 136 -5.95 21.08 55.54
C PRO C 136 -7.25 20.83 56.32
N ILE C 137 -8.15 19.98 55.75
CA ILE C 137 -9.45 19.57 56.30
C ILE C 137 -9.26 18.64 57.53
N THR C 138 -10.08 18.84 58.58
CA THR C 138 -10.05 18.05 59.82
C THR C 138 -11.37 17.32 59.98
N TYR C 139 -11.44 16.31 60.88
CA TYR C 139 -12.68 15.56 61.14
C TYR C 139 -13.92 16.42 61.41
N PRO C 140 -13.88 17.46 62.28
CA PRO C 140 -15.10 18.27 62.50
C PRO C 140 -15.49 19.14 61.30
N GLN C 141 -14.50 19.63 60.52
CA GLN C 141 -14.72 20.43 59.31
C GLN C 141 -15.56 19.64 58.29
N GLY C 142 -15.18 18.37 58.11
CA GLY C 142 -15.82 17.41 57.22
C GLY C 142 -17.13 16.86 57.74
N LEU C 143 -17.21 16.62 59.08
CA LEU C 143 -18.44 16.10 59.70
C LEU C 143 -19.57 17.14 59.64
N ALA C 144 -19.20 18.44 59.63
CA ALA C 144 -20.13 19.57 59.50
C ALA C 144 -20.66 19.64 58.07
N MET C 145 -19.80 19.26 57.09
CA MET C 145 -20.12 19.22 55.67
C MET C 145 -21.12 18.10 55.35
N ALA C 146 -20.89 16.88 55.91
CA ALA C 146 -21.72 15.68 55.70
C ALA C 146 -23.12 15.83 56.28
N LYS C 147 -23.26 16.51 57.43
CA LYS C 147 -24.54 16.76 58.07
C LYS C 147 -25.31 17.83 57.27
N GLU C 148 -24.58 18.79 56.67
CA GLU C 148 -25.09 19.90 55.86
C GLU C 148 -25.69 19.44 54.54
N ILE C 149 -24.99 18.53 53.83
CA ILE C 149 -25.44 17.98 52.54
C ILE C 149 -26.52 16.89 52.69
N GLY C 150 -26.55 16.23 53.85
CA GLY C 150 -27.51 15.17 54.13
C GLY C 150 -26.94 13.79 53.85
N ALA C 151 -25.62 13.65 54.06
CA ALA C 151 -24.88 12.40 53.88
C ALA C 151 -25.20 11.43 55.00
N VAL C 152 -25.45 10.16 54.65
CA VAL C 152 -25.79 9.08 55.59
C VAL C 152 -24.61 8.61 56.48
N LYS C 153 -23.42 9.23 56.28
CA LYS C 153 -22.16 8.99 57.02
C LYS C 153 -21.02 9.87 56.45
N TYR C 154 -19.96 10.04 57.26
CA TYR C 154 -18.74 10.73 56.87
C TYR C 154 -17.58 9.78 57.19
N LEU C 155 -16.80 9.47 56.18
CA LEU C 155 -15.67 8.56 56.33
C LEU C 155 -14.39 9.14 55.80
N GLU C 156 -13.36 9.12 56.64
CA GLU C 156 -12.02 9.55 56.29
C GLU C 156 -11.26 8.26 55.95
N CYS C 157 -10.35 8.35 54.94
CA CYS C 157 -9.54 7.21 54.50
C CYS C 157 -8.37 7.62 53.60
N SER C 158 -7.56 6.63 53.21
CA SER C 158 -6.42 6.76 52.32
C SER C 158 -6.25 5.48 51.51
N ALA C 159 -5.96 5.63 50.21
CA ALA C 159 -5.76 4.57 49.21
C ALA C 159 -4.38 3.88 49.27
N LEU C 160 -3.29 4.67 49.52
CA LEU C 160 -1.91 4.18 49.58
C LEU C 160 -1.62 3.32 50.83
N THR C 161 -2.42 3.53 51.89
CA THR C 161 -2.29 2.84 53.17
C THR C 161 -3.37 1.78 53.36
N GLN C 162 -4.53 1.99 52.71
CA GLN C 162 -5.76 1.21 52.83
C GLN C 162 -6.36 1.40 54.22
N ARG C 163 -6.03 2.53 54.84
CA ARG C 163 -6.49 2.91 56.17
C ARG C 163 -7.95 3.33 56.13
N GLY C 164 -8.79 2.59 56.86
CA GLY C 164 -10.23 2.82 56.97
C GLY C 164 -10.98 2.82 55.67
N LEU C 165 -10.35 2.29 54.59
CA LEU C 165 -10.86 2.15 53.23
C LEU C 165 -11.82 0.97 53.19
N LYS C 166 -11.49 -0.10 53.94
CA LYS C 166 -12.32 -1.30 54.05
C LYS C 166 -13.69 -0.87 54.54
N THR C 167 -13.69 -0.11 55.65
CA THR C 167 -14.86 0.43 56.32
C THR C 167 -15.73 1.29 55.40
N VAL C 168 -15.11 2.20 54.60
CA VAL C 168 -15.76 3.12 53.64
C VAL C 168 -16.82 2.43 52.79
N PHE C 169 -16.48 1.28 52.18
CA PHE C 169 -17.39 0.52 51.33
C PHE C 169 -18.36 -0.34 52.11
N ASP C 170 -17.92 -0.95 53.23
CA ASP C 170 -18.78 -1.77 54.08
C ASP C 170 -19.94 -0.94 54.60
N GLU C 171 -19.68 0.34 54.93
CA GLU C 171 -20.64 1.33 55.39
C GLU C 171 -21.61 1.73 54.27
N ALA C 172 -21.11 1.79 53.01
CA ALA C 172 -21.91 2.12 51.82
C ALA C 172 -22.89 0.99 51.49
N ILE C 173 -22.51 -0.27 51.83
CA ILE C 173 -23.34 -1.46 51.66
C ILE C 173 -24.48 -1.41 52.70
N ARG C 174 -24.13 -1.01 53.94
CA ARG C 174 -25.06 -0.83 55.06
C ARG C 174 -26.02 0.34 54.76
N ALA C 175 -25.52 1.39 54.08
CA ALA C 175 -26.25 2.61 53.67
C ALA C 175 -27.39 2.31 52.69
N VAL C 176 -27.36 1.14 52.06
CA VAL C 176 -28.36 0.69 51.11
C VAL C 176 -29.42 -0.17 51.80
N LEU C 177 -28.96 -1.18 52.56
CA LEU C 177 -29.81 -2.17 53.24
C LEU C 177 -30.91 -1.64 54.18
N LYS C 178 -30.77 -0.42 54.73
CA LYS C 178 -31.79 0.19 55.59
C LYS C 178 -32.10 1.61 55.17
N ILE D 61 5.77 -19.56 7.70
CA ILE D 61 5.25 -19.93 9.03
C ILE D 61 6.03 -21.13 9.57
N PRO D 62 7.01 -20.91 10.47
CA PRO D 62 7.86 -22.02 10.93
C PRO D 62 7.25 -23.09 11.82
N PHE D 63 6.76 -24.16 11.20
CA PHE D 63 6.17 -25.30 11.92
C PHE D 63 7.16 -26.39 12.16
N LEU D 64 7.26 -26.81 13.42
CA LEU D 64 8.13 -27.91 13.83
C LEU D 64 7.46 -29.16 13.36
N ASP D 65 8.22 -30.07 12.80
CA ASP D 65 7.70 -31.35 12.32
C ASP D 65 7.43 -32.20 13.54
N TYR D 66 6.63 -33.25 13.38
CA TYR D 66 6.27 -34.10 14.50
C TYR D 66 7.43 -34.54 15.38
N LYS D 67 8.55 -34.98 14.77
CA LYS D 67 9.75 -35.40 15.50
C LYS D 67 10.18 -34.35 16.52
N VAL D 68 10.39 -33.08 16.08
CA VAL D 68 10.80 -31.97 16.95
C VAL D 68 9.74 -31.64 17.98
N TYR D 69 8.50 -31.39 17.54
CA TYR D 69 7.36 -31.07 18.40
C TYR D 69 7.27 -32.03 19.59
N ALA D 70 7.28 -33.37 19.30
CA ALA D 70 7.19 -34.44 20.30
C ALA D 70 8.37 -34.44 21.27
N GLU D 71 9.61 -34.44 20.74
CA GLU D 71 10.86 -34.41 21.50
C GLU D 71 10.84 -33.25 22.47
N ARG D 72 10.44 -32.06 21.99
CA ARG D 72 10.36 -30.82 22.77
C ARG D 72 9.27 -30.90 23.82
N ILE D 73 8.18 -31.64 23.55
CA ILE D 73 7.11 -31.79 24.53
C ILE D 73 7.43 -32.83 25.62
N PHE D 74 7.85 -34.06 25.24
CA PHE D 74 8.20 -35.14 26.17
C PHE D 74 9.49 -34.81 27.00
N PHE D 75 10.52 -34.22 26.34
CA PHE D 75 11.82 -33.83 26.91
C PHE D 75 12.30 -32.36 26.95
N PRO D 76 11.60 -31.51 27.72
CA PRO D 76 11.66 -30.06 27.55
C PRO D 76 12.93 -29.33 28.01
N GLY D 77 13.34 -29.60 29.26
CA GLY D 77 14.46 -28.96 29.96
C GLY D 77 15.84 -29.00 29.31
N HIS D 78 16.19 -30.17 28.76
CA HIS D 78 17.44 -30.49 28.06
C HIS D 78 17.51 -29.77 26.70
N ARG D 79 16.32 -29.28 26.22
CA ARG D 79 15.99 -28.63 24.94
C ARG D 79 15.86 -29.72 23.87
N GLU D 80 16.98 -30.44 23.62
CA GLU D 80 17.11 -31.56 22.69
C GLU D 80 16.89 -32.89 23.44
N SER D 81 16.26 -33.87 22.77
CA SER D 81 15.96 -35.19 23.32
C SER D 81 17.23 -35.89 23.78
N PRO D 82 17.31 -36.26 25.08
CA PRO D 82 18.49 -36.98 25.56
C PRO D 82 18.54 -38.44 25.08
N LEU D 83 17.61 -38.76 24.16
CA LEU D 83 17.44 -40.06 23.51
C LEU D 83 18.19 -40.07 22.17
N HIS D 84 19.09 -39.10 22.03
CA HIS D 84 19.94 -38.91 20.88
C HIS D 84 21.34 -38.89 21.46
N ARG D 85 22.05 -40.03 21.35
CA ARG D 85 23.40 -40.37 21.84
C ARG D 85 23.59 -41.86 21.64
N ASP D 86 24.83 -42.33 21.44
CA ASP D 86 25.02 -43.77 21.31
C ASP D 86 25.03 -44.42 22.70
N LEU D 87 24.46 -45.63 22.80
CA LEU D 87 24.27 -46.45 24.01
C LEU D 87 25.41 -46.43 25.02
N GLY D 88 26.63 -46.34 24.53
CA GLY D 88 27.84 -46.34 25.35
C GLY D 88 28.27 -47.74 25.69
N VAL D 89 28.22 -48.63 24.70
CA VAL D 89 28.57 -50.05 24.82
C VAL D 89 29.67 -50.35 23.77
N PRO D 90 30.78 -51.02 24.14
CA PRO D 90 31.83 -51.31 23.14
C PRO D 90 31.40 -52.40 22.16
N GLU D 91 31.93 -52.34 20.93
CA GLU D 91 31.67 -53.25 19.82
C GLU D 91 31.58 -54.74 20.21
N SER D 92 32.39 -55.15 21.22
CA SER D 92 32.44 -56.51 21.76
C SER D 92 31.11 -56.96 22.39
N ARG D 93 30.66 -56.30 23.49
CA ARG D 93 29.39 -56.64 24.14
C ARG D 93 28.20 -55.91 23.52
N ARG D 94 28.43 -55.18 22.42
CA ARG D 94 27.43 -54.42 21.68
C ARG D 94 26.25 -55.31 21.18
N PRO D 95 26.47 -56.41 20.42
CA PRO D 95 25.33 -57.20 19.95
C PRO D 95 24.57 -57.98 21.01
N THR D 96 25.26 -58.43 22.08
CA THR D 96 24.64 -59.18 23.18
C THR D 96 23.65 -58.34 24.01
N VAL D 97 23.88 -57.02 24.08
CA VAL D 97 23.02 -56.10 24.82
C VAL D 97 21.84 -55.68 23.93
N GLU D 98 22.11 -55.28 22.67
CA GLU D 98 21.12 -54.86 21.67
C GLU D 98 19.94 -55.83 21.59
N GLN D 99 20.23 -57.12 21.72
CA GLN D 99 19.26 -58.21 21.70
C GLN D 99 18.39 -58.19 22.97
N GLY D 100 19.04 -58.11 24.14
CA GLY D 100 18.39 -58.08 25.43
C GLY D 100 17.33 -57.02 25.55
N LEU D 101 17.66 -55.81 25.07
CA LEU D 101 16.77 -54.64 25.04
C LEU D 101 15.49 -54.97 24.30
N GLY D 102 15.62 -55.74 23.22
CA GLY D 102 14.48 -56.19 22.42
C GLY D 102 13.50 -56.96 23.26
N GLN D 103 14.03 -57.88 24.09
CA GLN D 103 13.22 -58.68 25.02
C GLN D 103 12.57 -57.81 26.08
N LEU D 104 13.21 -56.67 26.41
CA LEU D 104 12.65 -55.70 27.36
C LEU D 104 11.41 -55.10 26.70
N SER D 105 11.45 -54.84 25.39
CA SER D 105 10.32 -54.27 24.66
C SER D 105 9.11 -55.19 24.67
N ASN D 106 9.32 -56.51 24.45
CA ASN D 106 8.29 -57.55 24.45
C ASN D 106 7.69 -57.71 25.84
N LEU D 107 8.53 -57.49 26.86
CA LEU D 107 8.19 -57.52 28.29
C LEU D 107 7.27 -56.33 28.60
N LEU D 108 7.59 -55.14 28.02
CA LEU D 108 6.83 -53.90 28.18
C LEU D 108 5.45 -53.99 27.54
N ASN D 109 5.31 -54.74 26.43
CA ASN D 109 4.03 -54.95 25.74
C ASN D 109 3.04 -55.81 26.53
N SER D 110 3.46 -56.28 27.75
CA SER D 110 2.64 -57.06 28.70
C SER D 110 2.07 -56.07 29.69
N LYS D 111 0.76 -55.77 29.52
CA LYS D 111 0.00 -54.84 30.36
C LYS D 111 0.12 -55.23 31.83
N LEU D 112 0.24 -56.54 32.05
CA LEU D 112 0.39 -57.23 33.33
C LEU D 112 1.71 -56.85 34.00
N PHE D 113 2.77 -56.71 33.19
CA PHE D 113 4.08 -56.31 33.69
C PHE D 113 4.13 -54.83 34.00
N LEU D 114 3.88 -54.03 32.97
CA LEU D 114 3.98 -52.59 32.98
C LEU D 114 3.28 -51.92 34.14
N THR D 115 2.03 -52.31 34.41
CA THR D 115 1.21 -51.80 35.51
C THR D 115 1.98 -51.86 36.83
N LYS D 116 2.52 -53.08 37.16
CA LYS D 116 3.30 -53.37 38.35
C LYS D 116 4.60 -52.58 38.37
N PHE D 117 5.24 -52.43 37.20
CA PHE D 117 6.51 -51.70 37.04
C PHE D 117 6.40 -50.26 37.57
N ILE D 118 5.46 -49.49 37.03
CA ILE D 118 5.18 -48.11 37.38
C ILE D 118 4.74 -47.98 38.83
N HIS D 119 3.76 -48.80 39.25
CA HIS D 119 3.23 -48.82 40.61
C HIS D 119 4.32 -48.98 41.65
N THR D 120 5.37 -49.75 41.31
CA THR D 120 6.52 -50.01 42.17
C THR D 120 7.40 -48.76 42.25
N LEU D 121 7.60 -48.09 41.10
CA LEU D 121 8.42 -46.88 41.05
C LEU D 121 7.76 -45.72 41.78
N GLU D 122 6.43 -45.50 41.55
CA GLU D 122 5.63 -44.46 42.21
C GLU D 122 5.81 -44.50 43.76
N THR D 123 5.81 -45.72 44.36
CA THR D 123 5.93 -45.95 45.81
C THR D 123 7.32 -45.66 46.39
N GLN D 124 8.38 -45.86 45.58
CA GLN D 124 9.77 -45.62 46.00
C GLN D 124 9.97 -44.18 46.44
N ARG D 125 10.67 -44.00 47.57
CA ARG D 125 10.94 -42.67 48.14
C ARG D 125 11.92 -41.89 47.29
N THR D 126 12.97 -42.56 46.77
CA THR D 126 14.03 -41.96 45.93
C THR D 126 13.56 -41.48 44.56
N PHE D 127 12.40 -41.96 44.09
CA PHE D 127 11.81 -41.61 42.79
C PHE D 127 11.18 -40.22 42.85
N SER D 128 11.91 -39.19 42.38
CA SER D 128 11.43 -37.80 42.37
C SER D 128 10.39 -37.59 41.26
N ALA D 129 9.64 -36.47 41.32
CA ALA D 129 8.65 -36.16 40.28
C ALA D 129 9.32 -35.83 38.94
N ARG D 130 10.65 -35.58 38.96
CA ARG D 130 11.49 -35.32 37.79
C ARG D 130 11.67 -36.62 37.02
N ASP D 131 11.80 -37.74 37.77
CA ASP D 131 11.93 -39.09 37.22
C ASP D 131 10.58 -39.48 36.64
N ARG D 132 9.48 -39.17 37.37
CA ARG D 132 8.10 -39.44 36.96
C ARG D 132 7.81 -38.90 35.58
N ALA D 133 8.42 -37.76 35.22
CA ALA D 133 8.25 -37.16 33.91
C ALA D 133 9.08 -37.94 32.90
N TYR D 134 10.37 -38.17 33.21
CA TYR D 134 11.32 -38.88 32.34
C TYR D 134 10.88 -40.31 32.05
N VAL D 135 10.36 -41.02 33.06
CA VAL D 135 9.87 -42.38 32.91
C VAL D 135 8.63 -42.41 32.02
N ALA D 136 7.68 -41.48 32.22
CA ALA D 136 6.48 -41.38 31.40
C ALA D 136 6.86 -41.07 29.96
N SER D 137 7.81 -40.13 29.76
CA SER D 137 8.31 -39.71 28.46
C SER D 137 9.09 -40.79 27.74
N LEU D 138 9.94 -41.58 28.46
CA LEU D 138 10.69 -42.70 27.86
C LEU D 138 9.70 -43.77 27.40
N LEU D 139 8.68 -44.08 28.26
CA LEU D 139 7.59 -45.03 28.01
C LEU D 139 6.75 -44.61 26.82
N THR D 140 6.60 -43.30 26.61
CA THR D 140 5.85 -42.74 25.49
C THR D 140 6.60 -43.03 24.20
N VAL D 141 7.93 -42.78 24.19
CA VAL D 141 8.81 -43.02 23.03
C VAL D 141 8.92 -44.51 22.76
N ALA D 142 8.92 -45.31 23.83
CA ALA D 142 8.98 -46.75 23.75
C ALA D 142 7.68 -47.31 23.11
N LEU D 143 6.52 -46.96 23.68
CA LEU D 143 5.23 -47.41 23.16
C LEU D 143 4.67 -46.53 22.04
N HIS D 144 5.54 -45.89 21.23
CA HIS D 144 5.05 -45.08 20.12
C HIS D 144 4.52 -45.92 18.97
N GLY D 145 4.85 -47.21 18.99
CA GLY D 145 4.34 -48.18 18.03
C GLY D 145 2.99 -48.68 18.47
N LYS D 146 2.96 -49.27 19.67
CA LYS D 146 1.74 -49.81 20.27
C LYS D 146 0.88 -48.72 20.90
N LEU D 147 0.39 -47.77 20.07
CA LEU D 147 -0.42 -46.65 20.54
C LEU D 147 -1.77 -47.09 21.04
N GLU D 148 -2.36 -48.10 20.37
CA GLU D 148 -3.65 -48.72 20.70
C GLU D 148 -3.52 -49.29 22.10
N TYR D 149 -2.34 -49.88 22.38
CA TYR D 149 -1.96 -50.47 23.66
C TYR D 149 -1.57 -49.37 24.65
N PHE D 150 -0.87 -48.33 24.16
CA PHE D 150 -0.47 -47.20 24.99
C PHE D 150 -1.71 -46.55 25.62
N THR D 151 -2.80 -46.49 24.86
CA THR D 151 -4.07 -45.98 25.34
C THR D 151 -4.59 -46.93 26.41
N ASP D 152 -4.57 -48.26 26.16
CA ASP D 152 -5.04 -49.26 27.14
C ASP D 152 -4.25 -49.21 28.42
N ILE D 153 -2.96 -48.95 28.31
CA ILE D 153 -2.08 -48.80 29.44
C ILE D 153 -2.61 -47.63 30.29
N LEU D 154 -2.98 -46.50 29.61
CA LEU D 154 -3.54 -45.32 30.25
C LEU D 154 -4.97 -45.58 30.77
N ARG D 155 -5.87 -46.19 29.92
CA ARG D 155 -7.25 -46.55 30.27
C ARG D 155 -7.25 -47.15 31.66
N THR D 156 -6.38 -48.15 31.87
CA THR D 156 -6.17 -48.88 33.12
C THR D 156 -5.56 -47.98 34.19
N LEU D 157 -4.51 -47.23 33.85
CA LEU D 157 -3.84 -46.34 34.80
C LEU D 157 -4.75 -45.19 35.30
N LEU D 158 -5.70 -44.74 34.45
CA LEU D 158 -6.64 -43.68 34.77
C LEU D 158 -7.54 -44.14 35.90
N SER D 159 -8.20 -45.30 35.71
CA SER D 159 -9.11 -45.93 36.68
C SER D 159 -8.47 -46.14 38.05
N ASP D 160 -7.14 -46.33 38.07
CA ASP D 160 -6.34 -46.49 39.28
C ASP D 160 -6.26 -45.15 40.00
N LEU D 161 -5.93 -44.05 39.25
CA LEU D 161 -5.83 -42.70 39.81
C LEU D 161 -7.17 -42.27 40.41
N VAL D 162 -8.28 -42.58 39.71
CA VAL D 162 -9.66 -42.25 40.09
C VAL D 162 -9.99 -42.75 41.50
N ALA D 163 -9.80 -44.06 41.78
CA ALA D 163 -10.07 -44.68 43.08
C ALA D 163 -9.28 -44.06 44.24
N GLN D 164 -8.03 -43.63 43.97
CA GLN D 164 -7.14 -43.03 44.96
C GLN D 164 -7.55 -41.65 45.42
N TYR D 165 -8.20 -40.86 44.55
CA TYR D 165 -8.66 -39.49 44.87
C TYR D 165 -9.99 -39.43 45.62
N VAL D 166 -10.74 -40.55 45.68
CA VAL D 166 -12.04 -40.65 46.36
C VAL D 166 -11.89 -40.38 47.87
N ALA D 167 -10.83 -40.95 48.49
CA ALA D 167 -10.53 -40.85 49.91
C ALA D 167 -10.20 -39.45 50.42
N LYS D 168 -9.18 -38.78 49.82
CA LYS D 168 -8.77 -37.45 50.25
C LYS D 168 -9.72 -36.36 49.74
N ASN D 169 -9.47 -35.81 48.52
CA ASN D 169 -10.30 -34.78 47.90
C ASN D 169 -10.29 -34.98 46.38
N PRO D 170 -11.43 -35.42 45.78
CA PRO D 170 -11.47 -35.64 44.33
C PRO D 170 -11.30 -34.39 43.47
N LYS D 171 -11.54 -33.18 44.04
CA LYS D 171 -11.40 -31.92 43.30
C LYS D 171 -9.94 -31.56 42.97
N LEU D 172 -8.97 -31.99 43.81
CA LEU D 172 -7.52 -31.75 43.63
C LEU D 172 -6.89 -32.51 42.44
N MET D 173 -7.70 -33.27 41.67
CA MET D 173 -7.28 -34.13 40.55
C MET D 173 -6.63 -33.49 39.32
N LEU D 174 -5.44 -34.05 38.98
CA LEU D 174 -4.50 -33.76 37.89
C LEU D 174 -3.82 -32.37 37.97
N ARG D 175 -3.54 -31.91 39.20
CA ARG D 175 -2.93 -30.62 39.50
C ARG D 175 -1.39 -30.64 39.37
N ARG D 176 -0.71 -31.63 40.00
CA ARG D 176 0.76 -31.75 39.97
C ARG D 176 1.16 -33.21 39.65
N THR D 177 2.32 -33.42 38.91
CA THR D 177 2.90 -34.73 38.48
C THR D 177 3.47 -35.60 39.64
N GLU D 178 2.65 -35.77 40.69
CA GLU D 178 2.94 -36.60 41.86
C GLU D 178 2.66 -38.06 41.47
N THR D 179 2.14 -38.25 40.23
CA THR D 179 1.84 -39.52 39.58
C THR D 179 2.35 -39.45 38.15
N VAL D 180 2.80 -40.61 37.64
CA VAL D 180 3.36 -40.79 36.31
C VAL D 180 2.31 -40.60 35.19
N VAL D 181 1.07 -41.08 35.41
CA VAL D 181 -0.04 -41.00 34.44
C VAL D 181 -0.38 -39.53 34.01
N GLU D 182 -0.20 -38.56 34.96
CA GLU D 182 -0.42 -37.11 34.77
C GLU D 182 0.38 -36.55 33.61
N LYS D 183 1.56 -37.14 33.37
CA LYS D 183 2.44 -36.77 32.28
C LYS D 183 2.08 -37.54 31.00
N LEU D 184 1.66 -38.80 31.13
CA LEU D 184 1.32 -39.63 29.97
C LEU D 184 0.15 -39.12 29.15
N LEU D 185 -0.88 -38.55 29.80
CA LEU D 185 -2.02 -37.98 29.07
C LEU D 185 -1.70 -36.62 28.41
N THR D 186 -0.66 -35.88 28.88
CA THR D 186 -0.20 -34.62 28.27
C THR D 186 0.52 -35.04 27.00
N ASN D 187 1.30 -36.15 27.06
CA ASN D 187 2.02 -36.74 25.94
C ASN D 187 0.99 -37.34 24.99
N TRP D 188 0.05 -38.13 25.53
CA TRP D 188 -1.01 -38.74 24.78
C TRP D 188 -1.73 -37.69 23.93
N MET D 189 -2.23 -36.61 24.56
CA MET D 189 -2.93 -35.49 23.91
C MET D 189 -2.12 -34.91 22.78
N SER D 190 -0.83 -34.66 23.06
CA SER D 190 0.13 -34.08 22.12
C SER D 190 0.25 -34.90 20.84
N ILE D 191 0.31 -36.24 20.98
CA ILE D 191 0.40 -37.19 19.87
C ILE D 191 -0.85 -37.08 19.00
N CYS D 192 -2.01 -37.10 19.66
CA CYS D 192 -3.32 -37.03 19.03
C CYS D 192 -3.59 -35.68 18.37
N LEU D 193 -3.45 -34.59 19.14
CA LEU D 193 -3.74 -33.23 18.68
C LEU D 193 -2.71 -32.54 17.80
N TYR D 194 -1.52 -33.14 17.60
CA TYR D 194 -0.50 -32.54 16.75
C TYR D 194 -1.04 -32.07 15.41
N THR D 195 -1.88 -32.89 14.78
CA THR D 195 -2.52 -32.59 13.51
C THR D 195 -3.30 -31.30 13.69
N PHE D 196 -4.37 -31.31 14.54
CA PHE D 196 -5.26 -30.20 14.85
C PHE D 196 -4.52 -28.90 15.14
N VAL D 197 -3.41 -28.98 15.90
CA VAL D 197 -2.57 -27.84 16.26
C VAL D 197 -1.99 -27.20 14.98
N ARG D 198 -1.32 -28.01 14.15
CA ARG D 198 -0.70 -27.60 12.88
C ARG D 198 -1.76 -27.10 11.87
N ASP D 199 -2.94 -27.74 11.89
CA ASP D 199 -4.05 -27.51 10.97
C ASP D 199 -4.96 -26.33 11.27
N SER D 200 -5.21 -26.01 12.55
CA SER D 200 -6.10 -24.89 12.84
C SER D 200 -5.60 -23.85 13.84
N VAL D 201 -5.17 -24.30 15.04
CA VAL D 201 -4.68 -23.44 16.14
C VAL D 201 -3.33 -22.79 15.84
N GLY D 202 -2.53 -23.44 15.00
CA GLY D 202 -1.20 -22.96 14.61
C GLY D 202 -1.22 -21.50 14.20
N GLU D 203 -2.11 -21.18 13.26
CA GLU D 203 -2.28 -19.85 12.72
C GLU D 203 -2.37 -18.69 13.74
N PRO D 204 -3.42 -18.59 14.59
CA PRO D 204 -3.49 -17.46 15.54
C PRO D 204 -2.40 -17.47 16.60
N LEU D 205 -1.86 -18.68 16.90
CA LEU D 205 -0.78 -18.87 17.86
C LEU D 205 0.46 -18.21 17.33
N TYR D 206 0.71 -18.35 16.00
CA TYR D 206 1.84 -17.70 15.35
C TYR D 206 1.60 -16.22 15.29
N MET D 207 0.35 -15.85 15.01
CA MET D 207 -0.06 -14.47 14.92
C MET D 207 0.17 -13.68 16.17
N LEU D 208 -0.22 -14.27 17.32
CA LEU D 208 -0.07 -13.69 18.64
C LEU D 208 1.40 -13.55 18.98
N PHE D 209 2.20 -14.57 18.61
CA PHE D 209 3.64 -14.58 18.82
C PHE D 209 4.31 -13.47 18.02
N ARG D 210 3.95 -13.32 16.72
CA ARG D 210 4.52 -12.24 15.91
C ARG D 210 4.00 -10.89 16.42
N GLY D 211 2.70 -10.83 16.76
CA GLY D 211 2.03 -9.65 17.29
C GLY D 211 2.66 -9.08 18.56
N ILE D 212 2.98 -9.99 19.54
CA ILE D 212 3.63 -9.64 20.80
C ILE D 212 5.05 -9.15 20.50
N LYS D 213 5.80 -9.93 19.69
CA LYS D 213 7.18 -9.62 19.29
C LYS D 213 7.26 -8.21 18.72
N HIS D 214 6.35 -7.88 17.79
CA HIS D 214 6.24 -6.59 17.12
C HIS D 214 5.92 -5.49 18.12
N GLN D 215 4.78 -5.64 18.83
CA GLN D 215 4.32 -4.67 19.79
C GLN D 215 5.27 -4.36 20.97
N VAL D 216 6.20 -5.27 21.29
CA VAL D 216 7.17 -5.03 22.35
C VAL D 216 8.29 -4.12 21.83
N ASP D 217 8.78 -4.40 20.62
CA ASP D 217 9.87 -3.64 19.99
C ASP D 217 9.53 -2.26 19.50
N LYS D 218 8.23 -1.91 19.55
CA LYS D 218 7.73 -0.58 19.26
C LYS D 218 8.06 0.32 20.49
N GLY D 219 8.75 -0.30 21.46
CA GLY D 219 9.19 0.30 22.72
C GLY D 219 10.61 -0.05 23.08
N PRO D 220 11.35 0.84 23.78
CA PRO D 220 12.73 0.55 24.16
C PRO D 220 12.88 -0.70 25.02
N VAL D 221 14.08 -1.30 25.01
CA VAL D 221 14.35 -2.52 25.75
C VAL D 221 15.72 -2.52 26.40
N ASP D 222 15.77 -2.93 27.67
CA ASP D 222 17.02 -3.01 28.42
C ASP D 222 17.64 -4.39 28.24
N SER D 223 18.75 -4.45 27.48
CA SER D 223 19.48 -5.68 27.19
C SER D 223 20.13 -6.33 28.42
N VAL D 224 19.91 -5.78 29.62
CA VAL D 224 20.48 -6.30 30.86
C VAL D 224 19.40 -6.86 31.79
N THR D 225 18.60 -5.96 32.40
CA THR D 225 17.53 -6.29 33.34
C THR D 225 16.46 -7.11 32.66
N GLY D 226 16.06 -6.66 31.47
CA GLY D 226 15.03 -7.29 30.67
C GLY D 226 13.69 -6.64 30.88
N LYS D 227 13.61 -5.33 30.64
CA LYS D 227 12.36 -4.59 30.79
C LYS D 227 12.08 -3.79 29.53
N ALA D 228 10.79 -3.57 29.22
CA ALA D 228 10.38 -2.82 28.03
C ALA D 228 9.20 -1.91 28.30
N LYS D 229 8.97 -0.93 27.39
CA LYS D 229 7.86 0.03 27.46
C LYS D 229 6.52 -0.69 27.48
N TYR D 230 6.46 -1.88 26.86
CA TYR D 230 5.25 -2.69 26.79
C TYR D 230 5.48 -4.11 27.30
N THR D 231 4.52 -4.62 28.13
CA THR D 231 4.41 -5.96 28.73
C THR D 231 3.09 -6.04 29.51
N LEU D 232 2.78 -7.22 30.04
CA LEU D 232 1.57 -7.48 30.82
C LEU D 232 1.95 -7.87 32.27
N ASN D 233 3.19 -7.55 32.69
CA ASN D 233 3.66 -7.89 34.03
C ASN D 233 4.54 -6.80 34.66
N ASP D 234 4.15 -6.28 35.83
CA ASP D 234 4.89 -5.22 36.56
C ASP D 234 6.30 -5.64 36.93
N ASN D 235 6.49 -6.92 37.29
CA ASN D 235 7.77 -7.56 37.62
C ASN D 235 8.74 -7.44 36.43
N ARG D 236 8.20 -7.08 35.26
CA ARG D 236 8.90 -6.93 33.99
C ARG D 236 8.71 -5.53 33.37
N LEU D 237 7.74 -4.74 33.86
CA LEU D 237 7.44 -3.43 33.31
C LEU D 237 8.55 -2.43 33.59
N LEU D 238 8.98 -1.72 32.55
CA LEU D 238 10.02 -0.70 32.66
C LEU D 238 9.39 0.55 33.26
N ARG D 239 9.65 0.77 34.55
CA ARG D 239 9.12 1.91 35.31
C ARG D 239 9.63 3.25 34.81
N GLU D 240 10.95 3.41 34.72
CA GLU D 240 11.60 4.60 34.26
C GLU D 240 11.38 4.77 32.76
N ASP D 241 11.48 6.01 32.25
CA ASP D 241 11.39 6.31 30.83
C ASP D 241 12.71 6.88 30.36
N VAL D 242 13.09 6.56 29.12
CA VAL D 242 14.34 7.02 28.54
C VAL D 242 14.15 7.76 27.25
N GLU D 243 15.18 8.52 26.87
CA GLU D 243 15.22 9.30 25.65
C GLU D 243 15.51 8.38 24.48
N TYR D 244 14.47 8.00 23.74
CA TYR D 244 14.59 7.14 22.57
C TYR D 244 13.98 7.74 21.31
N ARG D 245 14.71 7.65 20.21
CA ARG D 245 14.27 8.12 18.91
C ARG D 245 14.19 6.91 17.98
N PRO D 246 13.24 6.87 17.03
CA PRO D 246 13.14 5.69 16.17
C PRO D 246 14.01 5.75 14.92
N LEU D 247 14.81 4.70 14.72
CA LEU D 247 15.67 4.58 13.55
C LEU D 247 15.08 3.63 12.54
N THR D 248 15.40 3.84 11.25
CA THR D 248 14.93 3.02 10.13
C THR D 248 16.09 2.94 9.15
N LEU D 249 17.03 2.04 9.44
CA LEU D 249 18.26 1.87 8.67
C LEU D 249 18.26 0.76 7.64
N ASN D 250 18.83 1.04 6.43
CA ASN D 250 18.99 0.10 5.32
C ASN D 250 20.04 -0.95 5.71
N ALA D 251 19.57 -2.18 5.93
CA ALA D 251 20.40 -3.31 6.32
C ALA D 251 20.73 -4.24 5.16
N LEU D 252 22.00 -4.59 5.05
CA LEU D 252 22.55 -5.45 4.02
C LEU D 252 22.97 -6.77 4.59
N LEU D 253 22.89 -7.85 3.82
CA LEU D 253 23.42 -9.10 4.34
C LEU D 253 24.61 -9.51 3.52
N ALA D 254 25.77 -9.08 3.98
CA ALA D 254 27.00 -9.36 3.27
C ALA D 254 27.74 -10.60 3.87
N VAL D 255 27.26 -11.83 3.55
CA VAL D 255 27.88 -13.04 4.05
C VAL D 255 28.47 -13.84 2.89
N ALA D 262 24.30 -9.39 -2.73
CA ALA D 262 24.06 -8.58 -1.55
C ALA D 262 22.95 -7.51 -1.76
N GLN D 263 21.73 -7.74 -1.16
CA GLN D 263 20.57 -6.82 -1.24
C GLN D 263 19.98 -6.26 0.08
N GLY D 264 19.82 -4.92 0.08
CA GLY D 264 19.38 -4.05 1.16
C GLY D 264 17.91 -4.01 1.52
N VAL D 265 17.62 -4.42 2.77
CA VAL D 265 16.30 -4.49 3.40
C VAL D 265 16.18 -3.42 4.48
N PRO D 266 15.14 -2.57 4.44
CA PRO D 266 14.99 -1.56 5.50
C PRO D 266 14.47 -2.16 6.81
N VAL D 267 15.20 -1.89 7.91
CA VAL D 267 14.97 -2.39 9.27
C VAL D 267 14.63 -1.27 10.22
N LYS D 268 13.61 -1.45 11.07
CA LYS D 268 13.24 -0.45 12.07
C LYS D 268 13.77 -0.76 13.47
N VAL D 269 14.84 -0.05 13.91
CA VAL D 269 15.43 -0.19 15.25
C VAL D 269 15.05 1.06 16.09
N LEU D 270 15.73 1.29 17.23
CA LEU D 270 15.57 2.46 18.12
C LEU D 270 16.96 2.86 18.59
N ASP D 271 17.34 4.14 18.46
CA ASP D 271 18.67 4.65 18.83
C ASP D 271 19.25 4.08 20.13
N CYS D 272 18.38 3.79 21.11
CA CYS D 272 18.72 3.21 22.41
C CYS D 272 19.13 1.74 22.37
N ASP D 273 18.66 0.93 21.39
CA ASP D 273 19.00 -0.51 21.27
C ASP D 273 20.50 -0.73 21.23
N THR D 274 20.98 -1.79 21.89
CA THR D 274 22.41 -2.11 21.82
C THR D 274 22.67 -2.71 20.45
N ILE D 275 23.93 -2.63 19.99
CA ILE D 275 24.37 -3.18 18.71
C ILE D 275 23.88 -4.66 18.54
N SER D 276 23.69 -5.39 19.68
CA SER D 276 23.18 -6.76 19.74
C SER D 276 21.71 -6.81 19.39
N GLN D 277 20.85 -6.10 20.16
CA GLN D 277 19.40 -6.04 19.91
C GLN D 277 19.16 -5.59 18.46
N ALA D 278 19.91 -4.54 18.03
CA ALA D 278 19.90 -3.99 16.69
C ALA D 278 20.25 -5.08 15.65
N LYS D 279 21.25 -5.98 15.95
CA LYS D 279 21.61 -7.12 15.09
C LYS D 279 20.42 -8.07 14.96
N GLU D 280 19.76 -8.39 16.07
CA GLU D 280 18.60 -9.30 16.07
C GLU D 280 17.46 -8.73 15.26
N LYS D 281 17.08 -7.46 15.54
CA LYS D 281 16.02 -6.72 14.84
C LYS D 281 16.28 -6.69 13.32
N MET D 282 17.59 -6.62 12.90
CA MET D 282 18.08 -6.62 11.52
C MET D 282 17.88 -7.98 10.89
N LEU D 283 18.23 -9.04 11.63
CA LEU D 283 18.10 -10.42 11.17
C LEU D 283 16.65 -10.78 10.94
N ASP D 284 15.78 -10.38 11.88
CA ASP D 284 14.35 -10.63 11.81
C ASP D 284 13.70 -10.26 10.48
N GLN D 285 14.26 -9.24 9.78
CA GLN D 285 13.80 -8.79 8.47
C GLN D 285 14.61 -9.39 7.38
N LEU D 286 15.92 -9.55 7.61
CA LEU D 286 16.83 -10.15 6.62
C LEU D 286 16.61 -11.65 6.45
N TYR D 287 15.75 -12.26 7.30
CA TYR D 287 15.42 -13.67 7.24
C TYR D 287 14.09 -13.69 7.97
N LYS D 288 13.12 -12.87 7.54
CA LYS D 288 11.67 -12.87 7.82
C LYS D 288 10.94 -14.21 8.05
N GLY D 289 10.96 -15.10 7.05
CA GLY D 289 10.29 -16.41 7.12
C GLY D 289 11.20 -17.63 7.07
N VAL D 290 12.41 -17.51 7.64
CA VAL D 290 13.36 -18.60 7.68
C VAL D 290 13.37 -19.18 9.08
N PRO D 291 13.09 -20.50 9.23
CA PRO D 291 13.06 -21.10 10.58
C PRO D 291 14.43 -21.07 11.22
N LEU D 292 14.46 -20.81 12.53
CA LEU D 292 15.65 -20.72 13.37
C LEU D 292 16.81 -21.62 12.99
N THR D 293 16.57 -22.94 12.79
CA THR D 293 17.57 -23.93 12.43
C THR D 293 18.18 -23.66 11.06
N GLN D 294 17.37 -23.12 10.14
CA GLN D 294 17.81 -22.73 8.81
C GLN D 294 18.54 -21.36 8.83
N ARG D 295 18.24 -20.51 9.82
CA ARG D 295 18.88 -19.21 9.97
C ARG D 295 20.33 -19.40 10.45
N PRO D 296 21.29 -18.55 10.05
CA PRO D 296 22.65 -18.70 10.56
C PRO D 296 22.77 -18.18 12.00
N ASP D 297 23.81 -18.60 12.71
CA ASP D 297 24.03 -18.18 14.09
C ASP D 297 24.44 -16.71 14.16
N PRO D 298 23.91 -15.91 15.12
CA PRO D 298 24.27 -14.48 15.19
C PRO D 298 25.64 -14.22 15.78
N ARG D 299 26.17 -15.20 16.51
CA ARG D 299 27.49 -15.10 17.11
C ARG D 299 28.56 -15.17 16.01
N THR D 300 28.20 -15.68 14.80
CA THR D 300 29.07 -15.76 13.62
C THR D 300 29.01 -14.45 12.84
N LEU D 301 28.08 -13.56 13.23
CA LEU D 301 27.87 -12.29 12.56
C LEU D 301 28.32 -11.08 13.35
N ASP D 302 28.76 -10.06 12.61
CA ASP D 302 29.23 -8.77 13.10
C ASP D 302 28.53 -7.61 12.34
N VAL D 303 28.11 -6.54 13.08
CA VAL D 303 27.45 -5.34 12.54
C VAL D 303 28.53 -4.35 12.01
N GLU D 304 28.43 -3.95 10.72
CA GLU D 304 29.40 -3.05 10.06
C GLU D 304 28.70 -1.86 9.40
N TRP D 305 28.95 -0.66 9.92
CA TRP D 305 28.36 0.57 9.43
C TRP D 305 29.08 1.04 8.16
N ARG D 306 28.41 1.87 7.35
CA ARG D 306 28.95 2.45 6.13
C ARG D 306 28.67 3.95 5.92
N SER D 307 29.74 4.68 5.53
CA SER D 307 29.78 6.12 5.26
C SER D 307 30.75 6.47 4.12
N GLY D 308 30.33 7.37 3.24
CA GLY D 308 31.13 7.88 2.12
C GLY D 308 31.51 6.88 1.07
N VAL D 309 32.58 7.17 0.29
CA VAL D 309 33.07 6.30 -0.77
C VAL D 309 33.23 4.89 -0.27
N ALA D 310 34.01 4.71 0.80
CA ALA D 310 34.19 3.40 1.43
C ALA D 310 33.98 3.56 2.91
N GLY D 311 32.94 2.91 3.42
CA GLY D 311 32.59 2.97 4.82
C GLY D 311 33.56 2.16 5.63
N HIS D 312 33.14 0.95 5.96
CA HIS D 312 33.92 0.00 6.75
C HIS D 312 34.37 0.13 8.22
N LEU D 313 33.40 0.02 9.14
CA LEU D 313 33.51 0.27 10.57
C LEU D 313 32.64 -0.72 11.33
N ILE D 314 33.31 -1.72 11.93
CA ILE D 314 32.68 -2.83 12.66
C ILE D 314 32.38 -2.52 14.13
N LEU D 315 31.16 -2.01 14.37
CA LEU D 315 30.64 -1.66 15.70
C LEU D 315 30.33 -2.94 16.48
N SER D 316 30.33 -2.82 17.82
CA SER D 316 30.06 -3.95 18.73
C SER D 316 29.35 -3.49 20.02
N ASP D 317 28.84 -4.47 20.79
CA ASP D 317 28.13 -4.25 22.05
C ASP D 317 29.05 -3.65 23.12
N GLU D 318 30.30 -4.12 23.18
CA GLU D 318 31.27 -3.67 24.16
C GLU D 318 32.68 -3.71 23.57
N ASP D 319 33.33 -2.54 23.46
CA ASP D 319 34.68 -2.38 22.87
C ASP D 319 35.48 -1.20 23.47
N VAL D 320 36.41 -0.62 22.66
CA VAL D 320 37.28 0.53 22.97
C VAL D 320 36.47 1.75 23.41
N THR D 321 35.30 1.95 22.79
CA THR D 321 34.43 3.07 23.06
C THR D 321 33.38 2.83 24.16
N SER D 322 33.57 1.79 25.01
CA SER D 322 32.62 1.52 26.09
C SER D 322 32.69 2.53 27.22
N GLU D 323 31.54 2.84 27.83
CA GLU D 323 31.35 3.83 28.91
C GLU D 323 31.62 3.31 30.34
N VAL D 324 32.89 3.28 30.76
CA VAL D 324 33.25 2.86 32.12
C VAL D 324 33.05 4.02 33.10
N GLN D 325 32.30 3.77 34.20
CA GLN D 325 32.02 4.72 35.27
C GLN D 325 32.25 4.00 36.60
N GLY D 326 33.53 3.74 36.88
CA GLY D 326 33.95 3.01 38.07
C GLY D 326 33.56 1.55 37.93
N LEU D 327 32.55 1.14 38.71
CA LEU D 327 32.04 -0.22 38.65
C LEU D 327 30.87 -0.37 37.68
N TRP D 328 30.52 0.71 36.96
CA TRP D 328 29.42 0.70 35.98
C TRP D 328 29.87 0.94 34.56
N ARG D 329 29.90 -0.12 33.75
CA ARG D 329 30.27 -0.01 32.34
C ARG D 329 29.04 -0.22 31.47
N ARG D 330 28.69 0.81 30.68
CA ARG D 330 27.53 0.77 29.79
C ARG D 330 27.80 0.01 28.50
N LEU D 331 26.72 -0.42 27.86
CA LEU D 331 26.80 -1.10 26.59
C LEU D 331 26.78 -0.07 25.50
N ASN D 332 27.16 -0.50 24.30
CA ASN D 332 27.21 0.37 23.16
C ASN D 332 25.90 0.28 22.37
N THR D 333 25.23 1.44 22.22
CA THR D 333 23.96 1.62 21.52
C THR D 333 24.20 2.29 20.16
N LEU D 334 23.14 2.50 19.37
CA LEU D 334 23.23 3.17 18.08
C LEU D 334 23.39 4.69 18.26
N GLN D 335 22.77 5.25 19.31
CA GLN D 335 22.81 6.66 19.73
C GLN D 335 24.23 6.95 20.25
N HIS D 336 24.83 5.94 20.91
CA HIS D 336 26.17 5.94 21.49
C HIS D 336 27.24 6.14 20.42
N TYR D 337 27.06 5.54 19.24
CA TYR D 337 28.02 5.67 18.15
C TYR D 337 27.73 6.87 17.24
N LYS D 338 26.56 7.53 17.43
CA LYS D 338 26.03 8.66 16.66
C LYS D 338 25.48 8.21 15.28
N VAL D 339 25.01 6.94 15.20
CA VAL D 339 24.45 6.31 13.99
C VAL D 339 23.17 7.03 13.60
N PRO D 340 23.07 7.49 12.32
CA PRO D 340 21.86 8.22 11.90
C PRO D 340 20.82 7.34 11.17
N ASP D 341 19.65 7.92 10.86
CA ASP D 341 18.60 7.22 10.13
C ASP D 341 19.08 6.98 8.69
N GLY D 342 18.79 5.79 8.17
CA GLY D 342 19.15 5.39 6.82
C GLY D 342 20.57 4.88 6.66
N ALA D 343 21.30 4.71 7.79
CA ALA D 343 22.67 4.22 7.83
C ALA D 343 22.83 2.86 7.18
N THR D 344 23.87 2.68 6.36
CA THR D 344 24.08 1.39 5.73
C THR D 344 24.85 0.49 6.64
N VAL D 345 24.10 -0.40 7.28
CA VAL D 345 24.60 -1.38 8.24
C VAL D 345 24.57 -2.73 7.56
N ALA D 346 25.68 -3.45 7.62
CA ALA D 346 25.79 -4.77 7.04
C ALA D 346 26.12 -5.79 8.08
N LEU D 347 25.54 -6.95 7.94
CA LEU D 347 25.82 -8.03 8.82
C LEU D 347 26.82 -8.86 8.06
N VAL D 348 28.08 -8.73 8.49
CA VAL D 348 29.24 -9.40 7.92
C VAL D 348 29.78 -10.49 8.88
N PRO D 349 30.50 -11.51 8.41
CA PRO D 349 30.97 -12.56 9.31
C PRO D 349 31.93 -12.11 10.41
N CYS D 350 32.12 -12.96 11.41
CA CYS D 350 32.99 -12.68 12.53
C CYS D 350 34.46 -12.93 12.28
N LEU D 351 35.28 -11.95 12.74
CA LEU D 351 36.73 -11.85 12.65
C LEU D 351 37.50 -12.38 13.87
N THR D 352 37.07 -11.99 15.10
CA THR D 352 37.64 -12.36 16.41
C THR D 352 39.14 -12.02 16.54
N GLY D 378 35.60 -7.44 36.99
CA GLY D 378 34.26 -7.62 37.52
C GLY D 378 33.41 -6.37 37.53
N ILE D 379 33.49 -5.55 36.46
CA ILE D 379 32.71 -4.32 36.30
C ILE D 379 31.27 -4.71 35.97
N ARG D 380 30.29 -4.09 36.64
CA ARG D 380 28.88 -4.40 36.43
C ARG D 380 28.35 -3.77 35.12
N PRO D 381 27.77 -4.57 34.21
CA PRO D 381 27.27 -4.01 32.96
C PRO D 381 25.83 -3.52 33.07
N TRP D 382 25.49 -2.46 32.32
CA TRP D 382 24.14 -1.88 32.34
C TRP D 382 23.76 -1.28 30.99
N HIS D 383 22.48 -0.93 30.82
CA HIS D 383 21.98 -0.32 29.58
C HIS D 383 21.09 0.90 29.80
N LEU D 384 19.90 0.72 30.41
CA LEU D 384 19.01 1.85 30.61
C LEU D 384 18.74 2.15 32.06
N VAL D 385 18.53 1.10 32.86
CA VAL D 385 18.32 1.24 34.29
C VAL D 385 19.30 0.30 34.98
N LYS D 386 20.18 0.86 35.83
CA LYS D 386 21.15 0.06 36.58
C LYS D 386 20.39 -0.75 37.63
N PRO D 387 20.73 -2.04 37.87
CA PRO D 387 20.02 -2.81 38.92
C PRO D 387 20.26 -2.29 40.35
N SER D 388 19.37 -2.64 41.31
CA SER D 388 19.48 -2.19 42.71
C SER D 388 20.71 -2.72 43.45
N GLU D 414 2.19 -1.22 44.21
CA GLU D 414 2.10 -0.34 43.04
C GLU D 414 1.87 -1.09 41.75
N ILE D 415 0.80 -0.72 41.04
CA ILE D 415 0.41 -1.43 39.83
C ILE D 415 0.69 -0.99 38.38
N TYR D 416 0.17 0.21 37.98
CA TYR D 416 0.31 0.94 36.71
C TYR D 416 -0.63 0.24 35.70
N LEU D 417 -1.89 -0.04 36.10
CA LEU D 417 -3.03 -0.46 35.29
C LEU D 417 -3.06 0.14 33.89
N THR D 418 -2.91 1.48 33.80
CA THR D 418 -2.86 2.29 32.57
C THR D 418 -1.82 1.82 31.53
N ARG D 419 -0.62 1.46 31.97
CA ARG D 419 0.50 1.00 31.13
C ARG D 419 0.25 -0.38 30.52
N LEU D 420 -0.27 -1.32 31.33
CA LEU D 420 -0.55 -2.70 30.93
C LEU D 420 -1.77 -2.79 30.01
N LEU D 421 -2.81 -1.98 30.25
CA LEU D 421 -4.05 -1.95 29.45
C LEU D 421 -3.81 -1.60 28.00
N SER D 422 -2.80 -0.73 27.73
CA SER D 422 -2.34 -0.30 26.39
C SER D 422 -1.79 -1.53 25.63
N MET D 423 -1.00 -2.34 26.36
CA MET D 423 -0.41 -3.57 25.86
C MET D 423 -1.52 -4.63 25.65
N LYS D 424 -2.38 -4.92 26.68
CA LYS D 424 -3.53 -5.87 26.64
C LYS D 424 -4.38 -5.55 25.43
N GLY D 425 -4.73 -4.25 25.34
CA GLY D 425 -5.53 -3.62 24.30
C GLY D 425 -4.99 -3.82 22.91
N THR D 426 -3.65 -3.87 22.75
CA THR D 426 -3.04 -4.12 21.44
C THR D 426 -3.25 -5.60 21.05
N LEU D 427 -2.83 -6.46 21.98
CA LEU D 427 -2.84 -7.93 21.89
C LEU D 427 -4.22 -8.56 21.95
N GLN D 428 -5.23 -7.83 22.45
CA GLN D 428 -6.60 -8.36 22.51
C GLN D 428 -6.99 -8.95 21.17
N LYS D 429 -6.72 -8.18 20.09
CA LYS D 429 -6.98 -8.54 18.72
C LYS D 429 -6.93 -10.09 18.47
N PHE D 430 -5.76 -10.74 18.70
CA PHE D 430 -5.45 -12.17 18.50
C PHE D 430 -5.71 -13.01 19.73
N VAL D 431 -5.79 -12.37 20.92
CA VAL D 431 -6.09 -13.06 22.18
C VAL D 431 -7.45 -13.70 21.95
N ASP D 432 -8.48 -12.86 21.62
CA ASP D 432 -9.87 -13.26 21.32
C ASP D 432 -9.83 -14.48 20.40
N ASP D 433 -9.21 -14.30 19.22
CA ASP D 433 -9.06 -15.26 18.11
C ASP D 433 -8.45 -16.58 18.48
N LEU D 434 -7.33 -16.57 19.21
CA LEU D 434 -6.69 -17.80 19.61
C LEU D 434 -7.64 -18.67 20.46
N PHE D 435 -8.32 -18.04 21.43
CA PHE D 435 -9.26 -18.71 22.33
C PHE D 435 -10.52 -19.15 21.58
N GLN D 436 -11.06 -18.28 20.70
CA GLN D 436 -12.24 -18.53 19.86
C GLN D 436 -12.02 -19.70 18.88
N VAL D 437 -10.75 -20.19 18.74
CA VAL D 437 -10.33 -21.32 17.88
C VAL D 437 -10.10 -22.58 18.72
N ILE D 438 -9.43 -22.42 19.88
CA ILE D 438 -9.19 -23.52 20.81
C ILE D 438 -10.56 -24.02 21.31
N LEU D 439 -11.38 -23.07 21.78
CA LEU D 439 -12.71 -23.28 22.34
C LEU D 439 -13.78 -23.16 21.26
N SER D 440 -13.49 -23.64 20.06
CA SER D 440 -14.43 -23.55 18.96
C SER D 440 -15.48 -24.66 18.93
N THR D 441 -16.73 -24.22 18.77
CA THR D 441 -17.92 -25.06 18.63
C THR D 441 -18.30 -25.17 17.13
N SER D 442 -17.95 -24.10 16.35
CA SER D 442 -18.15 -23.94 14.90
C SER D 442 -17.52 -25.13 14.14
N ARG D 443 -16.30 -25.52 14.55
CA ARG D 443 -15.55 -26.69 14.07
C ARG D 443 -16.01 -27.91 14.88
N PRO D 444 -15.91 -29.15 14.34
CA PRO D 444 -16.34 -30.31 15.14
C PRO D 444 -15.33 -30.69 16.22
N VAL D 445 -15.77 -31.50 17.22
CA VAL D 445 -14.92 -31.95 18.32
C VAL D 445 -13.94 -33.01 17.84
N PRO D 446 -12.61 -32.76 18.03
CA PRO D 446 -11.63 -33.78 17.62
C PRO D 446 -11.86 -35.08 18.38
N LEU D 447 -11.66 -36.22 17.70
CA LEU D 447 -11.91 -37.52 18.32
C LEU D 447 -11.17 -37.78 19.62
N ALA D 448 -9.86 -37.48 19.68
CA ALA D 448 -9.01 -37.64 20.86
C ALA D 448 -9.58 -36.93 22.09
N VAL D 449 -10.19 -35.73 21.89
CA VAL D 449 -10.83 -34.93 22.94
C VAL D 449 -12.09 -35.67 23.37
N LYS D 450 -13.07 -35.81 22.44
CA LYS D 450 -14.36 -36.46 22.64
C LYS D 450 -14.26 -37.82 23.32
N TYR D 451 -13.29 -38.65 22.88
CA TYR D 451 -13.04 -39.98 23.44
C TYR D 451 -12.63 -39.88 24.90
N PHE D 452 -11.65 -39.02 25.17
CA PHE D 452 -11.10 -38.80 26.49
C PHE D 452 -12.10 -38.26 27.51
N PHE D 453 -12.86 -37.23 27.12
CA PHE D 453 -13.85 -36.62 28.01
C PHE D 453 -15.02 -37.55 28.28
N ASP D 454 -15.16 -38.61 27.45
CA ASP D 454 -16.15 -39.67 27.60
C ASP D 454 -15.48 -40.85 28.31
N LEU D 455 -14.12 -40.88 28.33
CA LEU D 455 -13.34 -41.87 29.06
C LEU D 455 -13.43 -41.49 30.53
N LEU D 456 -13.53 -40.18 30.81
CA LEU D 456 -13.71 -39.66 32.16
C LEU D 456 -15.16 -39.89 32.61
N ASP D 457 -16.17 -39.63 31.73
CA ASP D 457 -17.60 -39.81 32.00
C ASP D 457 -17.97 -41.25 32.32
N GLU D 458 -17.21 -42.21 31.76
CA GLU D 458 -17.35 -43.64 32.02
C GLU D 458 -16.88 -43.91 33.44
N GLN D 459 -15.78 -43.25 33.86
CA GLN D 459 -15.18 -43.36 35.20
C GLN D 459 -16.04 -42.70 36.28
N ALA D 460 -16.73 -41.61 35.93
CA ALA D 460 -17.59 -40.83 36.83
C ALA D 460 -18.75 -41.63 37.40
N GLN D 461 -19.34 -42.53 36.59
CA GLN D 461 -20.46 -43.37 37.00
C GLN D 461 -20.01 -44.63 37.74
N GLN D 462 -18.74 -45.05 37.53
CA GLN D 462 -18.14 -46.23 38.15
C GLN D 462 -17.91 -46.05 39.65
N HIS D 463 -17.74 -44.79 40.09
CA HIS D 463 -17.46 -44.44 41.48
C HIS D 463 -18.55 -43.56 42.11
N GLY D 464 -19.58 -43.24 41.31
CA GLY D 464 -20.76 -42.48 41.71
C GLY D 464 -20.52 -41.03 42.07
N ILE D 465 -20.26 -40.18 41.06
CA ILE D 465 -20.08 -38.74 41.24
C ILE D 465 -21.03 -37.99 40.28
N SER D 466 -22.19 -37.58 40.80
CA SER D 466 -23.21 -36.86 40.03
C SER D 466 -22.78 -35.44 39.75
N ASP D 467 -21.99 -34.86 40.67
CA ASP D 467 -21.46 -33.49 40.62
C ASP D 467 -20.53 -33.31 39.43
N GLN D 468 -20.99 -32.54 38.42
CA GLN D 468 -20.25 -32.24 37.20
C GLN D 468 -19.14 -31.21 37.41
N ASP D 469 -19.18 -30.45 38.54
CA ASP D 469 -18.18 -29.46 38.93
C ASP D 469 -16.89 -30.18 39.34
N THR D 470 -17.01 -31.37 39.97
CA THR D 470 -15.89 -32.22 40.36
C THR D 470 -15.35 -32.85 39.06
N ILE D 471 -16.27 -33.20 38.13
CA ILE D 471 -15.97 -33.79 36.80
C ILE D 471 -15.20 -32.79 35.91
N HIS D 472 -15.65 -31.53 35.88
CA HIS D 472 -15.08 -30.44 35.10
C HIS D 472 -13.58 -30.17 35.36
N ILE D 473 -13.11 -30.20 36.64
CA ILE D 473 -11.70 -29.97 36.97
C ILE D 473 -10.77 -31.14 36.61
N TRP D 474 -11.36 -32.32 36.40
CA TRP D 474 -10.61 -33.47 35.92
C TRP D 474 -10.56 -33.29 34.42
N LYS D 475 -11.65 -32.73 33.81
CA LYS D 475 -11.82 -32.45 32.38
C LYS D 475 -10.89 -31.28 31.94
N THR D 476 -10.86 -30.19 32.76
CA THR D 476 -10.04 -28.98 32.57
C THR D 476 -8.52 -29.39 32.66
N ASN D 477 -8.08 -29.93 33.84
CA ASN D 477 -6.72 -30.45 34.04
C ASN D 477 -6.49 -31.78 33.24
N SER D 478 -6.87 -31.79 31.93
CA SER D 478 -6.83 -32.98 31.06
C SER D 478 -6.44 -32.08 29.93
N LEU D 479 -7.42 -31.67 29.12
CA LEU D 479 -7.20 -31.16 27.80
C LEU D 479 -6.70 -29.71 27.85
N PRO D 480 -7.47 -28.68 28.33
CA PRO D 480 -6.92 -27.31 28.32
C PRO D 480 -5.77 -26.96 29.26
N LEU D 481 -5.97 -27.14 30.59
CA LEU D 481 -4.98 -26.91 31.68
C LEU D 481 -3.82 -27.95 31.75
N ARG D 482 -3.90 -28.95 30.90
CA ARG D 482 -2.82 -29.90 30.81
C ARG D 482 -2.11 -29.49 29.51
N PHE D 483 -2.79 -29.66 28.35
CA PHE D 483 -2.29 -29.43 27.00
C PHE D 483 -2.27 -27.98 26.50
N TRP D 484 -3.44 -27.37 26.21
CA TRP D 484 -3.56 -26.00 25.65
C TRP D 484 -2.82 -24.91 26.36
N ILE D 485 -2.75 -25.02 27.70
CA ILE D 485 -2.07 -24.08 28.59
C ILE D 485 -0.59 -23.98 28.27
N ASN D 486 0.04 -25.11 27.94
CA ASN D 486 1.46 -25.25 27.64
C ASN D 486 1.89 -24.63 26.36
N ILE D 487 1.05 -24.77 25.33
CA ILE D 487 1.30 -24.26 24.00
C ILE D 487 1.21 -22.72 24.00
N ILE D 488 0.22 -22.15 24.74
CA ILE D 488 0.06 -20.70 24.90
C ILE D 488 1.29 -20.22 25.66
N LYS D 489 1.54 -20.84 26.85
CA LYS D 489 2.65 -20.59 27.79
C LYS D 489 3.99 -20.63 27.10
N ASN D 490 4.27 -21.76 26.40
CA ASN D 490 5.50 -21.92 25.65
C ASN D 490 5.19 -22.23 24.19
N PRO D 491 5.51 -21.28 23.25
CA PRO D 491 5.21 -21.53 21.82
C PRO D 491 6.32 -22.25 21.07
N GLN D 492 7.49 -22.42 21.71
CA GLN D 492 8.63 -23.10 21.14
C GLN D 492 8.35 -24.56 20.89
N PHE D 493 7.12 -25.02 21.17
CA PHE D 493 6.72 -26.41 20.97
C PHE D 493 6.14 -26.67 19.61
N VAL D 494 5.67 -25.61 18.95
CA VAL D 494 5.07 -25.73 17.63
C VAL D 494 5.94 -25.05 16.59
N PHE D 495 6.58 -23.94 16.98
CA PHE D 495 7.37 -23.13 16.07
C PHE D 495 8.85 -23.15 16.29
N ASP D 496 9.61 -23.12 15.19
CA ASP D 496 11.04 -23.06 15.30
C ASP D 496 11.35 -21.60 15.48
N VAL D 497 11.25 -21.13 16.73
CA VAL D 497 11.45 -19.73 17.11
C VAL D 497 12.26 -19.55 18.38
N GLN D 498 12.88 -18.37 18.53
CA GLN D 498 13.62 -17.98 19.72
C GLN D 498 12.65 -17.10 20.52
N THR D 499 12.28 -17.57 21.70
CA THR D 499 11.32 -16.86 22.52
C THR D 499 12.03 -15.94 23.52
N SER D 500 11.63 -14.66 23.56
CA SER D 500 12.20 -13.69 24.50
C SER D 500 11.74 -14.00 25.93
N ASP D 501 12.47 -13.46 26.92
CA ASP D 501 12.15 -13.64 28.34
C ASP D 501 10.87 -12.88 28.64
N ASN D 502 10.84 -11.56 28.26
CA ASN D 502 9.68 -10.67 28.41
C ASN D 502 8.49 -11.17 27.61
N MET D 503 8.78 -11.90 26.52
CA MET D 503 7.80 -12.53 25.63
C MET D 503 7.05 -13.59 26.42
N ASP D 504 7.80 -14.41 27.17
CA ASP D 504 7.23 -15.47 27.97
C ASP D 504 6.36 -14.95 29.09
N ALA D 505 6.75 -13.82 29.75
CA ALA D 505 5.97 -13.18 30.81
C ALA D 505 4.62 -12.71 30.26
N VAL D 506 4.62 -12.22 29.01
CA VAL D 506 3.42 -11.79 28.31
C VAL D 506 2.54 -13.02 28.06
N LEU D 507 3.07 -14.02 27.31
CA LEU D 507 2.39 -15.29 26.95
C LEU D 507 1.82 -16.05 28.14
N LEU D 508 2.60 -16.13 29.23
CA LEU D 508 2.19 -16.77 30.47
C LEU D 508 0.98 -16.03 31.04
N VAL D 509 0.98 -14.67 31.00
CA VAL D 509 -0.16 -13.86 31.48
C VAL D 509 -1.41 -13.98 30.56
N ILE D 510 -1.24 -14.55 29.34
CA ILE D 510 -2.33 -14.88 28.41
C ILE D 510 -2.81 -16.30 28.79
N ALA D 511 -1.87 -17.20 29.20
CA ALA D 511 -2.19 -18.56 29.65
C ALA D 511 -2.91 -18.50 30.98
N GLN D 512 -2.50 -17.63 31.93
CA GLN D 512 -3.19 -17.48 33.22
C GLN D 512 -4.50 -16.74 33.11
N THR D 513 -4.78 -16.14 31.94
CA THR D 513 -6.04 -15.46 31.62
C THR D 513 -6.99 -16.54 31.09
N PHE D 514 -6.49 -17.42 30.21
CA PHE D 514 -7.23 -18.56 29.62
C PHE D 514 -7.63 -19.55 30.73
N MET D 515 -6.70 -19.81 31.64
CA MET D 515 -6.81 -20.72 32.76
C MET D 515 -7.92 -20.28 33.69
N ASP D 516 -7.97 -18.98 34.09
CA ASP D 516 -9.00 -18.37 34.97
C ASP D 516 -10.40 -18.51 34.37
N ALA D 517 -10.49 -18.64 33.03
CA ALA D 517 -11.72 -18.82 32.25
C ALA D 517 -12.15 -20.27 32.29
N CYS D 518 -11.18 -21.22 32.30
CA CYS D 518 -11.41 -22.67 32.37
C CYS D 518 -12.03 -22.99 33.71
N THR D 519 -11.24 -22.81 34.77
CA THR D 519 -11.65 -23.04 36.15
C THR D 519 -12.82 -22.09 36.52
N LEU D 520 -13.88 -22.67 37.13
CA LEU D 520 -15.13 -22.01 37.55
C LEU D 520 -14.98 -20.87 38.58
N ALA D 521 -13.88 -20.84 39.37
CA ALA D 521 -13.63 -19.81 40.39
C ALA D 521 -12.69 -18.70 39.92
N PRO D 530 -5.19 -10.65 40.77
CA PRO D 530 -3.92 -9.87 40.84
C PRO D 530 -3.80 -8.85 39.69
N ILE D 531 -2.82 -9.06 38.78
CA ILE D 531 -2.71 -8.23 37.59
C ILE D 531 -3.75 -8.85 36.64
N ASN D 532 -3.44 -10.06 36.14
CA ASN D 532 -4.23 -10.89 35.23
C ASN D 532 -5.71 -10.99 35.56
N LYS D 533 -6.10 -10.96 36.85
CA LYS D 533 -7.51 -11.05 37.22
C LYS D 533 -8.21 -9.72 36.94
N LEU D 534 -7.87 -8.67 37.67
CA LEU D 534 -8.51 -7.38 37.42
C LEU D 534 -7.77 -6.56 36.36
N LEU D 535 -7.46 -7.20 35.22
CA LEU D 535 -6.85 -6.65 34.01
C LEU D 535 -7.77 -7.05 32.87
N TYR D 536 -7.91 -8.37 32.68
CA TYR D 536 -8.76 -8.97 31.65
C TYR D 536 -10.19 -9.18 32.18
N ALA D 537 -10.52 -8.71 33.42
CA ALA D 537 -11.84 -8.79 34.05
C ALA D 537 -13.01 -8.46 33.13
N ARG D 538 -12.76 -7.73 32.04
CA ARG D 538 -13.75 -7.38 31.02
C ARG D 538 -14.05 -8.62 30.18
N ASP D 539 -12.99 -9.25 29.64
CA ASP D 539 -13.03 -10.43 28.78
C ASP D 539 -13.10 -11.81 29.47
N ILE D 540 -12.74 -11.90 30.78
CA ILE D 540 -12.81 -13.16 31.53
C ILE D 540 -14.26 -13.74 31.68
N PRO D 541 -15.35 -12.93 31.90
CA PRO D 541 -16.71 -13.51 31.92
C PRO D 541 -17.18 -13.93 30.52
N ARG D 542 -16.50 -13.42 29.48
CA ARG D 542 -16.76 -13.72 28.07
C ARG D 542 -16.14 -15.06 27.71
N TYR D 543 -14.92 -15.33 28.21
CA TYR D 543 -14.24 -16.59 27.97
C TYR D 543 -14.87 -17.73 28.80
N LYS D 544 -15.37 -17.43 30.01
CA LYS D 544 -16.06 -18.41 30.84
C LYS D 544 -17.28 -18.95 30.12
N ARG D 545 -17.89 -18.11 29.25
CA ARG D 545 -19.03 -18.48 28.43
C ARG D 545 -18.51 -19.51 27.44
N MET D 546 -17.42 -19.17 26.70
CA MET D 546 -16.79 -20.02 25.70
C MET D 546 -16.41 -21.40 26.21
N VAL D 547 -15.97 -21.50 27.48
CA VAL D 547 -15.58 -22.77 28.10
C VAL D 547 -16.79 -23.70 28.23
N GLU D 548 -17.89 -23.20 28.80
CA GLU D 548 -19.12 -23.96 28.93
C GLU D 548 -19.64 -24.29 27.55
N ARG D 549 -19.68 -23.29 26.64
CA ARG D 549 -20.10 -23.43 25.24
C ARG D 549 -19.36 -24.59 24.57
N TYR D 550 -18.07 -24.79 24.92
CA TYR D 550 -17.25 -25.88 24.40
C TYR D 550 -17.59 -27.22 25.05
N TYR D 551 -17.91 -27.23 26.35
CA TYR D 551 -18.25 -28.46 27.04
C TYR D 551 -19.66 -28.93 26.72
N ALA D 552 -20.44 -28.08 26.04
CA ALA D 552 -21.79 -28.39 25.60
C ALA D 552 -21.66 -29.38 24.45
N ASP D 553 -20.77 -29.06 23.48
CA ASP D 553 -20.47 -29.89 22.32
C ASP D 553 -19.93 -31.25 22.76
N ILE D 554 -19.02 -31.24 23.75
CA ILE D 554 -18.37 -32.42 24.36
C ILE D 554 -19.38 -33.52 24.77
N ARG D 555 -20.60 -33.11 25.17
CA ARG D 555 -21.65 -34.02 25.59
C ARG D 555 -22.74 -34.17 24.52
N GLN D 556 -23.10 -33.06 23.85
CA GLN D 556 -24.13 -33.06 22.81
C GLN D 556 -23.78 -33.82 21.55
N THR D 557 -22.50 -33.94 21.20
CA THR D 557 -22.11 -34.65 19.97
C THR D 557 -22.12 -36.17 20.13
N VAL D 558 -22.01 -36.90 19.01
CA VAL D 558 -22.02 -38.37 18.94
C VAL D 558 -20.80 -38.93 19.66
N PRO D 559 -20.96 -39.83 20.66
CA PRO D 559 -19.78 -40.39 21.32
C PRO D 559 -18.94 -41.23 20.37
N ALA D 560 -17.63 -41.31 20.63
CA ALA D 560 -16.65 -42.01 19.80
C ALA D 560 -16.47 -43.44 20.21
N SER D 561 -16.70 -44.37 19.25
CA SER D 561 -16.57 -45.81 19.47
C SER D 561 -15.11 -46.19 19.57
N ASP D 562 -14.78 -47.12 20.48
CA ASP D 562 -13.41 -47.61 20.69
C ASP D 562 -12.91 -48.36 19.45
N GLN D 563 -13.86 -48.95 18.69
CA GLN D 563 -13.69 -49.66 17.42
C GLN D 563 -13.19 -48.66 16.36
N GLU D 564 -13.80 -47.46 16.39
CA GLU D 564 -13.57 -46.31 15.53
C GLU D 564 -12.33 -45.54 16.00
N MET D 565 -12.00 -45.65 17.31
CA MET D 565 -10.86 -44.98 17.94
C MET D 565 -9.54 -45.60 17.54
N ASN D 566 -9.24 -46.85 17.96
CA ASN D 566 -7.98 -47.55 17.66
C ASN D 566 -7.62 -47.55 16.16
N SER D 567 -8.60 -47.18 15.31
CA SER D 567 -8.49 -47.01 13.85
C SER D 567 -7.62 -45.79 13.59
N VAL D 568 -7.79 -44.76 14.42
CA VAL D 568 -7.05 -43.51 14.34
C VAL D 568 -5.71 -43.67 15.06
N LEU D 569 -5.69 -44.34 16.22
CA LEU D 569 -4.49 -44.57 17.02
C LEU D 569 -3.40 -45.34 16.28
N ALA D 570 -3.79 -46.21 15.34
CA ALA D 570 -2.85 -46.99 14.56
C ALA D 570 -2.17 -46.12 13.52
N GLU D 571 -2.94 -45.28 12.78
CA GLU D 571 -2.42 -44.39 11.75
C GLU D 571 -1.45 -43.33 12.29
N LEU D 572 -1.32 -43.25 13.63
CA LEU D 572 -0.43 -42.31 14.31
C LEU D 572 0.95 -42.90 14.60
N SER D 573 1.09 -44.24 14.55
CA SER D 573 2.35 -44.95 14.69
C SER D 573 2.94 -45.00 13.27
N TRP D 574 2.04 -44.90 12.27
CA TRP D 574 2.29 -44.87 10.83
C TRP D 574 2.90 -43.50 10.52
N ASN D 575 2.06 -42.44 10.61
CA ASN D 575 2.36 -41.03 10.32
C ASN D 575 3.41 -40.34 11.22
N TYR D 576 3.90 -41.09 12.22
CA TYR D 576 5.02 -40.70 13.06
C TYR D 576 6.19 -41.17 12.16
N SER D 577 6.90 -40.19 11.54
CA SER D 577 7.98 -40.40 10.53
C SER D 577 9.08 -41.45 10.87
N GLY D 578 9.85 -41.20 11.93
CA GLY D 578 10.93 -42.10 12.34
C GLY D 578 11.05 -42.37 13.83
N ASP D 579 12.14 -43.08 14.18
CA ASP D 579 12.74 -43.36 15.49
C ASP D 579 13.01 -42.09 16.31
N LEU D 580 12.15 -41.85 17.31
CA LEU D 580 12.27 -40.70 18.20
C LEU D 580 13.41 -40.90 19.23
N GLY D 581 14.02 -42.09 19.20
CA GLY D 581 15.14 -42.50 20.05
C GLY D 581 14.90 -43.76 20.87
N ALA D 582 13.94 -44.61 20.44
CA ALA D 582 13.54 -45.86 21.08
C ALA D 582 14.67 -46.74 21.64
N ARG D 583 15.84 -46.81 20.96
CA ARG D 583 17.01 -47.59 21.39
C ARG D 583 17.36 -47.13 22.80
N VAL D 584 17.77 -45.86 22.90
CA VAL D 584 18.17 -45.14 24.10
C VAL D 584 17.06 -45.21 25.08
N ALA D 585 15.82 -45.05 24.63
CA ALA D 585 14.64 -45.11 25.48
C ALA D 585 14.59 -46.39 26.29
N LEU D 586 14.89 -47.54 25.66
CA LEU D 586 14.91 -48.83 26.33
C LEU D 586 16.10 -48.94 27.29
N HIS D 587 17.32 -48.54 26.82
CA HIS D 587 18.58 -48.53 27.59
C HIS D 587 18.47 -47.63 28.84
N GLU D 588 17.90 -46.41 28.68
CA GLU D 588 17.66 -45.41 29.74
C GLU D 588 16.61 -45.91 30.72
N LEU D 589 15.61 -46.65 30.20
CA LEU D 589 14.57 -47.26 31.02
C LEU D 589 15.18 -48.41 31.81
N TYR D 590 16.21 -49.13 31.24
CA TYR D 590 16.91 -50.19 31.96
C TYR D 590 17.79 -49.57 33.06
N LYS D 591 18.33 -48.33 32.84
CA LYS D 591 19.12 -47.58 33.82
C LYS D 591 18.34 -47.44 35.13
N TYR D 592 17.00 -47.28 35.02
CA TYR D 592 16.05 -47.24 36.14
C TYR D 592 15.96 -48.63 36.77
N ILE D 593 15.50 -49.63 35.98
CA ILE D 593 15.35 -51.04 36.36
C ILE D 593 16.59 -51.51 37.17
N ASN D 594 17.80 -51.24 36.65
CA ASN D 594 19.07 -51.58 37.28
C ASN D 594 19.18 -51.08 38.73
N LYS D 595 18.74 -49.85 39.01
CA LYS D 595 18.80 -49.26 40.35
C LYS D 595 17.74 -49.80 41.29
N TYR D 596 16.51 -49.97 40.80
CA TYR D 596 15.40 -50.43 41.63
C TYR D 596 15.08 -51.92 41.44
N TYR D 597 16.03 -52.68 40.87
CA TYR D 597 15.95 -54.10 40.55
C TYR D 597 15.16 -55.00 41.48
N ASP D 598 15.57 -55.07 42.74
CA ASP D 598 14.99 -55.95 43.75
C ASP D 598 13.58 -55.61 44.18
N GLN D 599 13.29 -54.30 44.34
CA GLN D 599 11.97 -53.79 44.71
C GLN D 599 10.97 -54.21 43.65
N ILE D 600 11.44 -54.38 42.41
CA ILE D 600 10.66 -54.84 41.27
C ILE D 600 10.39 -56.35 41.42
N ILE D 601 11.42 -57.15 41.76
CA ILE D 601 11.30 -58.60 41.98
C ILE D 601 10.18 -58.90 42.97
N THR D 602 10.00 -58.01 43.97
CA THR D 602 8.96 -58.07 45.02
C THR D 602 7.60 -58.22 44.36
N ALA D 603 7.17 -57.21 43.58
CA ALA D 603 5.89 -57.18 42.86
C ALA D 603 5.87 -58.23 41.75
N LEU D 604 7.06 -58.60 41.23
CA LEU D 604 7.19 -59.61 40.17
C LEU D 604 6.80 -61.01 40.64
N GLU D 605 6.91 -61.29 41.94
CA GLU D 605 6.56 -62.60 42.46
C GLU D 605 5.49 -62.63 43.54
N GLU D 606 5.18 -61.47 44.16
CA GLU D 606 4.12 -61.38 45.17
C GLU D 606 2.74 -61.62 44.54
N ASP D 607 2.64 -61.42 43.22
CA ASP D 607 1.43 -61.63 42.43
C ASP D 607 1.41 -63.03 41.84
N GLY D 608 0.24 -63.66 41.91
CA GLY D 608 -0.02 -65.00 41.41
C GLY D 608 0.09 -65.16 39.92
N THR D 609 -0.54 -64.27 39.14
CA THR D 609 -0.50 -64.29 37.68
C THR D 609 0.91 -64.01 37.19
N ALA D 610 1.66 -63.16 37.92
CA ALA D 610 3.05 -62.79 37.63
C ALA D 610 3.99 -63.99 37.68
N GLN D 611 3.68 -64.96 38.56
CA GLN D 611 4.41 -66.21 38.69
C GLN D 611 4.13 -67.04 37.44
N LYS D 612 2.83 -67.21 37.08
CA LYS D 612 2.32 -67.95 35.92
C LYS D 612 2.92 -67.43 34.61
N MET D 613 3.02 -66.09 34.49
CA MET D 613 3.58 -65.39 33.33
C MET D 613 5.08 -65.62 33.21
N GLN D 614 5.74 -66.01 34.33
CA GLN D 614 7.19 -66.21 34.44
C GLN D 614 7.90 -64.88 34.15
N LEU D 615 7.31 -63.79 34.66
CA LEU D 615 7.80 -62.44 34.47
C LEU D 615 9.16 -62.23 35.09
N GLY D 616 9.32 -62.72 36.32
CA GLY D 616 10.57 -62.62 37.06
C GLY D 616 11.75 -63.07 36.24
N TYR D 617 11.68 -64.30 35.72
CA TYR D 617 12.71 -64.92 34.87
C TYR D 617 12.90 -64.13 33.57
N ARG D 618 11.79 -63.65 32.95
CA ARG D 618 11.84 -62.86 31.72
C ARG D 618 12.77 -61.67 31.94
N LEU D 619 12.58 -60.97 33.07
CA LEU D 619 13.39 -59.82 33.49
C LEU D 619 14.83 -60.24 33.74
N GLN D 620 15.03 -61.28 34.56
CA GLN D 620 16.34 -61.84 34.92
C GLN D 620 17.18 -62.09 33.68
N GLN D 621 16.56 -62.68 32.64
CA GLN D 621 17.21 -62.96 31.35
C GLN D 621 17.71 -61.68 30.68
N ILE D 622 16.91 -60.62 30.72
CA ILE D 622 17.28 -59.33 30.15
C ILE D 622 18.36 -58.68 31.00
N ALA D 623 18.22 -58.79 32.34
CA ALA D 623 19.17 -58.23 33.30
C ALA D 623 20.59 -58.69 33.01
N ALA D 624 20.76 -59.99 32.75
CA ALA D 624 22.05 -60.59 32.42
C ALA D 624 22.49 -60.26 31.00
N ALA D 625 21.52 -60.05 30.08
CA ALA D 625 21.78 -59.73 28.68
C ALA D 625 22.50 -58.39 28.52
N VAL D 626 22.28 -57.47 29.48
CA VAL D 626 22.94 -56.17 29.50
C VAL D 626 24.26 -56.32 30.23
N GLU D 627 24.24 -56.98 31.39
CA GLU D 627 25.41 -57.21 32.25
C GLU D 627 25.38 -58.57 32.95
N ILE E 61 7.68 -5.48 -20.85
CA ILE E 61 9.14 -5.38 -20.94
C ILE E 61 9.53 -5.40 -22.42
N PRO E 62 9.85 -4.25 -23.02
CA PRO E 62 10.12 -4.20 -24.47
C PRO E 62 11.39 -4.85 -25.00
N PHE E 63 11.28 -6.12 -25.40
CA PHE E 63 12.40 -6.88 -25.95
C PHE E 63 12.43 -6.85 -27.46
N LEU E 64 13.57 -6.48 -28.01
CA LEU E 64 13.78 -6.45 -29.45
C LEU E 64 13.92 -7.87 -29.89
N ASP E 65 13.28 -8.22 -31.00
CA ASP E 65 13.36 -9.57 -31.58
C ASP E 65 14.71 -9.74 -32.18
N TYR E 66 15.13 -10.99 -32.43
CA TYR E 66 16.46 -11.24 -32.96
C TYR E 66 16.85 -10.40 -34.16
N LYS E 67 15.95 -10.24 -35.16
CA LYS E 67 16.22 -9.43 -36.35
C LYS E 67 16.72 -8.02 -35.99
N VAL E 68 15.96 -7.28 -35.13
CA VAL E 68 16.31 -5.93 -34.66
C VAL E 68 17.59 -5.92 -33.85
N TYR E 69 17.65 -6.73 -32.78
CA TYR E 69 18.80 -6.89 -31.89
C TYR E 69 20.10 -7.03 -32.70
N ALA E 70 20.14 -7.98 -33.66
CA ALA E 70 21.29 -8.28 -34.53
C ALA E 70 21.68 -7.10 -35.41
N GLU E 71 20.71 -6.56 -36.18
CA GLU E 71 20.86 -5.39 -37.06
C GLU E 71 21.49 -4.25 -36.32
N ARG E 72 20.94 -3.94 -35.12
CA ARG E 72 21.41 -2.88 -34.23
C ARG E 72 22.82 -3.17 -33.70
N ILE E 73 23.18 -4.44 -33.49
CA ILE E 73 24.51 -4.79 -33.01
C ILE E 73 25.58 -4.77 -34.09
N PHE E 74 25.32 -5.46 -35.24
CA PHE E 74 26.25 -5.52 -36.38
C PHE E 74 26.41 -4.13 -37.09
N PHE E 75 25.26 -3.39 -37.26
CA PHE E 75 25.16 -2.08 -37.92
C PHE E 75 24.75 -0.77 -37.23
N PRO E 76 25.50 -0.37 -36.17
CA PRO E 76 25.01 0.54 -35.13
C PRO E 76 24.81 2.00 -35.51
N GLY E 77 25.83 2.62 -36.12
CA GLY E 77 25.90 4.03 -36.48
C GLY E 77 24.80 4.60 -37.38
N HIS E 78 24.42 3.83 -38.40
CA HIS E 78 23.37 4.13 -39.39
C HIS E 78 21.97 4.07 -38.74
N ARG E 79 21.90 3.44 -37.51
CA ARG E 79 20.74 3.13 -36.67
C ARG E 79 20.06 1.86 -37.22
N GLU E 80 19.56 1.97 -38.49
CA GLU E 80 18.90 0.92 -39.28
C GLU E 80 19.92 0.24 -40.20
N SER E 81 19.76 -1.08 -40.41
CA SER E 81 20.64 -1.88 -41.26
C SER E 81 20.71 -1.33 -42.69
N PRO E 82 21.92 -0.95 -43.16
CA PRO E 82 22.05 -0.45 -44.54
C PRO E 82 21.91 -1.57 -45.59
N LEU E 83 21.53 -2.77 -45.11
CA LEU E 83 21.31 -3.98 -45.88
C LEU E 83 19.83 -4.09 -46.22
N HIS E 84 19.12 -2.97 -46.07
CA HIS E 84 17.71 -2.81 -46.38
C HIS E 84 17.66 -1.64 -47.37
N ARG E 85 17.56 -2.00 -48.68
CA ARG E 85 17.54 -1.16 -49.89
C ARG E 85 17.64 -2.10 -51.10
N ASP E 86 17.10 -1.72 -52.27
CA ASP E 86 17.25 -2.59 -53.43
C ASP E 86 18.64 -2.39 -54.06
N LEU E 87 19.22 -3.48 -54.60
CA LEU E 87 20.55 -3.58 -55.20
C LEU E 87 21.00 -2.40 -56.07
N GLY E 88 20.06 -1.79 -56.77
CA GLY E 88 20.34 -0.67 -57.65
C GLY E 88 20.83 -1.14 -59.00
N VAL E 89 20.19 -2.19 -59.54
CA VAL E 89 20.51 -2.80 -60.83
C VAL E 89 19.25 -2.74 -61.71
N PRO E 90 19.34 -2.29 -62.99
CA PRO E 90 18.12 -2.24 -63.83
C PRO E 90 17.66 -3.63 -64.24
N GLU E 91 16.34 -3.79 -64.44
CA GLU E 91 15.65 -5.02 -64.83
C GLU E 91 16.38 -5.84 -65.90
N SER E 92 17.07 -5.16 -66.84
CA SER E 92 17.84 -5.75 -67.93
C SER E 92 19.02 -6.61 -67.43
N ARG E 93 20.02 -6.00 -66.75
CA ARG E 93 21.18 -6.74 -66.21
C ARG E 93 20.91 -7.31 -64.81
N ARG E 94 19.67 -7.18 -64.32
CA ARG E 94 19.21 -7.66 -63.02
C ARG E 94 19.41 -9.19 -62.84
N PRO E 95 18.90 -10.09 -63.73
CA PRO E 95 19.10 -11.53 -63.50
C PRO E 95 20.54 -12.04 -63.66
N THR E 96 21.33 -11.43 -64.57
CA THR E 96 22.72 -11.83 -64.80
C THR E 96 23.65 -11.56 -63.61
N VAL E 97 23.32 -10.53 -62.81
CA VAL E 97 24.09 -10.15 -61.61
C VAL E 97 23.66 -11.03 -60.43
N GLU E 98 22.33 -11.15 -60.19
CA GLU E 98 21.72 -11.96 -59.12
C GLU E 98 22.33 -13.35 -59.02
N GLN E 99 22.64 -13.94 -60.19
CA GLN E 99 23.26 -15.25 -60.32
C GLN E 99 24.72 -15.22 -59.85
N GLY E 100 25.48 -14.24 -60.34
CA GLY E 100 26.89 -14.06 -60.00
C GLY E 100 27.14 -13.99 -58.52
N LEU E 101 26.30 -13.22 -57.80
CA LEU E 101 26.34 -13.05 -56.35
C LEU E 101 26.26 -14.40 -55.65
N GLY E 102 25.44 -15.29 -56.20
CA GLY E 102 25.27 -16.64 -55.69
C GLY E 102 26.59 -17.39 -55.68
N GLN E 103 27.33 -17.28 -56.79
CA GLN E 103 28.65 -17.89 -56.94
C GLN E 103 29.64 -17.26 -55.97
N LEU E 104 29.43 -15.98 -55.60
CA LEU E 104 30.25 -15.28 -54.59
C LEU E 104 30.02 -15.98 -53.25
N SER E 105 28.76 -16.38 -52.95
CA SER E 105 28.44 -17.06 -51.70
C SER E 105 29.14 -18.40 -51.58
N ASN E 106 29.17 -19.19 -52.67
CA ASN E 106 29.82 -20.51 -52.75
C ASN E 106 31.32 -20.38 -52.62
N LEU E 107 31.86 -19.24 -53.10
CA LEU E 107 33.26 -18.84 -53.05
C LEU E 107 33.62 -18.53 -51.60
N LEU E 108 32.72 -17.84 -50.87
CA LEU E 108 32.87 -17.47 -49.46
C LEU E 108 32.86 -18.67 -48.55
N ASN E 109 32.12 -19.74 -48.90
CA ASN E 109 32.05 -20.98 -48.14
C ASN E 109 33.35 -21.80 -48.19
N SER E 110 34.37 -21.29 -48.93
CA SER E 110 35.70 -21.88 -49.05
C SER E 110 36.59 -21.18 -48.02
N LYS E 111 36.87 -21.88 -46.92
CA LYS E 111 37.70 -21.40 -45.81
C LYS E 111 39.06 -20.92 -46.31
N LEU E 112 39.53 -21.57 -47.37
CA LEU E 112 40.78 -21.35 -48.09
C LEU E 112 40.76 -19.99 -48.77
N PHE E 113 39.60 -19.58 -49.31
CA PHE E 113 39.43 -18.29 -49.96
C PHE E 113 39.33 -17.18 -48.93
N LEU E 114 38.32 -17.28 -48.06
CA LEU E 114 37.96 -16.29 -47.08
C LEU E 114 39.10 -15.78 -46.22
N THR E 115 39.92 -16.70 -45.69
CA THR E 115 41.09 -16.40 -44.86
C THR E 115 42.00 -15.38 -45.58
N LYS E 116 42.35 -15.68 -46.85
CA LYS E 116 43.19 -14.84 -47.71
C LYS E 116 42.52 -13.52 -48.02
N PHE E 117 41.17 -13.52 -48.24
CA PHE E 117 40.38 -12.34 -48.54
C PHE E 117 40.55 -11.26 -47.48
N ILE E 118 40.26 -11.60 -46.23
CA ILE E 118 40.37 -10.72 -45.07
C ILE E 118 41.80 -10.28 -44.82
N HIS E 119 42.76 -11.24 -44.81
CA HIS E 119 44.19 -10.98 -44.60
C HIS E 119 44.73 -9.93 -45.56
N THR E 120 44.19 -9.92 -46.79
CA THR E 120 44.56 -8.97 -47.83
C THR E 120 43.99 -7.58 -47.53
N LEU E 121 42.73 -7.54 -47.05
CA LEU E 121 42.08 -6.27 -46.71
C LEU E 121 42.73 -5.62 -45.49
N GLU E 122 43.00 -6.42 -44.43
CA GLU E 122 43.67 -5.96 -43.19
C GLU E 122 44.97 -5.20 -43.50
N THR E 123 45.80 -5.71 -44.45
CA THR E 123 47.09 -5.13 -44.87
C THR E 123 46.98 -3.82 -45.64
N GLN E 124 45.89 -3.62 -46.41
CA GLN E 124 45.66 -2.42 -47.19
C GLN E 124 45.63 -1.17 -46.32
N ARG E 125 46.32 -0.12 -46.77
CA ARG E 125 46.43 1.15 -46.07
C ARG E 125 45.11 1.92 -46.05
N THR E 126 44.38 1.91 -47.19
CA THR E 126 43.09 2.58 -47.36
C THR E 126 41.92 1.99 -46.55
N PHE E 127 42.07 0.73 -46.08
CA PHE E 127 41.07 0.02 -45.30
C PHE E 127 41.04 0.53 -43.85
N SER E 128 40.09 1.45 -43.54
CA SER E 128 39.96 2.01 -42.20
C SER E 128 39.34 0.99 -41.23
N ALA E 129 39.43 1.24 -39.91
CA ALA E 129 38.85 0.34 -38.91
C ALA E 129 37.31 0.38 -38.96
N ARG E 130 36.73 1.40 -39.66
CA ARG E 130 35.29 1.58 -39.89
C ARG E 130 34.84 0.54 -40.91
N ASP E 131 35.70 0.25 -41.91
CA ASP E 131 35.47 -0.77 -42.93
C ASP E 131 35.59 -2.13 -42.27
N ARG E 132 36.60 -2.31 -41.37
CA ARG E 132 36.85 -3.55 -40.60
C ARG E 132 35.62 -4.00 -39.86
N ALA E 133 34.79 -3.05 -39.39
CA ALA E 133 33.54 -3.35 -38.71
C ALA E 133 32.49 -3.76 -39.73
N TYR E 134 32.31 -2.96 -40.80
CA TYR E 134 31.34 -3.21 -41.87
C TYR E 134 31.59 -4.53 -42.60
N VAL E 135 32.85 -4.85 -42.88
CA VAL E 135 33.24 -6.10 -43.54
C VAL E 135 32.92 -7.30 -42.65
N ALA E 136 33.28 -7.23 -41.35
CA ALA E 136 32.99 -8.29 -40.39
C ALA E 136 31.48 -8.48 -40.26
N SER E 137 30.73 -7.37 -40.18
CA SER E 137 29.28 -7.36 -40.07
C SER E 137 28.57 -7.88 -41.31
N LEU E 138 29.05 -7.52 -42.53
CA LEU E 138 28.47 -8.02 -43.79
C LEU E 138 28.69 -9.54 -43.86
N LEU E 139 29.92 -10.00 -43.52
CA LEU E 139 30.34 -11.41 -43.48
C LEU E 139 29.52 -12.20 -42.48
N THR E 140 29.10 -11.55 -41.38
CA THR E 140 28.27 -12.16 -40.34
C THR E 140 26.89 -12.44 -40.92
N VAL E 141 26.29 -11.45 -41.62
CA VAL E 141 24.97 -11.56 -42.26
C VAL E 141 25.02 -12.56 -43.40
N ALA E 142 26.15 -12.60 -44.11
CA ALA E 142 26.38 -13.53 -45.21
C ALA E 142 26.45 -14.98 -44.67
N LEU E 143 27.33 -15.24 -43.70
CA LEU E 143 27.50 -16.57 -43.12
C LEU E 143 26.54 -16.88 -41.98
N HIS E 144 25.33 -16.28 -42.00
CA HIS E 144 24.35 -16.54 -40.94
C HIS E 144 23.73 -17.92 -41.05
N GLY E 145 23.88 -18.53 -42.23
CA GLY E 145 23.44 -19.89 -42.51
C GLY E 145 24.49 -20.87 -42.03
N LYS E 146 25.71 -20.75 -42.58
CA LYS E 146 26.84 -21.61 -42.24
C LYS E 146 27.50 -21.17 -40.93
N LEU E 147 26.75 -21.22 -39.81
CA LEU E 147 27.23 -20.83 -38.49
C LEU E 147 28.31 -21.74 -37.98
N GLU E 148 28.18 -23.04 -38.25
CA GLU E 148 29.13 -24.11 -37.90
C GLU E 148 30.46 -23.78 -38.56
N TYR E 149 30.38 -23.29 -39.80
CA TYR E 149 31.49 -22.86 -40.63
C TYR E 149 31.98 -21.49 -40.18
N PHE E 150 31.04 -20.59 -39.83
CA PHE E 150 31.35 -19.25 -39.35
C PHE E 150 32.25 -19.34 -38.12
N THR E 151 32.00 -20.34 -37.28
CA THR E 151 32.81 -20.60 -36.10
C THR E 151 34.18 -21.07 -36.57
N ASP E 152 34.25 -22.01 -37.55
CA ASP E 152 35.53 -22.52 -38.08
C ASP E 152 36.35 -21.42 -38.70
N ILE E 153 35.68 -20.47 -39.34
CA ILE E 153 36.31 -19.31 -39.93
C ILE E 153 37.02 -18.54 -38.80
N LEU E 154 36.31 -18.36 -37.65
CA LEU E 154 36.85 -17.69 -36.47
C LEU E 154 37.91 -18.53 -35.78
N ARG E 155 37.65 -19.84 -35.55
CA ARG E 155 38.58 -20.80 -34.93
C ARG E 155 39.96 -20.57 -35.52
N THR E 156 40.03 -20.56 -36.87
CA THR E 156 41.22 -20.34 -37.68
C THR E 156 41.73 -18.92 -37.56
N LEU E 157 40.82 -17.91 -37.64
CA LEU E 157 41.21 -16.50 -37.52
C LEU E 157 41.79 -16.14 -36.16
N LEU E 158 41.31 -16.81 -35.09
CA LEU E 158 41.77 -16.61 -33.72
C LEU E 158 43.24 -16.98 -33.61
N SER E 159 43.59 -18.23 -34.01
CA SER E 159 44.94 -18.79 -34.01
C SER E 159 45.94 -17.90 -34.74
N ASP E 160 45.46 -17.17 -35.77
CA ASP E 160 46.26 -16.24 -36.55
C ASP E 160 46.57 -15.01 -35.70
N LEU E 161 45.54 -14.44 -35.03
CA LEU E 161 45.71 -13.28 -34.16
C LEU E 161 46.71 -13.59 -33.02
N VAL E 162 46.59 -14.79 -32.43
CA VAL E 162 47.43 -15.29 -31.34
C VAL E 162 48.93 -15.19 -31.66
N ALA E 163 49.36 -15.78 -32.79
CA ALA E 163 50.76 -15.77 -33.23
C ALA E 163 51.34 -14.38 -33.44
N GLN E 164 50.51 -13.43 -33.91
CA GLN E 164 50.89 -12.05 -34.19
C GLN E 164 51.18 -11.22 -32.94
N TYR E 165 50.51 -11.52 -31.82
CA TYR E 165 50.68 -10.80 -30.55
C TYR E 165 51.87 -11.26 -29.71
N VAL E 166 52.48 -12.42 -30.06
CA VAL E 166 53.63 -13.00 -29.36
C VAL E 166 54.86 -12.06 -29.44
N ALA E 167 55.09 -11.48 -30.64
CA ALA E 167 56.21 -10.59 -30.94
C ALA E 167 56.21 -9.26 -30.20
N LYS E 168 55.13 -8.47 -30.32
CA LYS E 168 55.02 -7.16 -29.68
C LYS E 168 54.73 -7.28 -28.19
N ASN E 169 53.45 -7.32 -27.79
CA ASN E 169 53.01 -7.45 -26.39
C ASN E 169 51.72 -8.26 -26.34
N PRO E 170 51.75 -9.52 -25.83
CA PRO E 170 50.52 -10.33 -25.79
C PRO E 170 49.42 -9.83 -24.87
N LYS E 171 49.75 -8.96 -23.89
CA LYS E 171 48.77 -8.40 -22.97
C LYS E 171 47.82 -7.39 -23.62
N LEU E 172 48.26 -6.67 -24.68
CA LEU E 172 47.46 -5.68 -25.42
C LEU E 172 46.32 -6.29 -26.27
N MET E 173 46.13 -7.64 -26.21
CA MET E 173 45.16 -8.41 -27.00
C MET E 173 43.67 -8.14 -26.84
N LEU E 174 43.02 -7.88 -28.01
CA LEU E 174 41.61 -7.58 -28.29
C LEU E 174 41.11 -6.24 -27.71
N ARG E 175 42.00 -5.23 -27.69
CA ARG E 175 41.73 -3.89 -27.15
C ARG E 175 41.00 -2.97 -28.14
N ARG E 176 41.50 -2.86 -29.40
CA ARG E 176 40.92 -2.00 -30.46
C ARG E 176 40.76 -2.80 -31.76
N THR E 177 39.67 -2.53 -32.58
CA THR E 177 39.33 -3.19 -33.87
C THR E 177 40.31 -2.87 -35.03
N GLU E 178 41.63 -3.06 -34.75
CA GLU E 178 42.72 -2.88 -35.71
C GLU E 178 42.80 -4.17 -36.56
N THR E 179 41.95 -5.15 -36.20
CA THR E 179 41.75 -6.43 -36.85
C THR E 179 40.23 -6.69 -36.97
N VAL E 180 39.84 -7.35 -38.06
CA VAL E 180 38.47 -7.70 -38.42
C VAL E 180 37.88 -8.75 -37.47
N VAL E 181 38.67 -9.74 -37.03
CA VAL E 181 38.24 -10.81 -36.12
C VAL E 181 37.68 -10.30 -34.78
N GLU E 182 38.24 -9.17 -34.28
CA GLU E 182 37.85 -8.47 -33.04
C GLU E 182 36.36 -8.11 -33.04
N LYS E 183 35.80 -7.82 -34.22
CA LYS E 183 34.39 -7.51 -34.41
C LYS E 183 33.57 -8.79 -34.59
N LEU E 184 34.12 -9.82 -35.27
CA LEU E 184 33.42 -11.07 -35.55
C LEU E 184 33.03 -11.84 -34.31
N LEU E 185 33.89 -11.85 -33.27
CA LEU E 185 33.60 -12.53 -32.00
C LEU E 185 32.57 -11.78 -31.14
N THR E 186 32.42 -10.45 -31.35
CA THR E 186 31.42 -9.64 -30.66
C THR E 186 30.08 -10.01 -31.32
N ASN E 187 30.08 -10.18 -32.66
CA ASN E 187 28.92 -10.59 -33.43
C ASN E 187 28.62 -12.03 -33.10
N TRP E 188 29.65 -12.89 -33.12
CA TRP E 188 29.53 -14.30 -32.79
C TRP E 188 28.84 -14.46 -31.44
N MET E 189 29.38 -13.80 -30.38
CA MET E 189 28.84 -13.84 -29.03
C MET E 189 27.38 -13.44 -29.01
N SER E 190 27.05 -12.34 -29.71
CA SER E 190 25.71 -11.78 -29.80
C SER E 190 24.70 -12.77 -30.34
N ILE E 191 25.09 -13.51 -31.39
CA ILE E 191 24.27 -14.54 -32.02
C ILE E 191 23.97 -15.67 -31.01
N CYS E 192 25.03 -16.15 -30.34
CA CYS E 192 24.97 -17.21 -29.35
C CYS E 192 24.22 -16.80 -28.10
N LEU E 193 24.63 -15.67 -27.48
CA LEU E 193 24.06 -15.19 -26.22
C LEU E 193 22.72 -14.47 -26.26
N TYR E 194 22.19 -14.18 -27.47
CA TYR E 194 20.90 -13.52 -27.60
C TYR E 194 19.83 -14.18 -26.72
N THR E 195 19.79 -15.51 -26.68
CA THR E 195 18.87 -16.28 -25.86
C THR E 195 19.08 -15.89 -24.41
N PHE E 196 20.27 -16.19 -23.85
CA PHE E 196 20.69 -15.90 -22.47
C PHE E 196 20.36 -14.50 -22.04
N VAL E 197 20.60 -13.51 -22.92
CA VAL E 197 20.33 -12.10 -22.66
C VAL E 197 18.85 -11.89 -22.41
N ARG E 198 18.00 -12.34 -23.36
CA ARG E 198 16.53 -12.26 -23.30
C ARG E 198 15.96 -13.06 -22.10
N ASP E 199 16.58 -14.20 -21.81
CA ASP E 199 16.16 -15.15 -20.78
C ASP E 199 16.54 -14.82 -19.34
N SER E 200 17.72 -14.25 -19.10
CA SER E 200 18.13 -13.97 -17.72
C SER E 200 18.62 -12.55 -17.42
N VAL E 201 19.61 -12.03 -18.19
CA VAL E 201 20.22 -10.71 -17.99
C VAL E 201 19.27 -9.57 -18.36
N GLY E 202 18.32 -9.83 -19.26
CA GLY E 202 17.34 -8.86 -19.70
C GLY E 202 16.69 -8.13 -18.56
N GLU E 203 16.15 -8.90 -17.61
CA GLU E 203 15.47 -8.39 -16.43
C GLU E 203 16.19 -7.28 -15.64
N PRO E 204 17.38 -7.51 -15.00
CA PRO E 204 18.00 -6.43 -14.22
C PRO E 204 18.52 -5.28 -15.08
N LEU E 205 18.80 -5.57 -16.39
CA LEU E 205 19.25 -4.60 -17.37
C LEU E 205 18.13 -3.61 -17.64
N TYR E 206 16.87 -4.12 -17.74
CA TYR E 206 15.71 -3.28 -17.90
C TYR E 206 15.46 -2.53 -16.62
N MET E 207 15.66 -3.21 -15.47
CA MET E 207 15.48 -2.64 -14.15
C MET E 207 16.34 -1.46 -13.88
N LEU E 208 17.64 -1.59 -14.22
CA LEU E 208 18.64 -0.54 -14.07
C LEU E 208 18.30 0.64 -14.97
N PHE E 209 17.85 0.36 -16.21
CA PHE E 209 17.44 1.37 -17.17
C PHE E 209 16.21 2.13 -16.67
N ARG E 210 15.18 1.43 -16.14
CA ARG E 210 14.01 2.09 -15.57
C ARG E 210 14.39 2.83 -14.29
N GLY E 211 15.23 2.20 -13.47
CA GLY E 211 15.74 2.76 -12.22
C GLY E 211 16.51 4.05 -12.36
N ILE E 212 17.42 4.12 -13.36
CA ILE E 212 18.20 5.31 -13.70
C ILE E 212 17.23 6.40 -14.20
N LYS E 213 16.32 6.05 -15.16
CA LYS E 213 15.32 6.93 -15.75
C LYS E 213 14.53 7.62 -14.65
N HIS E 214 14.04 6.82 -13.68
CA HIS E 214 13.27 7.26 -12.53
C HIS E 214 14.08 8.19 -11.63
N GLN E 215 15.22 7.67 -11.14
CA GLN E 215 16.10 8.39 -10.25
C GLN E 215 16.68 9.71 -10.80
N VAL E 216 16.75 9.88 -12.12
CA VAL E 216 17.23 11.13 -12.71
C VAL E 216 16.12 12.20 -12.64
N ASP E 217 14.89 11.81 -12.99
CA ASP E 217 13.74 12.70 -13.01
C ASP E 217 13.19 13.12 -11.64
N LYS E 218 13.74 12.54 -10.57
CA LYS E 218 13.44 12.91 -9.19
C LYS E 218 14.23 14.21 -8.91
N GLY E 219 14.91 14.70 -9.94
CA GLY E 219 15.71 15.91 -9.95
C GLY E 219 15.48 16.77 -11.19
N PRO E 220 15.63 18.11 -11.08
CA PRO E 220 15.39 18.99 -12.24
C PRO E 220 16.29 18.69 -13.43
N VAL E 221 15.85 19.07 -14.62
CA VAL E 221 16.60 18.82 -15.84
C VAL E 221 16.57 19.99 -16.81
N ASP E 222 17.73 20.33 -17.35
CA ASP E 222 17.86 21.42 -18.30
C ASP E 222 17.68 20.90 -19.71
N SER E 223 16.54 21.24 -20.33
CA SER E 223 16.16 20.83 -21.70
C SER E 223 17.09 21.41 -22.79
N VAL E 224 18.15 22.14 -22.40
CA VAL E 224 19.08 22.75 -23.35
C VAL E 224 20.46 22.12 -23.23
N THR E 225 21.19 22.43 -22.15
CA THR E 225 22.55 21.94 -21.88
C THR E 225 22.58 20.44 -21.72
N GLY E 226 21.64 19.93 -20.94
CA GLY E 226 21.54 18.52 -20.64
C GLY E 226 22.20 18.17 -19.32
N LYS E 227 21.77 18.82 -18.25
CA LYS E 227 22.31 18.55 -16.92
C LYS E 227 21.17 18.29 -15.94
N ALA E 228 21.42 17.46 -14.91
CA ALA E 228 20.41 17.12 -13.90
C ALA E 228 21.00 17.05 -12.50
N LYS E 229 20.13 17.09 -11.47
CA LYS E 229 20.49 17.02 -10.06
C LYS E 229 21.22 15.73 -9.75
N TYR E 230 20.92 14.68 -10.53
CA TYR E 230 21.52 13.36 -10.36
C TYR E 230 22.13 12.84 -11.66
N THR E 231 23.35 12.28 -11.56
CA THR E 231 24.17 11.64 -12.59
C THR E 231 25.43 11.11 -11.93
N LEU E 232 26.25 10.39 -12.70
CA LEU E 232 27.50 9.82 -12.23
C LEU E 232 28.69 10.46 -12.99
N ASN E 233 28.47 11.64 -13.62
CA ASN E 233 29.52 12.33 -14.36
C ASN E 233 29.50 13.85 -14.19
N ASP E 234 30.63 14.44 -13.70
CA ASP E 234 30.77 15.90 -13.49
C ASP E 234 30.56 16.73 -14.75
N ASN E 235 31.04 16.21 -15.89
CA ASN E 235 30.92 16.80 -17.23
C ASN E 235 29.43 16.96 -17.59
N ARG E 236 28.55 16.31 -16.81
CA ARG E 236 27.09 16.29 -16.96
C ARG E 236 26.35 16.76 -15.70
N LEU E 237 27.05 16.84 -14.56
CA LEU E 237 26.44 17.23 -13.29
C LEU E 237 26.03 18.68 -13.28
N LEU E 238 24.79 18.93 -12.86
CA LEU E 238 24.27 20.28 -12.76
C LEU E 238 24.83 20.91 -11.49
N ARG E 239 25.85 21.78 -11.66
CA ARG E 239 26.56 22.45 -10.57
C ARG E 239 25.66 23.40 -9.79
N GLU E 240 24.99 24.31 -10.50
CA GLU E 240 24.07 25.30 -9.95
C GLU E 240 22.81 24.61 -9.47
N ASP E 241 22.10 25.23 -8.52
CA ASP E 241 20.83 24.69 -8.01
C ASP E 241 19.73 25.67 -8.35
N VAL E 242 18.53 25.16 -8.62
CA VAL E 242 17.40 26.00 -8.98
C VAL E 242 16.20 25.76 -8.09
N GLU E 243 15.28 26.73 -8.09
CA GLU E 243 14.06 26.68 -7.32
C GLU E 243 13.06 25.80 -8.04
N TYR E 244 12.96 24.55 -7.57
CA TYR E 244 12.02 23.57 -8.12
C TYR E 244 11.10 22.97 -7.06
N ARG E 245 9.83 22.90 -7.40
CA ARG E 245 8.81 22.31 -6.54
C ARG E 245 8.26 21.08 -7.26
N PRO E 246 7.88 20.00 -6.53
CA PRO E 246 7.38 18.82 -7.24
C PRO E 246 5.89 18.85 -7.53
N LEU E 247 5.53 18.63 -8.79
CA LEU E 247 4.14 18.58 -9.23
C LEU E 247 3.69 17.14 -9.40
N THR E 248 2.40 16.90 -9.23
CA THR E 248 1.78 15.58 -9.37
C THR E 248 0.41 15.84 -9.98
N LEU E 249 0.37 16.00 -11.29
CA LEU E 249 -0.83 16.33 -12.03
C LEU E 249 -1.55 15.18 -12.72
N ASN E 250 -2.89 15.18 -12.64
CA ASN E 250 -3.78 14.20 -13.27
C ASN E 250 -3.73 14.39 -14.80
N ALA E 251 -3.11 13.42 -15.50
CA ALA E 251 -2.93 13.41 -16.94
C ALA E 251 -3.94 12.54 -17.67
N LEU E 252 -4.55 13.09 -18.72
CA LEU E 252 -5.55 12.43 -19.54
C LEU E 252 -5.01 12.14 -20.91
N LEU E 253 -5.47 11.05 -21.54
CA LEU E 253 -5.05 10.87 -22.90
C LEU E 253 -6.25 11.00 -23.79
N ALA E 254 -6.44 12.21 -24.28
CA ALA E 254 -7.57 12.52 -25.12
C ALA E 254 -7.19 12.51 -26.61
N VAL E 255 -7.05 11.31 -27.20
CA VAL E 255 -6.71 11.16 -28.62
C VAL E 255 -7.87 10.51 -29.36
N ALA E 262 -12.21 8.45 -22.12
CA ALA E 262 -10.96 9.10 -21.72
C ALA E 262 -10.66 8.88 -20.20
N GLN E 263 -9.49 8.24 -19.87
CA GLN E 263 -9.08 7.94 -18.48
C GLN E 263 -7.75 8.54 -17.92
N GLY E 264 -7.90 9.23 -16.79
CA GLY E 264 -6.89 9.98 -16.05
C GLY E 264 -5.91 9.22 -15.19
N VAL E 265 -4.62 9.37 -15.52
CA VAL E 265 -3.47 8.74 -14.86
C VAL E 265 -2.65 9.82 -14.12
N PRO E 266 -2.35 9.65 -12.82
CA PRO E 266 -1.53 10.65 -12.13
C PRO E 266 -0.04 10.56 -12.51
N VAL E 267 0.55 11.70 -12.94
CA VAL E 267 1.93 11.86 -13.43
C VAL E 267 2.72 12.79 -12.51
N LYS E 268 3.96 12.42 -12.18
CA LYS E 268 4.83 13.25 -11.33
C LYS E 268 5.87 14.05 -12.14
N VAL E 269 5.62 15.35 -12.34
CA VAL E 269 6.56 16.24 -13.05
C VAL E 269 7.23 17.15 -12.00
N LEU E 270 7.87 18.25 -12.42
CA LEU E 270 8.52 19.27 -11.56
C LEU E 270 8.24 20.62 -12.21
N ASP E 271 7.73 21.60 -11.45
CA ASP E 271 7.36 22.93 -11.93
C ASP E 271 8.33 23.52 -12.95
N CYS E 272 9.63 23.22 -12.79
CA CYS E 272 10.72 23.68 -13.65
C CYS E 272 10.76 23.02 -15.04
N ASP E 273 10.26 21.76 -15.21
CA ASP E 273 10.26 21.03 -16.50
C ASP E 273 9.61 21.84 -17.60
N THR E 274 10.15 21.79 -18.83
CA THR E 274 9.51 22.48 -19.95
C THR E 274 8.31 21.64 -20.34
N ILE E 275 7.32 22.29 -21.00
CA ILE E 275 6.09 21.64 -21.49
C ILE E 275 6.44 20.36 -22.29
N SER E 276 7.66 20.31 -22.92
CA SER E 276 8.17 19.16 -23.66
C SER E 276 8.54 18.02 -22.71
N GLN E 277 9.47 18.25 -21.76
CA GLN E 277 9.89 17.24 -20.78
C GLN E 277 8.64 16.72 -20.05
N ALA E 278 7.74 17.66 -19.65
CA ALA E 278 6.47 17.38 -18.99
C ALA E 278 5.62 16.45 -19.88
N LYS E 279 5.60 16.65 -21.23
CA LYS E 279 4.87 15.80 -22.19
C LYS E 279 5.47 14.40 -22.15
N GLU E 280 6.81 14.27 -22.17
CA GLU E 280 7.47 12.96 -22.12
C GLU E 280 7.18 12.23 -20.84
N LYS E 281 7.37 12.90 -19.67
CA LYS E 281 7.09 12.37 -18.33
C LYS E 281 5.64 11.86 -18.21
N MET E 282 4.68 12.55 -18.90
CA MET E 282 3.25 12.23 -18.98
C MET E 282 3.04 10.97 -19.78
N LEU E 283 3.70 10.88 -20.94
CA LEU E 283 3.61 9.74 -21.84
C LEU E 283 4.13 8.50 -21.18
N ASP E 284 5.25 8.60 -20.46
CA ASP E 284 5.89 7.49 -19.75
C ASP E 284 4.94 6.71 -18.87
N GLN E 285 3.89 7.37 -18.33
CA GLN E 285 2.85 6.75 -17.49
C GLN E 285 1.65 6.40 -18.30
N LEU E 286 1.30 7.26 -19.27
CA LEU E 286 0.16 7.02 -20.15
C LEU E 286 0.40 5.90 -21.17
N TYR E 287 1.63 5.35 -21.23
CA TYR E 287 1.99 4.25 -22.12
C TYR E 287 3.22 3.72 -21.41
N LYS E 288 3.10 3.38 -20.12
CA LYS E 288 3.98 2.57 -19.25
C LYS E 288 4.77 1.38 -19.86
N GLY E 289 4.05 0.39 -20.42
CA GLY E 289 4.66 -0.80 -21.02
C GLY E 289 4.46 -0.97 -22.51
N VAL E 290 4.40 0.14 -23.26
CA VAL E 290 4.22 0.10 -24.70
C VAL E 290 5.58 0.38 -25.36
N PRO E 291 6.08 -0.56 -26.22
CA PRO E 291 7.38 -0.35 -26.87
C PRO E 291 7.36 0.85 -27.79
N LEU E 292 8.47 1.60 -27.82
CA LEU E 292 8.68 2.80 -28.61
C LEU E 292 7.97 2.86 -29.96
N THR E 293 8.15 1.79 -30.79
CA THR E 293 7.58 1.68 -32.14
C THR E 293 6.06 1.64 -32.08
N GLN E 294 5.51 1.02 -31.03
CA GLN E 294 4.07 0.93 -30.82
C GLN E 294 3.51 2.24 -30.23
N ARG E 295 4.35 3.03 -29.53
CA ARG E 295 3.95 4.31 -28.94
C ARG E 295 3.73 5.33 -30.06
N PRO E 296 2.73 6.25 -29.95
CA PRO E 296 2.54 7.25 -31.02
C PRO E 296 3.61 8.33 -30.94
N ASP E 297 3.80 9.06 -32.02
CA ASP E 297 4.81 10.12 -32.09
C ASP E 297 4.42 11.32 -31.18
N PRO E 298 5.37 11.91 -30.40
CA PRO E 298 5.00 13.03 -29.53
C PRO E 298 4.81 14.34 -30.26
N ARG E 299 5.37 14.43 -31.49
CA ARG E 299 5.25 15.61 -32.32
C ARG E 299 3.81 15.73 -32.84
N THR E 300 3.03 14.62 -32.78
CA THR E 300 1.60 14.57 -33.15
C THR E 300 0.75 14.98 -31.97
N LEU E 301 1.36 15.12 -30.79
CA LEU E 301 0.66 15.46 -29.56
C LEU E 301 0.94 16.87 -29.05
N ASP E 302 -0.08 17.45 -28.41
CA ASP E 302 -0.10 18.77 -27.81
C ASP E 302 -0.63 18.69 -26.36
N VAL E 303 0.03 19.40 -25.43
CA VAL E 303 -0.34 19.47 -24.00
C VAL E 303 -1.48 20.55 -23.78
N GLU E 304 -2.60 20.15 -23.15
CA GLU E 304 -3.74 21.04 -22.93
C GLU E 304 -4.19 21.03 -21.47
N TRP E 305 -4.05 22.14 -20.81
CA TRP E 305 -4.44 22.32 -19.40
C TRP E 305 -5.97 22.49 -19.26
N ARG E 306 -6.52 22.21 -18.06
CA ARG E 306 -7.94 22.38 -17.73
C ARG E 306 -8.25 23.02 -16.35
N SER E 307 -9.20 23.98 -16.34
CA SER E 307 -9.66 24.75 -15.18
C SER E 307 -11.14 25.11 -15.30
N GLY E 308 -11.85 24.98 -14.18
CA GLY E 308 -13.25 25.33 -14.05
C GLY E 308 -14.22 24.52 -14.89
N VAL E 309 -15.41 25.11 -15.16
CA VAL E 309 -16.45 24.46 -15.95
C VAL E 309 -15.90 23.91 -17.23
N ALA E 310 -15.27 24.77 -18.04
CA ALA E 310 -14.61 24.34 -19.27
C ALA E 310 -13.20 24.90 -19.30
N GLY E 311 -12.21 24.02 -19.28
CA GLY E 311 -10.82 24.44 -19.28
C GLY E 311 -10.41 24.95 -20.64
N HIS E 312 -9.75 24.08 -21.37
CA HIS E 312 -9.26 24.32 -22.70
C HIS E 312 -8.21 25.36 -23.15
N LEU E 313 -6.93 25.08 -22.85
CA LEU E 313 -5.76 25.94 -23.02
C LEU E 313 -4.55 25.13 -23.39
N ILE E 314 -4.18 25.20 -24.67
CA ILE E 314 -3.07 24.45 -25.27
C ILE E 314 -1.67 25.12 -25.12
N LEU E 315 -0.97 24.74 -24.04
CA LEU E 315 0.37 25.22 -23.70
C LEU E 315 1.41 24.60 -24.62
N SER E 316 2.55 25.29 -24.75
CA SER E 316 3.68 24.85 -25.59
C SER E 316 5.05 25.26 -25.02
N ASP E 317 6.13 24.67 -25.58
CA ASP E 317 7.51 24.93 -25.17
C ASP E 317 7.94 26.39 -25.44
N GLU E 318 7.54 26.93 -26.58
CA GLU E 318 7.90 28.29 -26.98
C GLU E 318 6.75 28.88 -27.81
N ASP E 319 6.14 29.98 -27.29
CA ASP E 319 5.01 30.68 -27.92
C ASP E 319 4.95 32.19 -27.61
N VAL E 320 3.73 32.76 -27.63
CA VAL E 320 3.42 34.16 -27.34
C VAL E 320 3.92 34.59 -25.97
N THR E 321 3.86 33.67 -25.00
CA THR E 321 4.26 33.91 -23.63
C THR E 321 5.74 33.59 -23.33
N SER E 322 6.61 33.49 -24.36
CA SER E 322 8.03 33.23 -24.14
C SER E 322 8.79 34.42 -23.55
N GLU E 323 9.78 34.12 -22.68
CA GLU E 323 10.61 35.10 -21.95
C GLU E 323 11.85 35.61 -22.71
N VAL E 324 11.67 36.62 -23.58
CA VAL E 324 12.78 37.22 -24.32
C VAL E 324 13.48 38.23 -23.41
N GLN E 325 14.82 38.10 -23.27
CA GLN E 325 15.70 38.99 -22.50
C GLN E 325 16.90 39.34 -23.37
N GLY E 326 16.64 40.15 -24.40
CA GLY E 326 17.63 40.57 -25.37
C GLY E 326 17.99 39.39 -26.24
N LEU E 327 19.19 38.85 -26.04
CA LEU E 327 19.64 37.68 -26.79
C LEU E 327 19.33 36.36 -26.07
N TRP E 328 18.63 36.42 -24.92
CA TRP E 328 18.28 35.24 -24.15
C TRP E 328 16.79 35.01 -24.04
N ARG E 329 16.27 34.02 -24.78
CA ARG E 329 14.86 33.67 -24.73
C ARG E 329 14.68 32.34 -24.02
N ARG E 330 13.95 32.35 -22.90
CA ARG E 330 13.69 31.16 -22.10
C ARG E 330 12.56 30.29 -22.66
N LEU E 331 12.56 29.04 -22.25
CA LEU E 331 11.54 28.10 -22.64
C LEU E 331 10.40 28.23 -21.68
N ASN E 332 9.26 27.65 -22.06
CA ASN E 332 8.08 27.69 -21.22
C ASN E 332 7.98 26.42 -20.36
N THR E 333 7.95 26.64 -19.04
CA THR E 333 7.88 25.63 -18.00
C THR E 333 6.45 25.59 -17.39
N LEU E 334 6.21 24.68 -16.45
CA LEU E 334 4.92 24.56 -15.79
C LEU E 334 4.74 25.70 -14.75
N GLN E 335 5.84 26.11 -14.10
CA GLN E 335 5.94 27.20 -13.12
C GLN E 335 5.71 28.52 -13.85
N HIS E 336 6.18 28.57 -15.12
CA HIS E 336 6.09 29.70 -16.03
C HIS E 336 4.64 30.03 -16.37
N TYR E 337 3.79 29.00 -16.52
CA TYR E 337 2.38 29.19 -16.83
C TYR E 337 1.51 29.35 -15.59
N LYS E 338 2.09 29.11 -14.38
CA LYS E 338 1.47 29.13 -13.03
C LYS E 338 0.59 27.88 -12.78
N VAL E 339 0.95 26.76 -13.45
CA VAL E 339 0.26 25.47 -13.37
C VAL E 339 0.37 24.92 -11.96
N PRO E 340 -0.77 24.55 -11.33
CA PRO E 340 -0.73 24.02 -9.95
C PRO E 340 -0.75 22.49 -9.86
N ASP E 341 -0.58 21.96 -8.63
CA ASP E 341 -0.61 20.52 -8.40
C ASP E 341 -2.04 20.03 -8.62
N GLY E 342 -2.18 18.87 -9.27
CA GLY E 342 -3.46 18.26 -9.57
C GLY E 342 -4.16 18.79 -10.80
N ALA E 343 -3.47 19.66 -11.58
CA ALA E 343 -3.98 20.26 -12.81
C ALA E 343 -4.38 19.21 -13.84
N THR E 344 -5.53 19.38 -14.49
CA THR E 344 -5.94 18.41 -15.50
C THR E 344 -5.32 18.77 -16.82
N VAL E 345 -4.27 18.03 -17.15
CA VAL E 345 -3.49 18.17 -18.37
C VAL E 345 -3.83 17.00 -19.28
N ALA E 346 -4.15 17.31 -20.54
CA ALA E 346 -4.48 16.28 -21.52
C ALA E 346 -3.54 16.33 -22.70
N LEU E 347 -3.19 15.16 -23.19
CA LEU E 347 -2.37 15.09 -24.37
C LEU E 347 -3.35 14.87 -25.49
N VAL E 348 -3.58 15.95 -26.24
CA VAL E 348 -4.50 16.02 -27.37
C VAL E 348 -3.73 16.11 -28.69
N PRO E 349 -4.32 15.74 -29.84
CA PRO E 349 -3.57 15.79 -31.10
C PRO E 349 -3.12 17.16 -31.56
N CYS E 350 -2.20 17.21 -32.52
CA CYS E 350 -1.68 18.45 -33.04
C CYS E 350 -2.53 19.09 -34.11
N LEU E 351 -2.64 20.42 -33.96
CA LEU E 351 -3.40 21.37 -34.79
C LEU E 351 -2.56 22.07 -35.88
N THR E 352 -1.35 22.59 -35.52
CA THR E 352 -0.40 23.32 -36.38
C THR E 352 -1.02 24.54 -37.08
N GLY E 378 18.35 35.70 -34.27
CA GLY E 378 19.23 34.65 -33.75
C GLY E 378 19.35 34.68 -32.25
N ILE E 379 18.20 34.67 -31.55
CA ILE E 379 18.10 34.67 -30.08
C ILE E 379 18.51 33.32 -29.52
N ARG E 380 19.39 33.31 -28.52
CA ARG E 380 19.87 32.08 -27.89
C ARG E 380 18.83 31.51 -26.91
N PRO E 381 18.46 30.22 -27.04
CA PRO E 381 17.49 29.62 -26.11
C PRO E 381 18.13 28.98 -24.88
N TRP E 382 17.43 29.05 -23.73
CA TRP E 382 17.92 28.52 -22.46
C TRP E 382 16.80 28.02 -21.56
N HIS E 383 17.16 27.32 -20.46
CA HIS E 383 16.19 26.80 -19.50
C HIS E 383 16.56 27.06 -18.03
N LEU E 384 17.65 26.45 -17.53
CA LEU E 384 18.04 26.66 -16.13
C LEU E 384 19.37 27.33 -15.95
N VAL E 385 20.34 26.91 -16.75
CA VAL E 385 21.66 27.51 -16.74
C VAL E 385 21.99 27.87 -18.19
N LYS E 386 22.25 29.16 -18.44
CA LYS E 386 22.61 29.63 -19.78
C LYS E 386 24.00 29.10 -20.13
N PRO E 387 24.24 28.62 -21.38
CA PRO E 387 25.58 28.12 -21.73
C PRO E 387 26.71 29.16 -21.69
N SER E 388 27.99 28.71 -21.62
CA SER E 388 29.17 29.58 -21.55
C SER E 388 29.38 30.47 -22.78
N ILE E 412 43.77 22.23 -9.79
CA ILE E 412 43.37 21.08 -10.62
C ILE E 412 41.82 20.86 -10.64
N PRO E 413 41.27 19.94 -11.49
CA PRO E 413 39.80 19.72 -11.55
C PRO E 413 38.96 19.47 -10.26
N GLU E 414 37.76 20.11 -10.17
CA GLU E 414 36.84 19.95 -9.04
C GLU E 414 35.91 18.78 -9.27
N ILE E 415 35.67 18.01 -8.22
CA ILE E 415 34.88 16.79 -8.34
C ILE E 415 33.41 16.50 -7.90
N TYR E 416 33.04 16.85 -6.64
CA TYR E 416 31.71 16.84 -5.97
C TYR E 416 31.36 15.36 -5.79
N LEU E 417 32.29 14.57 -5.22
CA LEU E 417 32.13 13.23 -4.67
C LEU E 417 30.78 12.99 -3.97
N THR E 418 30.39 13.89 -3.06
CA THR E 418 29.13 13.90 -2.30
C THR E 418 27.86 13.82 -3.15
N ARG E 419 27.80 14.55 -4.26
CA ARG E 419 26.66 14.61 -5.18
C ARG E 419 26.48 13.32 -5.97
N LEU E 420 27.59 12.75 -6.46
CA LEU E 420 27.61 11.53 -7.27
C LEU E 420 27.32 10.28 -6.43
N LEU E 421 27.83 10.24 -5.16
CA LEU E 421 27.65 9.11 -4.23
C LEU E 421 26.19 8.85 -3.90
N SER E 422 25.36 9.92 -3.86
CA SER E 422 23.91 9.90 -3.64
C SER E 422 23.22 9.15 -4.80
N MET E 423 23.68 9.46 -6.03
CA MET E 423 23.23 8.84 -7.26
C MET E 423 23.70 7.36 -7.31
N LYS E 424 25.04 7.09 -7.12
CA LYS E 424 25.65 5.73 -7.08
C LYS E 424 24.89 4.87 -6.12
N GLY E 425 24.71 5.43 -4.92
CA GLY E 425 24.00 4.87 -3.77
C GLY E 425 22.55 4.49 -4.06
N THR E 426 21.87 5.24 -4.95
CA THR E 426 20.50 4.90 -5.34
C THR E 426 20.52 3.68 -6.28
N LEU E 427 21.33 3.80 -7.34
CA LEU E 427 21.53 2.83 -8.40
C LEU E 427 22.27 1.56 -8.00
N GLN E 428 23.00 1.59 -6.86
CA GLN E 428 23.69 0.41 -6.35
C GLN E 428 22.78 -0.78 -6.33
N LYS E 429 21.56 -0.58 -5.80
CA LYS E 429 20.50 -1.56 -5.73
C LYS E 429 20.57 -2.62 -6.87
N PHE E 430 20.43 -2.19 -8.16
CA PHE E 430 20.41 -3.00 -9.39
C PHE E 430 21.76 -3.17 -10.02
N VAL E 431 22.74 -2.29 -9.64
CA VAL E 431 24.12 -2.38 -10.12
C VAL E 431 24.60 -3.76 -9.66
N ASP E 432 24.55 -4.02 -8.33
CA ASP E 432 24.93 -5.28 -7.68
C ASP E 432 24.33 -6.43 -8.49
N ASP E 433 22.98 -6.43 -8.61
CA ASP E 433 22.12 -7.42 -9.26
C ASP E 433 22.46 -7.71 -10.70
N LEU E 434 22.66 -6.67 -11.52
CA LEU E 434 23.01 -6.87 -12.92
C LEU E 434 24.33 -7.66 -13.04
N PHE E 435 25.34 -7.29 -12.25
CA PHE E 435 26.66 -7.93 -12.26
C PHE E 435 26.57 -9.33 -11.66
N GLN E 436 25.82 -9.49 -10.54
CA GLN E 436 25.61 -10.77 -9.86
C GLN E 436 24.88 -11.79 -10.72
N VAL E 437 24.35 -11.36 -11.90
CA VAL E 437 23.64 -12.16 -12.92
C VAL E 437 24.55 -12.48 -14.10
N ILE E 438 25.29 -11.47 -14.57
CA ILE E 438 26.24 -11.62 -15.67
C ILE E 438 27.34 -12.56 -15.19
N LEU E 439 27.90 -12.28 -14.00
CA LEU E 439 28.96 -13.02 -13.33
C LEU E 439 28.41 -14.08 -12.38
N SER E 440 27.32 -14.75 -12.79
CA SER E 440 26.69 -15.77 -11.99
C SER E 440 27.31 -17.15 -12.11
N THR E 441 27.59 -17.72 -10.94
CA THR E 441 28.12 -19.07 -10.74
C THR E 441 26.96 -20.03 -10.37
N SER E 442 25.91 -19.48 -9.72
CA SER E 442 24.67 -20.13 -9.28
C SER E 442 23.99 -20.84 -10.46
N ARG E 443 23.91 -20.13 -11.60
CA ARG E 443 23.38 -20.61 -12.87
C ARG E 443 24.54 -21.33 -13.60
N PRO E 444 24.27 -22.27 -14.54
CA PRO E 444 25.38 -22.93 -15.24
C PRO E 444 26.01 -22.01 -16.30
N VAL E 445 27.25 -22.35 -16.71
CA VAL E 445 28.00 -21.60 -17.72
C VAL E 445 27.39 -21.86 -19.10
N PRO E 446 26.98 -20.78 -19.82
CA PRO E 446 26.43 -20.96 -21.18
C PRO E 446 27.46 -21.63 -22.10
N LEU E 447 27.01 -22.55 -22.99
CA LEU E 447 27.94 -23.28 -23.85
C LEU E 447 28.86 -22.43 -24.69
N ALA E 448 28.32 -21.37 -25.35
CA ALA E 448 29.06 -20.42 -26.17
C ALA E 448 30.26 -19.79 -25.43
N VAL E 449 30.08 -19.51 -24.13
CA VAL E 449 31.09 -18.95 -23.24
C VAL E 449 32.14 -20.04 -23.00
N LYS E 450 31.73 -21.16 -22.33
CA LYS E 450 32.57 -22.31 -21.99
C LYS E 450 33.42 -22.81 -23.15
N TYR E 451 32.83 -22.90 -24.34
CA TYR E 451 33.49 -23.34 -25.55
C TYR E 451 34.61 -22.39 -25.93
N PHE E 452 34.28 -21.10 -25.98
CA PHE E 452 35.19 -20.04 -26.34
C PHE E 452 36.38 -19.89 -25.39
N PHE E 453 36.12 -19.89 -24.08
CA PHE E 453 37.18 -19.72 -23.07
C PHE E 453 38.09 -20.94 -23.01
N ASP E 454 37.64 -22.07 -23.59
CA ASP E 454 38.41 -23.30 -23.71
C ASP E 454 39.04 -23.31 -25.12
N LEU E 455 38.51 -22.47 -26.03
CA LEU E 455 39.06 -22.29 -27.37
C LEU E 455 40.33 -21.45 -27.20
N LEU E 456 40.33 -20.57 -26.19
CA LEU E 456 41.48 -19.74 -25.85
C LEU E 456 42.53 -20.60 -25.12
N ASP E 457 42.08 -21.46 -24.16
CA ASP E 457 42.95 -22.34 -23.36
C ASP E 457 43.71 -23.34 -24.23
N GLU E 458 43.11 -23.73 -25.36
CA GLU E 458 43.71 -24.63 -26.35
C GLU E 458 44.85 -23.85 -27.03
N GLN E 459 44.63 -22.56 -27.32
CA GLN E 459 45.59 -21.66 -27.96
C GLN E 459 46.75 -21.29 -27.04
N ALA E 460 46.48 -21.18 -25.72
CA ALA E 460 47.45 -20.82 -24.69
C ALA E 460 48.61 -21.80 -24.57
N GLN E 461 48.33 -23.11 -24.74
CA GLN E 461 49.34 -24.16 -24.67
C GLN E 461 50.08 -24.36 -25.99
N GLN E 462 49.47 -23.93 -27.12
CA GLN E 462 50.04 -24.04 -28.46
C GLN E 462 51.24 -23.10 -28.66
N HIS E 463 51.27 -21.99 -27.90
CA HIS E 463 52.32 -20.99 -28.00
C HIS E 463 53.13 -20.82 -26.71
N GLY E 464 52.78 -21.63 -25.71
CA GLY E 464 53.45 -21.70 -24.41
C GLY E 464 53.36 -20.47 -23.52
N ILE E 465 52.18 -20.22 -22.94
CA ILE E 465 51.94 -19.11 -22.02
C ILE E 465 51.33 -19.68 -20.73
N SER E 466 52.17 -19.91 -19.72
CA SER E 466 51.75 -20.45 -18.41
C SER E 466 51.02 -19.39 -17.61
N ASP E 467 51.40 -18.12 -17.82
CA ASP E 467 50.83 -16.94 -17.15
C ASP E 467 49.35 -16.77 -17.49
N GLN E 468 48.48 -17.01 -16.48
CA GLN E 468 47.02 -16.91 -16.61
C GLN E 468 46.53 -15.45 -16.62
N ASP E 469 47.40 -14.51 -16.17
CA ASP E 469 47.12 -13.07 -16.15
C ASP E 469 47.11 -12.54 -17.59
N THR E 470 47.99 -13.09 -18.46
CA THR E 470 48.05 -12.75 -19.88
C THR E 470 46.83 -13.39 -20.55
N ILE E 471 46.44 -14.61 -20.10
CA ILE E 471 45.28 -15.39 -20.58
C ILE E 471 43.97 -14.67 -20.26
N HIS E 472 43.84 -14.17 -19.02
CA HIS E 472 42.67 -13.47 -18.52
C HIS E 472 42.24 -12.24 -19.35
N ILE E 473 43.18 -11.39 -19.80
CA ILE E 473 42.86 -10.19 -20.61
C ILE E 473 42.43 -10.51 -22.04
N TRP E 474 42.74 -11.73 -22.52
CA TRP E 474 42.26 -12.20 -23.81
C TRP E 474 40.87 -12.72 -23.55
N LYS E 475 40.64 -13.33 -22.35
CA LYS E 475 39.37 -13.88 -21.88
C LYS E 475 38.36 -12.75 -21.58
N THR E 476 38.84 -11.68 -20.90
CA THR E 476 38.06 -10.47 -20.53
C THR E 476 37.64 -9.72 -21.83
N ASN E 477 38.62 -9.28 -22.66
CA ASN E 477 38.38 -8.66 -23.96
C ASN E 477 37.85 -9.69 -25.01
N SER E 478 36.85 -10.52 -24.64
CA SER E 478 36.32 -11.63 -25.44
C SER E 478 34.93 -11.33 -24.93
N LEU E 479 34.53 -12.02 -23.86
CA LEU E 479 33.15 -12.13 -23.51
C LEU E 479 32.71 -10.86 -22.77
N PRO E 480 33.20 -10.49 -21.55
CA PRO E 480 32.69 -9.26 -20.91
C PRO E 480 32.98 -7.88 -21.48
N LEU E 481 34.27 -7.56 -21.68
CA LEU E 481 34.78 -6.31 -22.28
C LEU E 481 34.61 -6.22 -23.83
N ARG E 482 34.07 -7.28 -24.40
CA ARG E 482 33.76 -7.26 -25.80
C ARG E 482 32.25 -7.14 -25.86
N PHE E 483 31.54 -8.18 -25.38
CA PHE E 483 30.09 -8.27 -25.40
C PHE E 483 29.32 -7.55 -24.29
N TRP E 484 29.40 -8.01 -23.01
CA TRP E 484 28.69 -7.46 -21.85
C TRP E 484 28.78 -5.97 -21.64
N ILE E 485 29.95 -5.41 -21.94
CA ILE E 485 30.28 -4.00 -21.83
C ILE E 485 29.38 -3.15 -22.70
N ASN E 486 29.05 -3.63 -23.91
CA ASN E 486 28.23 -2.97 -24.92
C ASN E 486 26.79 -2.84 -24.57
N ILE E 487 26.24 -3.89 -23.96
CA ILE E 487 24.86 -3.96 -23.58
C ILE E 487 24.60 -3.03 -22.39
N ILE E 488 25.55 -2.98 -21.43
CA ILE E 488 25.46 -2.09 -20.27
C ILE E 488 25.55 -0.67 -20.82
N LYS E 489 26.62 -0.41 -21.60
CA LYS E 489 26.96 0.86 -22.28
C LYS E 489 25.78 1.39 -23.07
N ASN E 490 25.27 0.55 -24.00
CA ASN E 490 24.13 0.92 -24.80
C ASN E 490 23.02 -0.12 -24.64
N PRO E 491 21.87 0.26 -24.01
CA PRO E 491 20.78 -0.70 -23.81
C PRO E 491 19.79 -0.78 -24.97
N GLN E 492 19.89 0.14 -25.95
CA GLN E 492 19.04 0.20 -27.13
C GLN E 492 19.23 -1.03 -28.02
N PHE E 493 20.08 -1.98 -27.61
CA PHE E 493 20.36 -3.20 -28.36
C PHE E 493 19.45 -4.32 -28.00
N VAL E 494 18.86 -4.25 -26.81
CA VAL E 494 17.96 -5.28 -26.32
C VAL E 494 16.54 -4.76 -26.24
N PHE E 495 16.39 -3.49 -25.90
CA PHE E 495 15.10 -2.89 -25.67
C PHE E 495 14.66 -1.86 -26.67
N ASP E 496 13.37 -1.85 -26.99
CA ASP E 496 12.85 -0.83 -27.88
C ASP E 496 12.59 0.37 -26.98
N VAL E 497 13.66 1.16 -26.75
CA VAL E 497 13.66 2.33 -25.85
C VAL E 497 14.39 3.54 -26.42
N GLN E 498 14.02 4.76 -25.95
CA GLN E 498 14.67 6.04 -26.29
C GLN E 498 15.62 6.31 -25.12
N THR E 499 16.91 6.30 -25.42
CA THR E 499 17.92 6.49 -24.38
C THR E 499 18.34 7.97 -24.28
N SER E 500 18.28 8.52 -23.06
CA SER E 500 18.67 9.90 -22.81
C SER E 500 20.20 10.05 -22.95
N ASP E 501 20.64 11.29 -23.14
CA ASP E 501 22.05 11.64 -23.29
C ASP E 501 22.72 11.42 -21.94
N ASN E 502 22.14 12.04 -20.85
CA ASN E 502 22.59 11.94 -19.46
C ASN E 502 22.49 10.49 -18.97
N MET E 503 21.56 9.72 -19.57
CA MET E 503 21.32 8.31 -19.30
C MET E 503 22.52 7.53 -19.71
N ASP E 504 23.02 7.83 -20.91
CA ASP E 504 24.18 7.15 -21.44
C ASP E 504 25.44 7.41 -20.66
N ALA E 505 25.64 8.66 -20.15
CA ALA E 505 26.79 9.05 -19.31
C ALA E 505 26.78 8.23 -18.02
N VAL E 506 25.56 7.98 -17.46
CA VAL E 506 25.35 7.18 -16.27
C VAL E 506 25.74 5.73 -16.58
N LEU E 507 25.07 5.10 -17.58
CA LEU E 507 25.28 3.73 -18.06
C LEU E 507 26.71 3.41 -18.42
N LEU E 508 27.37 4.33 -19.13
CA LEU E 508 28.76 4.20 -19.50
C LEU E 508 29.62 4.13 -18.24
N VAL E 509 29.32 4.98 -17.22
CA VAL E 509 30.04 4.99 -15.94
C VAL E 509 29.78 3.71 -15.08
N ILE E 510 28.73 2.93 -15.44
CA ILE E 510 28.43 1.62 -14.85
C ILE E 510 29.24 0.57 -15.64
N ALA E 511 29.40 0.77 -16.97
CA ALA E 511 30.18 -0.10 -17.84
C ALA E 511 31.65 0.04 -17.51
N GLN E 512 32.14 1.26 -17.26
CA GLN E 512 33.54 1.48 -16.87
C GLN E 512 33.83 1.09 -15.44
N THR E 513 32.78 0.79 -14.65
CA THR E 513 32.90 0.29 -13.27
C THR E 513 33.02 -1.25 -13.35
N PHE E 514 32.21 -1.88 -14.22
CA PHE E 514 32.20 -3.32 -14.48
C PHE E 514 33.55 -3.73 -15.07
N MET E 515 34.02 -2.92 -16.01
CA MET E 515 35.25 -3.08 -16.74
C MET E 515 36.45 -3.11 -15.81
N ASP E 516 36.55 -2.13 -14.88
CA ASP E 516 37.63 -1.99 -13.89
C ASP E 516 37.71 -3.22 -12.97
N ALA E 517 36.57 -3.95 -12.81
CA ALA E 517 36.42 -5.17 -12.02
C ALA E 517 36.95 -6.36 -12.79
N CYS E 518 36.72 -6.36 -14.12
CA CYS E 518 37.17 -7.39 -15.04
C CYS E 518 38.70 -7.40 -15.05
N THR E 519 39.30 -6.32 -15.58
CA THR E 519 40.73 -6.13 -15.66
C THR E 519 41.36 -6.07 -14.25
N LEU E 520 42.44 -6.85 -14.03
CA LEU E 520 43.16 -7.00 -12.76
C LEU E 520 43.82 -5.73 -12.19
N ALA E 521 44.07 -4.70 -13.02
CA ALA E 521 44.70 -3.45 -12.60
C ALA E 521 43.69 -2.33 -12.33
N PRO E 530 39.76 7.81 -11.66
CA PRO E 530 39.15 9.13 -11.92
C PRO E 530 37.86 9.36 -11.07
N ILE E 531 36.70 9.48 -11.73
CA ILE E 531 35.43 9.56 -11.00
C ILE E 531 35.16 8.08 -10.64
N ASN E 532 34.82 7.30 -11.68
CA ASN E 532 34.50 5.87 -11.64
C ASN E 532 35.43 5.01 -10.80
N LYS E 533 36.72 5.35 -10.71
CA LYS E 533 37.64 4.56 -9.90
C LYS E 533 37.43 4.82 -8.42
N LEU E 534 37.73 6.04 -7.95
CA LEU E 534 37.53 6.34 -6.53
C LEU E 534 36.12 6.87 -6.26
N LEU E 535 35.11 6.15 -6.80
CA LEU E 535 33.67 6.36 -6.61
C LEU E 535 33.13 5.03 -6.14
N TYR E 536 33.28 4.03 -7.00
CA TYR E 536 32.83 2.68 -6.72
C TYR E 536 33.94 1.85 -6.04
N ALA E 537 35.07 2.49 -5.62
CA ALA E 537 36.19 1.88 -4.88
C ALA E 537 35.79 0.97 -3.71
N ARG E 538 34.55 1.13 -3.19
CA ARG E 538 33.98 0.29 -2.14
C ARG E 538 33.61 -1.07 -2.73
N ASP E 539 32.82 -1.05 -3.83
CA ASP E 539 32.30 -2.21 -4.54
C ASP E 539 33.22 -2.83 -5.60
N ILE E 540 34.24 -2.10 -6.09
CA ILE E 540 35.19 -2.63 -7.08
C ILE E 540 36.04 -3.85 -6.55
N PRO E 541 36.53 -3.89 -5.27
CA PRO E 541 37.24 -5.10 -4.81
C PRO E 541 36.29 -6.28 -4.61
N ARG E 542 34.97 -6.00 -4.54
CA ARG E 542 33.89 -6.97 -4.36
C ARG E 542 33.58 -7.60 -5.71
N TYR E 543 33.56 -6.78 -6.79
CA TYR E 543 33.31 -7.28 -8.14
C TYR E 543 34.51 -8.04 -8.67
N LYS E 544 35.75 -7.63 -8.29
CA LYS E 544 36.98 -8.33 -8.69
C LYS E 544 36.95 -9.77 -8.16
N ARG E 545 36.26 -9.99 -7.01
CA ARG E 545 36.06 -11.30 -6.42
C ARG E 545 35.17 -12.06 -7.38
N MET E 546 34.00 -11.48 -7.74
CA MET E 546 33.01 -12.06 -8.66
C MET E 546 33.57 -12.48 -9.99
N VAL E 547 34.55 -11.73 -10.53
CA VAL E 547 35.20 -12.03 -11.80
C VAL E 547 35.98 -13.34 -11.70
N GLU E 548 36.85 -13.45 -10.69
CA GLU E 548 37.62 -14.67 -10.45
C GLU E 548 36.65 -15.81 -10.16
N ARG E 549 35.66 -15.59 -9.27
CA ARG E 549 34.61 -16.56 -8.91
C ARG E 549 33.94 -17.11 -10.16
N TYR E 550 33.75 -16.29 -11.20
CA TYR E 550 33.16 -16.69 -12.47
C TYR E 550 34.13 -17.47 -13.31
N TYR E 551 35.42 -17.13 -13.29
CA TYR E 551 36.43 -17.82 -14.07
C TYR E 551 36.82 -19.15 -13.45
N ALA E 552 36.37 -19.39 -12.21
CA ALA E 552 36.59 -20.65 -11.50
C ALA E 552 35.72 -21.70 -12.16
N ASP E 553 34.42 -21.36 -12.38
CA ASP E 553 33.44 -22.22 -13.04
C ASP E 553 33.87 -22.53 -14.48
N ILE E 554 34.37 -21.50 -15.20
CA ILE E 554 34.89 -21.57 -16.59
C ILE E 554 35.91 -22.71 -16.79
N ARG E 555 36.68 -23.06 -15.74
CA ARG E 555 37.67 -24.12 -15.81
C ARG E 555 37.20 -25.38 -15.10
N GLN E 556 36.54 -25.22 -13.94
CA GLN E 556 36.04 -26.33 -13.12
C GLN E 556 34.92 -27.14 -13.74
N THR E 557 34.09 -26.55 -14.60
CA THR E 557 32.98 -27.27 -15.22
C THR E 557 33.43 -28.17 -16.38
N VAL E 558 32.52 -29.05 -16.83
CA VAL E 558 32.73 -30.01 -17.92
C VAL E 558 32.99 -29.27 -19.23
N PRO E 559 34.13 -29.52 -19.93
CA PRO E 559 34.36 -28.83 -21.20
C PRO E 559 33.34 -29.24 -22.25
N ALA E 560 33.08 -28.34 -23.21
CA ALA E 560 32.09 -28.52 -24.27
C ALA E 560 32.72 -29.15 -25.49
N SER E 561 32.15 -30.29 -25.92
CA SER E 561 32.60 -31.03 -27.11
C SER E 561 32.17 -30.29 -28.36
N ASP E 562 33.06 -30.25 -29.37
CA ASP E 562 32.79 -29.59 -30.65
C ASP E 562 31.64 -30.29 -31.39
N GLN E 563 31.48 -31.59 -31.14
CA GLN E 563 30.45 -32.50 -31.65
C GLN E 563 29.09 -32.04 -31.09
N GLU E 564 29.09 -31.68 -29.80
CA GLU E 564 27.99 -31.19 -28.98
C GLU E 564 27.73 -29.69 -29.28
N MET E 565 28.78 -28.97 -29.71
CA MET E 565 28.74 -27.54 -30.04
C MET E 565 27.97 -27.24 -31.32
N ASN E 566 28.52 -27.65 -32.50
CA ASN E 566 27.91 -27.42 -33.83
C ASN E 566 26.44 -27.87 -33.92
N SER E 567 25.99 -28.65 -32.90
CA SER E 567 24.63 -29.13 -32.70
C SER E 567 23.75 -27.92 -32.33
N VAL E 568 24.32 -27.01 -31.53
CA VAL E 568 23.67 -25.78 -31.09
C VAL E 568 23.80 -24.71 -32.16
N LEU E 569 24.98 -24.62 -32.80
CA LEU E 569 25.26 -23.63 -33.85
C LEU E 569 24.34 -23.74 -35.06
N ALA E 570 23.86 -24.97 -35.35
CA ALA E 570 22.96 -25.22 -36.47
C ALA E 570 21.57 -24.68 -36.16
N GLU E 571 21.03 -24.97 -34.94
CA GLU E 571 19.71 -24.51 -34.52
C GLU E 571 19.57 -22.99 -34.41
N LEU E 572 20.69 -22.27 -34.59
CA LEU E 572 20.74 -20.80 -34.56
C LEU E 572 20.59 -20.15 -35.94
N SER E 573 20.78 -20.94 -37.01
CA SER E 573 20.57 -20.52 -38.39
C SER E 573 19.08 -20.80 -38.65
N TRP E 574 18.52 -21.75 -37.88
CA TRP E 574 17.14 -22.21 -37.84
C TRP E 574 16.32 -21.10 -37.21
N ASN E 575 16.50 -20.92 -35.88
CA ASN E 575 15.81 -19.97 -35.00
C ASN E 575 16.04 -18.46 -35.28
N TYR E 576 16.90 -18.17 -36.28
CA TYR E 576 17.12 -16.86 -36.86
C TYR E 576 15.94 -16.81 -37.87
N SER E 577 14.89 -16.01 -37.54
CA SER E 577 13.62 -15.90 -38.30
C SER E 577 13.71 -15.72 -39.84
N GLY E 578 14.29 -14.61 -40.30
CA GLY E 578 14.40 -14.34 -41.72
C GLY E 578 15.74 -13.79 -42.20
N ASP E 579 15.78 -13.40 -43.50
CA ASP E 579 16.77 -12.62 -44.24
C ASP E 579 17.11 -11.28 -43.59
N LEU E 580 18.29 -11.22 -42.96
CA LEU E 580 18.79 -10.01 -42.29
C LEU E 580 19.29 -8.97 -43.33
N GLY E 581 19.27 -9.36 -44.62
CA GLY E 581 19.67 -8.54 -45.76
C GLY E 581 20.77 -9.13 -46.64
N ALA E 582 20.95 -10.47 -46.58
CA ALA E 582 21.97 -11.24 -47.30
C ALA E 582 22.25 -10.86 -48.76
N ARG E 583 21.19 -10.46 -49.52
CA ARG E 583 21.30 -10.03 -50.93
C ARG E 583 22.30 -8.90 -50.98
N VAL E 584 21.92 -7.79 -50.33
CA VAL E 584 22.68 -6.55 -50.19
C VAL E 584 24.03 -6.85 -49.60
N ALA E 585 24.08 -7.76 -48.59
CA ALA E 585 25.31 -8.16 -47.93
C ALA E 585 26.34 -8.65 -48.95
N LEU E 586 25.91 -9.47 -49.92
CA LEU E 586 26.81 -9.97 -50.95
C LEU E 586 27.23 -8.87 -51.94
N HIS E 587 26.25 -8.05 -52.40
CA HIS E 587 26.45 -6.92 -53.32
C HIS E 587 27.41 -5.87 -52.71
N GLU E 588 27.19 -5.51 -51.41
CA GLU E 588 28.00 -4.57 -50.64
C GLU E 588 29.40 -5.12 -50.42
N LEU E 589 29.51 -6.45 -50.23
CA LEU E 589 30.79 -7.12 -50.07
C LEU E 589 31.53 -7.11 -51.40
N TYR E 590 30.79 -7.17 -52.54
CA TYR E 590 31.40 -7.07 -53.87
C TYR E 590 31.90 -5.63 -54.10
N LYS E 591 31.20 -4.61 -53.54
CA LYS E 591 31.60 -3.21 -53.63
C LYS E 591 33.03 -3.02 -53.13
N TYR E 592 33.42 -3.81 -52.10
CA TYR E 592 34.77 -3.87 -51.55
C TYR E 592 35.70 -4.55 -52.57
N ILE E 593 35.42 -5.82 -52.91
CA ILE E 593 36.15 -6.64 -53.88
C ILE E 593 36.49 -5.82 -55.13
N ASN E 594 35.49 -5.10 -55.70
CA ASN E 594 35.62 -4.24 -56.87
C ASN E 594 36.76 -3.21 -56.74
N LYS E 595 36.89 -2.58 -55.56
CA LYS E 595 37.92 -1.57 -55.31
C LYS E 595 39.32 -2.17 -55.10
N TYR E 596 39.40 -3.27 -54.35
CA TYR E 596 40.68 -3.90 -54.02
C TYR E 596 41.00 -5.13 -54.87
N TYR E 597 40.29 -5.26 -56.01
CA TYR E 597 40.36 -6.37 -56.97
C TYR E 597 41.71 -7.03 -57.20
N ASP E 598 42.70 -6.25 -57.65
CA ASP E 598 44.02 -6.74 -58.02
C ASP E 598 44.87 -7.22 -56.86
N GLN E 599 44.83 -6.50 -55.72
CA GLN E 599 45.55 -6.83 -54.49
C GLN E 599 45.12 -8.20 -54.02
N ILE E 600 43.86 -8.55 -54.33
CA ILE E 600 43.28 -9.84 -54.02
C ILE E 600 43.85 -10.91 -54.96
N ILE E 601 43.93 -10.62 -56.28
CA ILE E 601 44.51 -11.52 -57.29
C ILE E 601 45.92 -11.98 -56.87
N THR E 602 46.67 -11.09 -56.20
CA THR E 602 48.01 -11.31 -55.66
C THR E 602 48.01 -12.56 -54.78
N ALA E 603 47.24 -12.53 -53.67
CA ALA E 603 47.10 -13.64 -52.73
C ALA E 603 46.38 -14.81 -53.36
N LEU E 604 45.53 -14.54 -54.37
CA LEU E 604 44.77 -15.56 -55.10
C LEU E 604 45.66 -16.49 -55.91
N GLU E 605 46.85 -16.02 -56.33
CA GLU E 605 47.76 -16.84 -57.11
C GLU E 605 49.15 -17.06 -56.52
N GLU E 606 49.55 -16.24 -55.52
CA GLU E 606 50.85 -16.39 -54.83
C GLU E 606 50.87 -17.70 -54.02
N ASP E 607 49.68 -18.22 -53.67
CA ASP E 607 49.51 -19.46 -52.94
C ASP E 607 49.32 -20.64 -53.90
N GLY E 608 49.98 -21.74 -53.57
CA GLY E 608 49.96 -22.98 -54.32
C GLY E 608 48.62 -23.68 -54.37
N THR E 609 47.98 -23.86 -53.19
CA THR E 609 46.68 -24.50 -53.08
C THR E 609 45.61 -23.65 -53.78
N ALA E 610 45.76 -22.31 -53.74
CA ALA E 610 44.86 -21.33 -54.37
C ALA E 610 44.82 -21.47 -55.89
N GLN E 611 45.95 -21.91 -56.48
CA GLN E 611 46.08 -22.18 -57.90
C GLN E 611 45.26 -23.46 -58.20
N LYS E 612 45.50 -24.53 -57.39
CA LYS E 612 44.83 -25.85 -57.47
C LYS E 612 43.31 -25.72 -57.36
N MET E 613 42.85 -24.86 -56.44
CA MET E 613 41.44 -24.58 -56.18
C MET E 613 40.79 -23.82 -57.34
N GLN E 614 41.62 -23.15 -58.19
CA GLN E 614 41.20 -22.33 -59.33
C GLN E 614 40.35 -21.17 -58.80
N LEU E 615 40.79 -20.61 -57.66
CA LEU E 615 40.10 -19.53 -56.98
C LEU E 615 40.07 -18.27 -57.80
N GLY E 616 41.21 -17.92 -58.40
CA GLY E 616 41.38 -16.75 -59.24
C GLY E 616 40.28 -16.65 -60.29
N TYR E 617 40.12 -17.72 -61.08
CA TYR E 617 39.12 -17.84 -62.14
C TYR E 617 37.70 -17.80 -61.56
N ARG E 618 37.47 -18.46 -60.40
CA ARG E 618 36.18 -18.47 -59.73
C ARG E 618 35.73 -17.03 -59.50
N LEU E 619 36.64 -16.19 -58.97
CA LEU E 619 36.41 -14.78 -58.72
C LEU E 619 36.17 -14.03 -60.03
N GLN E 620 37.09 -14.20 -61.01
CA GLN E 620 37.03 -13.57 -62.33
C GLN E 620 35.66 -13.76 -62.96
N GLN E 621 35.10 -14.98 -62.87
CA GLN E 621 33.77 -15.33 -63.38
C GLN E 621 32.69 -14.48 -62.73
N ILE E 622 32.78 -14.29 -61.40
CA ILE E 622 31.82 -13.49 -60.65
C ILE E 622 32.02 -12.01 -60.98
N ALA E 623 33.28 -11.58 -61.11
CA ALA E 623 33.64 -10.20 -61.42
C ALA E 623 32.93 -9.73 -62.69
N ALA E 624 32.95 -10.57 -63.74
CA ALA E 624 32.31 -10.29 -65.01
C ALA E 624 30.79 -10.43 -64.91
N ALA E 625 30.30 -11.31 -64.03
CA ALA E 625 28.87 -11.56 -63.82
C ALA E 625 28.13 -10.32 -63.31
N VAL E 626 28.85 -9.45 -62.58
CA VAL E 626 28.30 -8.20 -62.08
C VAL E 626 28.48 -7.14 -63.15
N GLU E 627 29.69 -7.06 -63.75
CA GLU E 627 30.03 -6.08 -64.78
C GLU E 627 30.99 -6.67 -65.82
N ILE F 61 -21.80 -7.98 -4.10
CA ILE F 61 -22.55 -7.03 -4.94
C ILE F 61 -24.03 -7.36 -4.87
N PRO F 62 -24.82 -6.61 -4.06
CA PRO F 62 -26.24 -6.97 -3.88
C PRO F 62 -27.22 -6.78 -5.05
N PHE F 63 -27.41 -7.84 -5.84
CA PHE F 63 -28.32 -7.82 -6.97
C PHE F 63 -29.70 -8.33 -6.63
N LEU F 64 -30.72 -7.52 -6.96
CA LEU F 64 -32.12 -7.88 -6.76
C LEU F 64 -32.48 -8.88 -7.81
N ASP F 65 -33.23 -9.91 -7.43
CA ASP F 65 -33.67 -10.95 -8.35
C ASP F 65 -34.80 -10.39 -9.18
N TYR F 66 -35.12 -11.03 -10.31
CA TYR F 66 -36.14 -10.52 -11.20
C TYR F 66 -37.45 -10.11 -10.53
N LYS F 67 -38.02 -10.95 -9.61
CA LYS F 67 -39.27 -10.62 -8.91
C LYS F 67 -39.21 -9.22 -8.26
N VAL F 68 -38.16 -8.96 -7.45
CA VAL F 68 -37.95 -7.68 -6.76
C VAL F 68 -37.73 -6.55 -7.76
N TYR F 69 -36.74 -6.69 -8.65
CA TYR F 69 -36.40 -5.73 -9.69
C TYR F 69 -37.66 -5.23 -10.41
N ALA F 70 -38.50 -6.17 -10.92
CA ALA F 70 -39.75 -5.88 -11.66
C ALA F 70 -40.78 -5.12 -10.83
N GLU F 71 -41.09 -5.66 -9.63
CA GLU F 71 -42.04 -5.06 -8.67
C GLU F 71 -41.64 -3.63 -8.38
N ARG F 72 -40.35 -3.41 -8.11
CA ARG F 72 -39.80 -2.12 -7.80
C ARG F 72 -39.87 -1.20 -9.01
N ILE F 73 -39.76 -1.73 -10.25
CA ILE F 73 -39.84 -0.92 -11.47
C ILE F 73 -41.24 -0.49 -11.85
N PHE F 74 -42.16 -1.47 -11.90
CA PHE F 74 -43.56 -1.23 -12.24
C PHE F 74 -44.30 -0.41 -11.14
N PHE F 75 -44.02 -0.74 -9.83
CA PHE F 75 -44.60 -0.11 -8.61
C PHE F 75 -43.89 0.76 -7.54
N PRO F 76 -43.16 1.80 -8.00
CA PRO F 76 -42.01 2.39 -7.31
C PRO F 76 -42.26 3.11 -6.00
N GLY F 77 -43.23 4.04 -6.00
CA GLY F 77 -43.56 4.93 -4.88
C GLY F 77 -43.91 4.31 -3.54
N HIS F 78 -44.71 3.23 -3.60
CA HIS F 78 -45.20 2.42 -2.46
C HIS F 78 -44.02 1.64 -1.83
N ARG F 79 -42.88 1.51 -2.60
CA ARG F 79 -41.63 0.76 -2.37
C ARG F 79 -41.89 -0.71 -2.71
N GLU F 80 -42.84 -1.35 -1.96
CA GLU F 80 -43.34 -2.72 -2.09
C GLU F 80 -44.56 -2.77 -3.00
N SER F 81 -44.65 -3.83 -3.84
CA SER F 81 -45.75 -4.03 -4.77
C SER F 81 -47.11 -4.04 -4.03
N PRO F 82 -48.03 -3.10 -4.39
CA PRO F 82 -49.36 -3.10 -3.75
C PRO F 82 -50.24 -4.27 -4.22
N LEU F 83 -49.63 -5.18 -4.97
CA LEU F 83 -50.23 -6.38 -5.51
C LEU F 83 -49.94 -7.56 -4.59
N HIS F 84 -49.54 -7.22 -3.36
CA HIS F 84 -49.26 -8.14 -2.27
C HIS F 84 -50.14 -7.67 -1.13
N ARG F 85 -51.29 -8.35 -0.96
CA ARG F 85 -52.39 -8.16 0.00
C ARG F 85 -53.54 -9.10 -0.43
N ASP F 86 -54.39 -9.55 0.51
CA ASP F 86 -55.51 -10.39 0.07
C ASP F 86 -56.64 -9.52 -0.48
N LEU F 87 -57.33 -10.03 -1.52
CA LEU F 87 -58.42 -9.38 -2.28
C LEU F 87 -59.42 -8.55 -1.46
N GLY F 88 -59.70 -9.00 -0.24
CA GLY F 88 -60.64 -8.36 0.67
C GLY F 88 -62.05 -8.78 0.36
N VAL F 89 -62.24 -10.10 0.12
CA VAL F 89 -63.53 -10.70 -0.20
C VAL F 89 -63.81 -11.80 0.86
N PRO F 90 -65.03 -11.83 1.48
CA PRO F 90 -65.29 -12.88 2.49
C PRO F 90 -65.48 -14.24 1.86
N GLU F 91 -65.13 -15.31 2.62
CA GLU F 91 -65.22 -16.72 2.23
C GLU F 91 -66.48 -17.09 1.43
N SER F 92 -67.62 -16.45 1.76
CA SER F 92 -68.92 -16.65 1.12
C SER F 92 -68.92 -16.29 -0.38
N ARG F 93 -68.70 -14.99 -0.73
CA ARG F 93 -68.66 -14.56 -2.13
C ARG F 93 -67.26 -14.70 -2.75
N ARG F 94 -66.32 -15.30 -1.99
CA ARG F 94 -64.93 -15.53 -2.40
C ARG F 94 -64.80 -16.37 -3.70
N PRO F 95 -65.39 -17.58 -3.82
CA PRO F 95 -65.23 -18.35 -5.07
C PRO F 95 -65.93 -17.78 -6.29
N THR F 96 -67.10 -17.13 -6.10
CA THR F 96 -67.86 -16.54 -7.21
C THR F 96 -67.14 -15.37 -7.89
N VAL F 97 -66.30 -14.63 -7.14
CA VAL F 97 -65.53 -13.50 -7.66
C VAL F 97 -64.25 -14.02 -8.34
N GLU F 98 -63.49 -14.92 -7.65
CA GLU F 98 -62.25 -15.53 -8.14
C GLU F 98 -62.38 -16.04 -9.56
N GLN F 99 -63.54 -16.61 -9.89
CA GLN F 99 -63.88 -17.13 -11.20
C GLN F 99 -64.03 -16.01 -12.22
N GLY F 100 -64.82 -14.98 -11.87
CA GLY F 100 -65.09 -13.83 -12.71
C GLY F 100 -63.84 -13.14 -13.21
N LEU F 101 -62.86 -12.96 -12.31
CA LEU F 101 -61.56 -12.36 -12.59
C LEU F 101 -60.86 -13.12 -13.70
N GLY F 102 -61.00 -14.44 -13.69
CA GLY F 102 -60.41 -15.32 -14.69
C GLY F 102 -60.92 -14.96 -16.07
N GLN F 103 -62.25 -14.73 -16.17
CA GLN F 103 -62.89 -14.33 -17.42
C GLN F 103 -62.44 -12.95 -17.84
N LEU F 104 -62.04 -12.10 -16.87
CA LEU F 104 -61.48 -10.78 -17.15
C LEU F 104 -60.14 -10.98 -17.87
N SER F 105 -59.36 -12.00 -17.44
CA SER F 105 -58.06 -12.29 -18.05
C SER F 105 -58.19 -12.70 -19.51
N ASN F 106 -59.18 -13.56 -19.81
CA ASN F 106 -59.49 -14.06 -21.16
C ASN F 106 -59.98 -12.93 -22.06
N LEU F 107 -60.67 -11.95 -21.43
CA LEU F 107 -61.20 -10.73 -22.05
C LEU F 107 -60.03 -9.84 -22.45
N LEU F 108 -59.01 -9.74 -21.55
CA LEU F 108 -57.79 -8.95 -21.75
C LEU F 108 -56.92 -9.50 -22.87
N ASN F 109 -56.92 -10.84 -23.08
CA ASN F 109 -56.15 -11.49 -24.15
C ASN F 109 -56.71 -11.21 -25.55
N SER F 110 -57.82 -10.41 -25.63
CA SER F 110 -58.45 -9.96 -26.87
C SER F 110 -57.89 -8.58 -27.18
N LYS F 111 -56.98 -8.53 -28.17
CA LYS F 111 -56.30 -7.32 -28.64
C LYS F 111 -57.33 -6.25 -29.01
N LEU F 112 -58.48 -6.72 -29.51
CA LEU F 112 -59.64 -5.97 -29.95
C LEU F 112 -60.28 -5.24 -28.76
N PHE F 113 -60.30 -5.90 -27.59
CA PHE F 113 -60.87 -5.34 -26.37
C PHE F 113 -59.93 -4.32 -25.77
N LEU F 114 -58.72 -4.80 -25.43
CA LEU F 114 -57.70 -4.05 -24.73
C LEU F 114 -57.40 -2.68 -25.31
N THR F 115 -57.21 -2.60 -26.64
CA THR F 115 -56.96 -1.36 -27.38
C THR F 115 -58.00 -0.30 -27.01
N LYS F 116 -59.32 -0.66 -27.13
CA LYS F 116 -60.46 0.20 -26.82
C LYS F 116 -60.52 0.56 -25.34
N PHE F 117 -60.16 -0.40 -24.45
CA PHE F 117 -60.15 -0.22 -22.99
C PHE F 117 -59.29 0.98 -22.59
N ILE F 118 -58.02 0.94 -22.97
CA ILE F 118 -57.03 1.96 -22.70
C ILE F 118 -57.40 3.30 -23.34
N HIS F 119 -57.76 3.28 -24.65
CA HIS F 119 -58.17 4.47 -25.42
C HIS F 119 -59.29 5.23 -24.74
N THR F 120 -60.18 4.50 -24.07
CA THR F 120 -61.31 5.07 -23.34
C THR F 120 -60.84 5.72 -22.05
N LEU F 121 -59.88 5.08 -21.34
CA LEU F 121 -59.33 5.61 -20.10
C LEU F 121 -58.52 6.87 -20.34
N GLU F 122 -57.64 6.85 -21.36
CA GLU F 122 -56.81 7.99 -21.77
C GLU F 122 -57.65 9.28 -21.95
N THR F 123 -58.84 9.17 -22.60
CA THR F 123 -59.75 10.30 -22.89
C THR F 123 -60.42 10.89 -21.66
N GLN F 124 -60.68 10.06 -20.64
CA GLN F 124 -61.34 10.48 -19.40
C GLN F 124 -60.56 11.58 -18.70
N ARG F 125 -61.26 12.63 -18.26
CA ARG F 125 -60.67 13.80 -17.58
C ARG F 125 -60.14 13.41 -16.20
N THR F 126 -60.91 12.60 -15.45
CA THR F 126 -60.57 12.16 -14.09
C THR F 126 -59.35 11.23 -14.00
N PHE F 127 -58.94 10.62 -15.12
CA PHE F 127 -57.81 9.69 -15.19
C PHE F 127 -56.51 10.46 -15.15
N SER F 128 -55.87 10.55 -13.96
CA SER F 128 -54.59 11.27 -13.80
C SER F 128 -53.44 10.48 -14.43
N ALA F 129 -52.29 11.13 -14.65
CA ALA F 129 -51.12 10.46 -15.22
C ALA F 129 -50.52 9.43 -14.22
N ARG F 130 -50.92 9.54 -12.95
CA ARG F 130 -50.54 8.62 -11.87
C ARG F 130 -51.26 7.28 -12.05
N ASP F 131 -52.53 7.34 -12.52
CA ASP F 131 -53.36 6.18 -12.85
C ASP F 131 -52.77 5.52 -14.10
N ARG F 132 -52.38 6.35 -15.10
CA ARG F 132 -51.78 5.90 -16.37
C ARG F 132 -50.59 5.00 -16.12
N ALA F 133 -49.84 5.25 -15.02
CA ALA F 133 -48.69 4.44 -14.62
C ALA F 133 -49.17 3.14 -14.00
N TYR F 134 -50.07 3.25 -13.01
CA TYR F 134 -50.63 2.11 -12.30
C TYR F 134 -51.37 1.13 -13.24
N VAL F 135 -52.15 1.65 -14.19
CA VAL F 135 -52.88 0.84 -15.15
C VAL F 135 -51.92 0.10 -16.07
N ALA F 136 -50.87 0.79 -16.58
CA ALA F 136 -49.87 0.19 -17.43
C ALA F 136 -49.13 -0.90 -16.67
N SER F 137 -48.79 -0.63 -15.39
CA SER F 137 -48.08 -1.57 -14.52
C SER F 137 -48.91 -2.78 -14.14
N LEU F 138 -50.22 -2.59 -13.86
CA LEU F 138 -51.12 -3.71 -13.54
C LEU F 138 -51.24 -4.63 -14.77
N LEU F 139 -51.41 -4.01 -15.97
CA LEU F 139 -51.52 -4.67 -17.27
C LEU F 139 -50.24 -5.44 -17.60
N THR F 140 -49.10 -4.94 -17.14
CA THR F 140 -47.80 -5.57 -17.34
C THR F 140 -47.73 -6.86 -16.53
N VAL F 141 -48.17 -6.81 -15.24
CA VAL F 141 -48.21 -7.96 -14.32
C VAL F 141 -49.22 -8.98 -14.82
N ALA F 142 -50.34 -8.47 -15.39
CA ALA F 142 -51.39 -9.32 -15.94
C ALA F 142 -50.88 -10.07 -17.19
N LEU F 143 -50.34 -9.35 -18.19
CA LEU F 143 -49.82 -9.95 -19.42
C LEU F 143 -48.39 -10.43 -19.33
N HIS F 144 -47.92 -10.83 -18.12
CA HIS F 144 -46.54 -11.31 -17.98
C HIS F 144 -46.34 -12.70 -18.58
N GLY F 145 -47.45 -13.38 -18.83
CA GLY F 145 -47.45 -14.67 -19.47
C GLY F 145 -47.41 -14.48 -20.98
N LYS F 146 -48.42 -13.78 -21.51
CA LYS F 146 -48.55 -13.50 -22.95
C LYS F 146 -47.64 -12.35 -23.37
N LEU F 147 -46.30 -12.54 -23.23
CA LEU F 147 -45.31 -11.52 -23.58
C LEU F 147 -45.26 -11.25 -25.06
N GLU F 148 -45.40 -12.31 -25.86
CA GLU F 148 -45.41 -12.28 -27.33
C GLU F 148 -46.59 -11.40 -27.75
N TYR F 149 -47.73 -11.53 -27.01
CA TYR F 149 -48.96 -10.78 -27.18
C TYR F 149 -48.79 -9.39 -26.59
N PHE F 150 -48.12 -9.29 -25.44
CA PHE F 150 -47.86 -8.02 -24.77
C PHE F 150 -47.10 -7.08 -25.71
N THR F 151 -46.19 -7.65 -26.51
CA THR F 151 -45.45 -6.90 -27.51
C THR F 151 -46.42 -6.46 -28.59
N ASP F 152 -47.29 -7.37 -29.07
CA ASP F 152 -48.28 -7.05 -30.11
C ASP F 152 -49.23 -5.96 -29.67
N ILE F 153 -49.58 -5.98 -28.39
CA ILE F 153 -50.43 -4.97 -27.78
C ILE F 153 -49.73 -3.62 -27.94
N LEU F 154 -48.41 -3.57 -27.66
CA LEU F 154 -47.57 -2.38 -27.79
C LEU F 154 -47.35 -2.01 -29.26
N ARG F 155 -46.98 -3.00 -30.12
CA ARG F 155 -46.76 -2.83 -31.57
C ARG F 155 -47.90 -1.97 -32.12
N THR F 156 -49.13 -2.39 -31.81
CA THR F 156 -50.38 -1.75 -32.22
C THR F 156 -50.56 -0.40 -31.52
N LEU F 157 -50.31 -0.33 -30.19
CA LEU F 157 -50.44 0.92 -29.44
C LEU F 157 -49.46 2.01 -29.89
N LEU F 158 -48.27 1.61 -30.36
CA LEU F 158 -47.25 2.52 -30.85
C LEU F 158 -47.76 3.24 -32.08
N SER F 159 -48.20 2.48 -33.11
CA SER F 159 -48.75 2.98 -34.39
C SER F 159 -49.88 3.97 -34.20
N ASP F 160 -50.64 3.80 -33.10
CA ASP F 160 -51.75 4.67 -32.74
C ASP F 160 -51.19 6.01 -32.26
N LEU F 161 -50.19 5.98 -31.35
CA LEU F 161 -49.55 7.18 -30.82
C LEU F 161 -48.94 8.00 -31.95
N VAL F 162 -48.28 7.32 -32.91
CA VAL F 162 -47.61 7.91 -34.07
C VAL F 162 -48.55 8.84 -34.86
N ALA F 163 -49.72 8.33 -35.29
CA ALA F 163 -50.71 9.08 -36.07
C ALA F 163 -51.24 10.33 -35.35
N GLN F 164 -51.36 10.26 -34.02
CA GLN F 164 -51.86 11.35 -33.16
C GLN F 164 -50.92 12.53 -33.03
N TYR F 165 -49.59 12.28 -33.10
CA TYR F 165 -48.56 13.32 -32.98
C TYR F 165 -48.29 14.09 -34.28
N VAL F 166 -48.80 13.58 -35.43
CA VAL F 166 -48.63 14.20 -36.76
C VAL F 166 -49.28 15.59 -36.81
N ALA F 167 -50.50 15.71 -36.24
CA ALA F 167 -51.30 16.93 -36.21
C ALA F 167 -50.70 18.09 -35.42
N LYS F 168 -50.39 17.88 -34.13
CA LYS F 168 -49.84 18.93 -33.27
C LYS F 168 -48.34 19.17 -33.54
N ASN F 169 -47.44 18.43 -32.86
CA ASN F 169 -45.98 18.55 -33.02
C ASN F 169 -45.33 17.17 -32.81
N PRO F 170 -44.81 16.51 -33.89
CA PRO F 170 -44.21 15.17 -33.72
C PRO F 170 -42.94 15.12 -32.87
N LYS F 171 -42.25 16.26 -32.68
CA LYS F 171 -41.03 16.33 -31.88
C LYS F 171 -41.27 16.14 -30.38
N LEU F 172 -42.46 16.55 -29.87
CA LEU F 172 -42.84 16.45 -28.45
C LEU F 172 -43.08 14.99 -27.97
N MET F 173 -42.87 13.97 -28.86
CA MET F 173 -43.13 12.54 -28.62
C MET F 173 -42.36 11.79 -27.54
N LEU F 174 -43.14 11.12 -26.64
CA LEU F 174 -42.78 10.30 -25.48
C LEU F 174 -42.08 11.09 -24.30
N ARG F 175 -42.47 12.38 -24.14
CA ARG F 175 -41.92 13.32 -23.14
C ARG F 175 -42.49 13.11 -21.74
N ARG F 176 -43.83 13.09 -21.62
CA ARG F 176 -44.52 12.90 -20.34
C ARG F 176 -45.59 11.83 -20.53
N THR F 177 -45.88 11.00 -19.46
CA THR F 177 -46.87 9.89 -19.44
C THR F 177 -48.32 10.41 -19.54
N GLU F 178 -48.61 11.25 -20.57
CA GLU F 178 -49.93 11.80 -20.92
C GLU F 178 -50.68 10.70 -21.69
N THR F 179 -49.97 9.58 -21.94
CA THR F 179 -50.43 8.35 -22.56
C THR F 179 -49.87 7.14 -21.77
N VAL F 180 -50.66 6.08 -21.70
CA VAL F 180 -50.38 4.85 -20.97
C VAL F 180 -49.24 4.03 -21.62
N VAL F 181 -49.15 4.01 -22.98
CA VAL F 181 -48.10 3.29 -23.72
C VAL F 181 -46.67 3.71 -23.33
N GLU F 182 -46.52 5.00 -22.98
CA GLU F 182 -45.28 5.63 -22.54
C GLU F 182 -44.65 4.87 -21.35
N LYS F 183 -45.49 4.30 -20.48
CA LYS F 183 -45.06 3.52 -19.31
C LYS F 183 -44.85 2.04 -19.69
N LEU F 184 -45.67 1.50 -20.61
CA LEU F 184 -45.58 0.09 -21.01
C LEU F 184 -44.26 -0.29 -21.66
N LEU F 185 -43.68 0.61 -22.46
CA LEU F 185 -42.37 0.36 -23.10
C LEU F 185 -41.20 0.48 -22.14
N THR F 186 -41.39 1.20 -21.01
CA THR F 186 -40.38 1.30 -19.95
C THR F 186 -40.41 -0.05 -19.21
N ASN F 187 -41.62 -0.60 -19.01
CA ASN F 187 -41.82 -1.89 -18.37
C ASN F 187 -41.32 -2.96 -19.33
N TRP F 188 -41.73 -2.86 -20.60
CA TRP F 188 -41.31 -3.79 -21.64
C TRP F 188 -39.80 -3.91 -21.67
N MET F 189 -39.09 -2.78 -21.78
CA MET F 189 -37.64 -2.71 -21.81
C MET F 189 -37.04 -3.39 -20.61
N SER F 190 -37.60 -3.12 -19.41
CA SER F 190 -37.15 -3.66 -18.13
C SER F 190 -37.13 -5.17 -18.10
N ILE F 191 -38.21 -5.77 -18.63
CA ILE F 191 -38.38 -7.21 -18.74
C ILE F 191 -37.28 -7.82 -19.63
N CYS F 192 -37.09 -7.21 -20.80
CA CYS F 192 -36.12 -7.62 -21.79
C CYS F 192 -34.67 -7.40 -21.32
N LEU F 193 -34.33 -6.17 -20.90
CA LEU F 193 -32.97 -5.78 -20.50
C LEU F 193 -32.48 -6.19 -19.12
N TYR F 194 -33.36 -6.78 -18.29
CA TYR F 194 -32.95 -7.23 -16.95
C TYR F 194 -31.64 -8.01 -16.97
N THR F 195 -31.49 -8.89 -17.95
CA THR F 195 -30.29 -9.69 -18.12
C THR F 195 -29.10 -8.75 -18.28
N PHE F 196 -29.07 -7.97 -19.38
CA PHE F 196 -28.04 -7.00 -19.73
C PHE F 196 -27.62 -6.10 -18.58
N VAL F 197 -28.61 -5.64 -17.79
CA VAL F 197 -28.38 -4.78 -16.64
C VAL F 197 -27.53 -5.52 -15.59
N ARG F 198 -27.98 -6.72 -15.19
CA ARG F 198 -27.31 -7.59 -14.21
C ARG F 198 -25.93 -8.02 -14.72
N ASP F 199 -25.83 -8.25 -16.03
CA ASP F 199 -24.64 -8.77 -16.72
C ASP F 199 -23.54 -7.77 -17.03
N SER F 200 -23.88 -6.51 -17.37
CA SER F 200 -22.83 -5.55 -17.73
C SER F 200 -22.87 -4.19 -17.04
N VAL F 201 -24.04 -3.50 -17.10
CA VAL F 201 -24.25 -2.17 -16.52
C VAL F 201 -24.26 -2.17 -14.99
N GLY F 202 -24.62 -3.31 -14.41
CA GLY F 202 -24.67 -3.50 -12.96
C GLY F 202 -23.44 -3.00 -12.25
N GLU F 203 -22.29 -3.46 -12.71
CA GLU F 203 -21.00 -3.11 -12.15
C GLU F 203 -20.70 -1.60 -11.95
N PRO F 204 -20.62 -0.74 -13.00
CA PRO F 204 -20.31 0.69 -12.76
C PRO F 204 -21.41 1.43 -12.03
N LEU F 205 -22.66 0.92 -12.13
CA LEU F 205 -23.83 1.48 -11.46
C LEU F 205 -23.66 1.27 -9.97
N TYR F 206 -23.14 0.10 -9.55
CA TYR F 206 -22.86 -0.16 -8.14
C TYR F 206 -21.69 0.67 -7.71
N MET F 207 -20.70 0.80 -8.59
CA MET F 207 -19.49 1.58 -8.35
C MET F 207 -19.76 3.01 -8.06
N LEU F 208 -20.62 3.63 -8.89
CA LEU F 208 -21.04 5.03 -8.77
C LEU F 208 -21.80 5.23 -7.48
N PHE F 209 -22.66 4.26 -7.13
CA PHE F 209 -23.44 4.26 -5.90
C PHE F 209 -22.53 4.19 -4.67
N ARG F 210 -21.53 3.27 -4.68
CA ARG F 210 -20.59 3.19 -3.55
C ARG F 210 -19.70 4.43 -3.53
N GLY F 211 -19.26 4.86 -4.71
CA GLY F 211 -18.44 6.07 -4.91
C GLY F 211 -19.07 7.35 -4.39
N ILE F 212 -20.37 7.57 -4.69
CA ILE F 212 -21.12 8.73 -4.22
C ILE F 212 -21.26 8.63 -2.69
N LYS F 213 -21.68 7.44 -2.18
CA LYS F 213 -21.86 7.15 -0.76
C LYS F 213 -20.62 7.53 0.01
N HIS F 214 -19.45 7.08 -0.47
CA HIS F 214 -18.13 7.34 0.11
C HIS F 214 -17.80 8.83 0.07
N GLN F 215 -17.81 9.41 -1.12
CA GLN F 215 -17.48 10.80 -1.34
C GLN F 215 -18.37 11.82 -0.60
N VAL F 216 -19.60 11.43 -0.22
CA VAL F 216 -20.46 12.33 0.54
C VAL F 216 -20.05 12.34 2.01
N ASP F 217 -19.78 11.14 2.57
CA ASP F 217 -19.39 10.98 3.97
C ASP F 217 -18.00 11.43 4.34
N LYS F 218 -17.21 11.84 3.34
CA LYS F 218 -15.89 12.44 3.50
C LYS F 218 -16.14 13.91 3.92
N GLY F 219 -17.43 14.25 4.08
CA GLY F 219 -17.93 15.55 4.49
C GLY F 219 -19.02 15.47 5.54
N PRO F 220 -19.14 16.47 6.44
CA PRO F 220 -20.16 16.43 7.48
C PRO F 220 -21.58 16.36 6.94
N VAL F 221 -22.51 15.85 7.76
CA VAL F 221 -23.90 15.69 7.34
C VAL F 221 -24.88 16.05 8.44
N ASP F 222 -25.92 16.83 8.08
CA ASP F 222 -26.95 17.24 9.02
C ASP F 222 -28.07 16.22 9.04
N SER F 223 -28.17 15.47 10.15
CA SER F 223 -29.18 14.43 10.37
C SER F 223 -30.62 14.97 10.45
N VAL F 224 -30.82 16.28 10.25
CA VAL F 224 -32.14 16.90 10.32
C VAL F 224 -32.58 17.42 8.95
N THR F 225 -31.95 18.52 8.49
CA THR F 225 -32.25 19.17 7.21
C THR F 225 -31.97 18.26 6.04
N GLY F 226 -30.79 17.63 6.09
CA GLY F 226 -30.32 16.75 5.04
C GLY F 226 -29.39 17.45 4.08
N LYS F 227 -28.32 18.04 4.60
CA LYS F 227 -27.34 18.74 3.78
C LYS F 227 -25.94 18.23 4.09
N ALA F 228 -25.04 18.25 3.10
CA ALA F 228 -23.66 17.79 3.26
C ALA F 228 -22.66 18.67 2.54
N LYS F 229 -21.35 18.55 2.92
CA LYS F 229 -20.24 19.31 2.33
C LYS F 229 -20.15 19.07 0.83
N TYR F 230 -20.59 17.89 0.40
CA TYR F 230 -20.55 17.50 -1.00
C TYR F 230 -21.93 17.03 -1.49
N THR F 231 -22.31 17.50 -2.70
CA THR F 231 -23.52 17.19 -3.49
C THR F 231 -23.43 17.91 -4.82
N LEU F 232 -24.42 17.67 -5.71
CA LEU F 232 -24.52 18.27 -7.03
C LEU F 232 -25.78 19.14 -7.13
N ASN F 233 -26.35 19.52 -5.98
CA ASN F 233 -27.55 20.33 -5.95
C ASN F 233 -27.56 21.39 -4.83
N ASP F 234 -27.70 22.69 -5.19
CA ASP F 234 -27.74 23.81 -4.23
C ASP F 234 -28.86 23.71 -3.21
N ASN F 235 -30.03 23.23 -3.66
CA ASN F 235 -31.23 22.99 -2.86
C ASN F 235 -30.91 22.01 -1.72
N ARG F 236 -29.76 21.34 -1.82
CA ARG F 236 -29.24 20.34 -0.89
C ARG F 236 -27.85 20.68 -0.35
N LEU F 237 -27.14 21.62 -0.97
CA LEU F 237 -25.79 21.98 -0.57
C LEU F 237 -25.75 22.68 0.77
N LEU F 238 -24.87 22.21 1.66
CA LEU F 238 -24.69 22.79 2.97
C LEU F 238 -23.86 24.07 2.82
N ARG F 239 -24.55 25.21 2.88
CA ARG F 239 -23.96 26.54 2.72
C ARG F 239 -22.96 26.88 3.81
N GLU F 240 -23.39 26.76 5.07
CA GLU F 240 -22.59 27.04 6.26
C GLU F 240 -21.53 25.95 6.42
N ASP F 241 -20.43 26.27 7.13
CA ASP F 241 -19.37 25.31 7.42
C ASP F 241 -19.30 25.10 8.93
N VAL F 242 -18.95 23.90 9.35
CA VAL F 242 -18.85 23.57 10.78
C VAL F 242 -17.52 22.99 11.17
N GLU F 243 -17.23 23.04 12.47
CA GLU F 243 -16.00 22.49 13.03
C GLU F 243 -16.11 20.97 13.13
N TYR F 244 -15.50 20.27 12.18
CA TYR F 244 -15.49 18.81 12.14
C TYR F 244 -14.09 18.21 12.06
N ARG F 245 -13.84 17.18 12.86
CA ARG F 245 -12.59 16.47 12.88
C ARG F 245 -12.86 15.02 12.48
N PRO F 246 -11.94 14.35 11.78
CA PRO F 246 -12.22 12.97 11.37
C PRO F 246 -11.84 11.93 12.41
N LEU F 247 -12.81 11.04 12.73
CA LEU F 247 -12.60 9.94 13.66
C LEU F 247 -12.44 8.64 12.92
N THR F 248 -11.69 7.70 13.53
CA THR F 248 -11.42 6.38 12.97
C THR F 248 -11.41 5.42 14.16
N LEU F 249 -12.59 5.01 14.57
CA LEU F 249 -12.78 4.18 15.74
C LEU F 249 -12.97 2.71 15.47
N ASN F 250 -12.32 1.86 16.32
CA ASN F 250 -12.42 0.40 16.28
C ASN F 250 -13.84 -0.02 16.73
N ALA F 251 -14.65 -0.52 15.77
CA ALA F 251 -16.03 -0.95 15.96
C ALA F 251 -16.17 -2.45 16.13
N LEU F 252 -16.92 -2.87 17.14
CA LEU F 252 -17.16 -4.27 17.48
C LEU F 252 -18.59 -4.62 17.20
N LEU F 253 -18.84 -5.88 16.81
CA LEU F 253 -20.24 -6.27 16.68
C LEU F 253 -20.55 -7.30 17.73
N ALA F 254 -21.01 -6.80 18.87
CA ALA F 254 -21.30 -7.64 20.01
C ALA F 254 -22.81 -7.98 20.07
N VAL F 255 -23.26 -8.93 19.22
CA VAL F 255 -24.65 -9.35 19.20
C VAL F 255 -24.77 -10.80 19.65
N ALA F 262 -16.64 -12.23 18.77
CA ALA F 262 -16.67 -10.78 18.61
C ALA F 262 -15.34 -10.19 18.05
N GLN F 263 -15.37 -9.72 16.76
CA GLN F 263 -14.19 -9.11 16.09
C GLN F 263 -14.31 -7.64 15.59
N GLY F 264 -13.31 -6.85 15.98
CA GLY F 264 -13.16 -5.41 15.75
C GLY F 264 -12.73 -4.95 14.37
N VAL F 265 -13.61 -4.16 13.72
CA VAL F 265 -13.45 -3.59 12.39
C VAL F 265 -13.25 -2.08 12.49
N PRO F 266 -12.19 -1.52 11.88
CA PRO F 266 -12.01 -0.06 11.95
C PRO F 266 -12.96 0.70 11.02
N VAL F 267 -13.69 1.67 11.59
CA VAL F 267 -14.73 2.49 10.95
C VAL F 267 -14.33 3.95 10.95
N LYS F 268 -14.51 4.64 9.82
CA LYS F 268 -14.22 6.07 9.70
C LYS F 268 -15.47 6.96 9.79
N VAL F 269 -15.68 7.61 10.96
CA VAL F 269 -16.80 8.54 11.20
C VAL F 269 -16.25 9.97 11.21
N LEU F 270 -17.03 10.95 11.71
CA LEU F 270 -16.64 12.37 11.88
C LEU F 270 -17.25 12.83 13.20
N ASP F 271 -16.44 13.43 14.09
CA ASP F 271 -16.87 13.89 15.42
C ASP F 271 -18.25 14.52 15.45
N CYS F 272 -18.64 15.24 14.37
CA CYS F 272 -19.92 15.92 14.21
C CYS F 272 -21.12 14.98 13.98
N ASP F 273 -20.92 13.76 13.41
CA ASP F 273 -22.00 12.78 13.13
C ASP F 273 -22.79 12.47 14.39
N THR F 274 -24.13 12.33 14.28
CA THR F 274 -24.94 11.93 15.43
C THR F 274 -24.68 10.45 15.67
N ILE F 275 -24.92 10.00 16.92
CA ILE F 275 -24.77 8.60 17.32
C ILE F 275 -25.48 7.66 16.31
N SER F 276 -26.57 8.17 15.62
CA SER F 276 -27.33 7.46 14.59
C SER F 276 -26.53 7.30 13.31
N GLN F 277 -26.10 8.42 12.68
CA GLN F 277 -25.29 8.40 11.45
C GLN F 277 -24.04 7.53 11.70
N ALA F 278 -23.39 7.72 12.87
CA ALA F 278 -22.24 6.97 13.35
C ALA F 278 -22.57 5.46 13.41
N LYS F 279 -23.79 5.08 13.88
CA LYS F 279 -24.23 3.69 13.91
C LYS F 279 -24.31 3.15 12.46
N GLU F 280 -24.88 3.92 11.54
CA GLU F 280 -25.00 3.49 10.13
C GLU F 280 -23.66 3.31 9.48
N LYS F 281 -22.74 4.34 9.60
CA LYS F 281 -21.35 4.32 9.10
C LYS F 281 -20.58 3.09 9.62
N MET F 282 -20.87 2.65 10.89
CA MET F 282 -20.31 1.49 11.58
C MET F 282 -20.81 0.22 10.95
N LEU F 283 -22.12 0.15 10.69
CA LEU F 283 -22.77 -1.00 10.10
C LEU F 283 -22.27 -1.24 8.71
N ASP F 284 -22.11 -0.18 7.92
CA ASP F 284 -21.62 -0.25 6.55
C ASP F 284 -20.34 -1.04 6.37
N GLN F 285 -19.48 -1.08 7.42
CA GLN F 285 -18.22 -1.82 7.44
C GLN F 285 -18.41 -3.15 8.12
N LEU F 286 -19.24 -3.19 9.18
CA LEU F 286 -19.51 -4.42 9.92
C LEU F 286 -20.39 -5.38 9.15
N TYR F 287 -20.89 -4.98 7.97
CA TYR F 287 -21.71 -5.81 7.11
C TYR F 287 -21.55 -5.09 5.78
N LYS F 288 -20.30 -4.88 5.33
CA LYS F 288 -19.80 -4.53 3.99
C LYS F 288 -20.55 -5.05 2.73
N GLY F 289 -20.61 -6.38 2.56
CA GLY F 289 -21.27 -6.99 1.42
C GLY F 289 -22.51 -7.81 1.73
N VAL F 290 -23.28 -7.40 2.75
CA VAL F 290 -24.51 -8.10 3.14
C VAL F 290 -25.70 -7.30 2.61
N PRO F 291 -26.56 -7.92 1.79
CA PRO F 291 -27.71 -7.17 1.24
C PRO F 291 -28.67 -6.76 2.34
N LEU F 292 -29.24 -5.57 2.20
CA LEU F 292 -30.19 -4.94 3.12
C LEU F 292 -31.12 -5.88 3.87
N THR F 293 -31.80 -6.79 3.13
CA THR F 293 -32.76 -7.75 3.67
C THR F 293 -32.09 -8.75 4.60
N GLN F 294 -30.84 -9.10 4.30
CA GLN F 294 -30.02 -10.01 5.11
C GLN F 294 -29.41 -9.26 6.32
N ARG F 295 -29.24 -7.93 6.22
CA ARG F 295 -28.68 -7.12 7.30
C ARG F 295 -29.71 -7.00 8.43
N PRO F 296 -29.28 -6.96 9.72
CA PRO F 296 -30.27 -6.81 10.80
C PRO F 296 -30.75 -5.37 10.91
N ASP F 297 -31.89 -5.17 11.58
CA ASP F 297 -32.47 -3.84 11.75
C ASP F 297 -31.62 -2.97 12.72
N PRO F 298 -31.37 -1.66 12.40
CA PRO F 298 -30.56 -0.83 13.31
C PRO F 298 -31.31 -0.36 14.54
N ARG F 299 -32.64 -0.40 14.48
CA ARG F 299 -33.48 -0.03 15.61
C ARG F 299 -33.36 -1.08 16.71
N THR F 300 -32.87 -2.29 16.37
CA THR F 300 -32.62 -3.39 17.32
C THR F 300 -31.23 -3.25 17.94
N LEU F 301 -30.43 -2.30 17.42
CA LEU F 301 -29.08 -2.06 17.88
C LEU F 301 -28.89 -0.78 18.65
N ASP F 302 -27.94 -0.81 19.60
CA ASP F 302 -27.53 0.28 20.48
C ASP F 302 -26.00 0.46 20.45
N VAL F 303 -25.51 1.73 20.39
CA VAL F 303 -24.07 2.08 20.37
C VAL F 303 -23.52 2.13 21.83
N GLU F 304 -22.46 1.36 22.13
CA GLU F 304 -21.86 1.27 23.47
C GLU F 304 -20.37 1.53 23.42
N TRP F 305 -19.93 2.63 24.02
CA TRP F 305 -18.52 3.05 24.07
C TRP F 305 -17.76 2.25 25.15
N ARG F 306 -16.42 2.16 25.04
CA ARG F 306 -15.53 1.49 26.00
C ARG F 306 -14.24 2.25 26.35
N SER F 307 -13.92 2.31 27.67
CA SER F 307 -12.74 2.94 28.26
C SER F 307 -12.28 2.21 29.52
N GLY F 308 -10.97 2.05 29.66
CA GLY F 308 -10.32 1.45 30.82
C GLY F 308 -10.61 -0.02 31.04
N VAL F 309 -10.43 -0.49 32.30
CA VAL F 309 -10.67 -1.89 32.66
C VAL F 309 -12.00 -2.36 32.15
N ALA F 310 -13.06 -1.68 32.54
CA ALA F 310 -14.39 -2.00 32.07
C ALA F 310 -15.04 -0.69 31.61
N GLY F 311 -15.34 -0.64 30.32
CA GLY F 311 -15.95 0.54 29.72
C GLY F 311 -17.39 0.62 30.12
N HIS F 312 -18.24 0.14 29.22
CA HIS F 312 -19.67 0.11 29.38
C HIS F 312 -20.64 1.28 29.55
N LEU F 313 -20.86 2.02 28.45
CA LEU F 313 -21.59 3.28 28.37
C LEU F 313 -22.36 3.35 27.07
N ILE F 314 -23.68 3.16 27.17
CA ILE F 314 -24.61 3.15 26.04
C ILE F 314 -25.12 4.54 25.63
N LEU F 315 -24.40 5.15 24.68
CA LEU F 315 -24.70 6.47 24.11
C LEU F 315 -25.90 6.36 23.19
N SER F 316 -26.58 7.50 23.00
CA SER F 316 -27.76 7.61 22.15
C SER F 316 -27.87 8.98 21.44
N ASP F 317 -28.76 9.08 20.43
CA ASP F 317 -29.03 10.28 19.66
C ASP F 317 -29.61 11.40 20.52
N GLU F 318 -30.50 11.06 21.45
CA GLU F 318 -31.16 12.03 22.32
C GLU F 318 -31.47 11.38 23.68
N ASP F 319 -30.86 11.92 24.76
CA ASP F 319 -31.01 11.41 26.14
C ASP F 319 -30.86 12.50 27.23
N VAL F 320 -30.39 12.10 28.44
CA VAL F 320 -30.14 12.94 29.62
C VAL F 320 -29.19 14.10 29.29
N THR F 321 -28.20 13.84 28.45
CA THR F 321 -27.18 14.80 28.07
C THR F 321 -27.54 15.64 26.83
N SER F 322 -28.82 15.69 26.42
CA SER F 322 -29.21 16.49 25.25
C SER F 322 -29.17 17.99 25.52
N GLU F 323 -28.81 18.77 24.48
CA GLU F 323 -28.65 20.23 24.52
C GLU F 323 -29.94 21.04 24.30
N VAL F 324 -30.76 21.23 25.35
CA VAL F 324 -31.99 22.02 25.27
C VAL F 324 -31.63 23.50 25.40
N GLN F 325 -32.10 24.32 24.44
CA GLN F 325 -31.93 25.78 24.40
C GLN F 325 -33.29 26.41 24.06
N GLY F 326 -34.19 26.35 25.04
CA GLY F 326 -35.55 26.84 24.91
C GLY F 326 -36.31 25.92 23.98
N LEU F 327 -36.59 26.41 22.77
CA LEU F 327 -37.29 25.64 21.76
C LEU F 327 -36.33 24.89 20.82
N TRP F 328 -35.02 24.97 21.09
CA TRP F 328 -34.01 24.29 20.27
C TRP F 328 -33.22 23.23 21.02
N ARG F 329 -33.53 21.95 20.77
CA ARG F 329 -32.82 20.85 21.39
C ARG F 329 -31.94 20.13 20.35
N ARG F 330 -30.61 20.14 20.61
CA ARG F 330 -29.65 19.50 19.71
C ARG F 330 -29.56 18.00 19.89
N LEU F 331 -29.05 17.33 18.87
CA LEU F 331 -28.84 15.91 18.89
C LEU F 331 -27.49 15.64 19.49
N ASN F 332 -27.27 14.39 19.88
CA ASN F 332 -26.03 13.99 20.48
C ASN F 332 -25.08 13.42 19.42
N THR F 333 -23.90 14.04 19.32
CA THR F 333 -22.83 13.71 18.39
C THR F 333 -21.69 13.00 19.13
N LEU F 334 -20.65 12.61 18.42
CA LEU F 334 -19.48 11.94 19.01
C LEU F 334 -18.60 12.98 19.75
N GLN F 335 -18.52 14.20 19.21
CA GLN F 335 -17.79 15.36 19.74
C GLN F 335 -18.49 15.82 21.02
N HIS F 336 -19.84 15.68 21.03
CA HIS F 336 -20.74 16.04 22.12
C HIS F 336 -20.46 15.20 23.36
N TYR F 337 -20.12 13.91 23.18
CA TYR F 337 -19.82 13.02 24.30
C TYR F 337 -18.35 13.03 24.69
N LYS F 338 -17.49 13.69 23.86
CA LYS F 338 -16.02 13.81 24.00
C LYS F 338 -15.31 12.49 23.57
N VAL F 339 -15.95 11.72 22.66
CA VAL F 339 -15.46 10.44 22.12
C VAL F 339 -14.18 10.67 21.35
N PRO F 340 -13.07 9.93 21.67
CA PRO F 340 -11.80 10.14 20.96
C PRO F 340 -11.54 9.15 19.82
N ASP F 341 -10.45 9.37 19.07
CA ASP F 341 -10.07 8.48 17.98
C ASP F 341 -9.62 7.15 18.57
N GLY F 342 -10.02 6.07 17.92
CA GLY F 342 -9.68 4.71 18.33
C GLY F 342 -10.55 4.13 19.43
N ALA F 343 -11.63 4.86 19.79
CA ALA F 343 -12.59 4.45 20.81
C ALA F 343 -13.23 3.10 20.50
N THR F 344 -13.35 2.22 21.51
CA THR F 344 -13.98 0.95 21.28
C THR F 344 -15.45 1.09 21.44
N VAL F 345 -16.13 1.15 20.30
CA VAL F 345 -17.57 1.29 20.18
C VAL F 345 -18.13 -0.04 19.73
N ALA F 346 -19.15 -0.53 20.43
CA ALA F 346 -19.78 -1.80 20.09
C ALA F 346 -21.24 -1.60 19.78
N LEU F 347 -21.71 -2.33 18.79
CA LEU F 347 -23.10 -2.30 18.46
C LEU F 347 -23.67 -3.51 19.15
N VAL F 348 -24.36 -3.24 20.26
CA VAL F 348 -25.00 -4.21 21.15
C VAL F 348 -26.52 -4.14 20.99
N PRO F 349 -27.27 -5.22 21.30
CA PRO F 349 -28.73 -5.16 21.12
C PRO F 349 -29.49 -4.13 21.98
N CYS F 350 -30.75 -3.88 21.60
CA CYS F 350 -31.58 -2.91 22.28
C CYS F 350 -32.26 -3.39 23.53
N LEU F 351 -32.22 -2.52 24.55
CA LEU F 351 -32.78 -2.61 25.91
C LEU F 351 -34.17 -1.95 26.09
N THR F 352 -34.34 -0.69 25.61
CA THR F 352 -35.55 0.15 25.67
C THR F 352 -36.06 0.37 27.09
N GLY F 378 -43.04 19.92 22.41
CA GLY F 378 -42.85 20.29 21.01
C GLY F 378 -41.59 21.10 20.74
N ILE F 379 -40.46 20.67 21.32
CA ILE F 379 -39.14 21.30 21.15
C ILE F 379 -38.62 20.94 19.76
N ARG F 380 -38.13 21.93 19.01
CA ARG F 380 -37.62 21.71 17.66
C ARG F 380 -36.22 21.08 17.68
N PRO F 381 -36.02 19.93 16.99
CA PRO F 381 -34.69 19.30 16.98
C PRO F 381 -33.78 19.79 15.85
N TRP F 382 -32.47 19.85 16.12
CA TRP F 382 -31.50 20.33 15.15
C TRP F 382 -30.15 19.64 15.30
N HIS F 383 -29.24 19.83 14.32
CA HIS F 383 -27.90 19.25 14.33
C HIS F 383 -26.78 20.23 13.99
N LEU F 384 -26.74 20.73 12.74
CA LEU F 384 -25.68 21.66 12.36
C LEU F 384 -26.18 23.03 11.98
N VAL F 385 -27.27 23.07 11.22
CA VAL F 385 -27.91 24.32 10.82
C VAL F 385 -29.38 24.20 11.19
N LYS F 386 -29.87 25.11 12.05
CA LYS F 386 -31.27 25.14 12.46
C LYS F 386 -32.12 25.58 11.26
N PRO F 387 -33.29 24.96 11.01
CA PRO F 387 -34.13 25.40 9.87
C PRO F 387 -34.68 26.84 10.01
N SER F 388 -35.09 27.47 8.88
CA SER F 388 -35.63 28.84 8.85
C SER F 388 -36.93 29.03 9.63
N ALA F 411 -31.04 39.66 -6.91
CA ALA F 411 -32.22 38.92 -6.47
C ALA F 411 -32.31 37.48 -7.06
N ILE F 412 -31.72 37.25 -8.27
CA ILE F 412 -31.69 35.97 -9.01
C ILE F 412 -31.00 34.83 -8.22
N PRO F 413 -31.32 33.52 -8.48
CA PRO F 413 -30.72 32.41 -7.68
C PRO F 413 -29.20 32.30 -7.50
N GLU F 414 -28.74 32.01 -6.26
CA GLU F 414 -27.31 31.85 -5.94
C GLU F 414 -26.86 30.44 -6.18
N ILE F 415 -25.71 30.27 -6.83
CA ILE F 415 -25.22 28.96 -7.24
C ILE F 415 -24.12 28.06 -6.63
N TYR F 416 -22.88 28.60 -6.42
CA TYR F 416 -21.69 28.03 -5.75
C TYR F 416 -21.18 26.92 -6.67
N LEU F 417 -21.00 27.23 -7.96
CA LEU F 417 -20.29 26.47 -8.99
C LEU F 417 -19.04 25.73 -8.49
N THR F 418 -18.15 26.45 -7.76
CA THR F 418 -16.91 25.97 -7.14
C THR F 418 -17.08 24.75 -6.23
N ARG F 419 -18.14 24.74 -5.40
CA ARG F 419 -18.44 23.67 -4.44
C ARG F 419 -18.90 22.38 -5.11
N LEU F 420 -19.76 22.51 -6.13
CA LEU F 420 -20.34 21.40 -6.87
C LEU F 420 -19.32 20.76 -7.82
N LEU F 421 -18.43 21.57 -8.44
CA LEU F 421 -17.40 21.10 -9.39
C LEU F 421 -16.41 20.12 -8.74
N SER F 422 -16.13 20.31 -7.43
CA SER F 422 -15.28 19.46 -6.58
C SER F 422 -15.92 18.06 -6.47
N MET F 423 -17.25 18.06 -6.25
CA MET F 423 -18.07 16.87 -6.17
C MET F 423 -18.16 16.18 -7.57
N LYS F 424 -18.56 16.93 -8.65
CA LYS F 424 -18.66 16.46 -10.06
C LYS F 424 -17.37 15.77 -10.43
N GLY F 425 -16.27 16.51 -10.15
CA GLY F 425 -14.88 16.15 -10.38
C GLY F 425 -14.47 14.84 -9.72
N THR F 426 -15.05 14.54 -8.54
CA THR F 426 -14.75 13.28 -7.85
C THR F 426 -15.44 12.11 -8.57
N LEU F 427 -16.75 12.32 -8.79
CA LEU F 427 -17.69 11.37 -9.39
C LEU F 427 -17.52 11.17 -10.87
N GLN F 428 -16.84 12.12 -11.55
CA GLN F 428 -16.58 11.99 -12.97
C GLN F 428 -16.03 10.62 -13.31
N LYS F 429 -15.04 10.18 -12.52
CA LYS F 429 -14.38 8.89 -12.61
C LYS F 429 -15.32 7.78 -13.19
N PHE F 430 -16.43 7.46 -12.49
CA PHE F 430 -17.44 6.42 -12.82
C PHE F 430 -18.58 6.92 -13.65
N VAL F 431 -18.78 8.26 -13.69
CA VAL F 431 -19.81 8.90 -14.51
C VAL F 431 -19.46 8.49 -15.93
N ASP F 432 -18.23 8.82 -16.39
CA ASP F 432 -17.69 8.49 -17.72
C ASP F 432 -18.02 7.04 -18.04
N ASP F 433 -17.52 6.12 -17.16
CA ASP F 433 -17.61 4.66 -17.22
C ASP F 433 -19.00 4.10 -17.35
N LEU F 434 -19.93 4.58 -16.51
CA LEU F 434 -21.31 4.12 -16.55
C LEU F 434 -21.93 4.41 -17.94
N PHE F 435 -21.71 5.63 -18.48
CA PHE F 435 -22.23 6.05 -19.78
C PHE F 435 -21.52 5.31 -20.91
N GLN F 436 -20.19 5.17 -20.81
CA GLN F 436 -19.35 4.45 -21.79
C GLN F 436 -19.72 2.95 -21.92
N VAL F 437 -20.57 2.43 -20.98
CA VAL F 437 -21.09 1.05 -20.92
C VAL F 437 -22.51 0.97 -21.45
N ILE F 438 -23.36 1.93 -21.05
CA ILE F 438 -24.73 2.01 -21.50
C ILE F 438 -24.71 2.28 -23.02
N LEU F 439 -23.91 3.30 -23.43
CA LEU F 439 -23.74 3.75 -24.80
C LEU F 439 -22.57 3.04 -25.47
N SER F 440 -22.41 1.75 -25.18
CA SER F 440 -21.33 0.97 -25.74
C SER F 440 -21.61 0.41 -27.12
N THR F 441 -20.65 0.62 -28.01
CA THR F 441 -20.61 0.14 -29.38
C THR F 441 -19.72 -1.12 -29.46
N SER F 442 -18.71 -1.20 -28.54
CA SER F 442 -17.74 -2.29 -28.36
C SER F 442 -18.47 -3.62 -28.20
N ARG F 443 -19.53 -3.62 -27.36
CA ARG F 443 -20.44 -4.74 -27.11
C ARG F 443 -21.51 -4.73 -28.22
N PRO F 444 -22.11 -5.89 -28.59
CA PRO F 444 -23.16 -5.86 -29.62
C PRO F 444 -24.48 -5.28 -29.10
N VAL F 445 -25.37 -4.86 -30.03
CA VAL F 445 -26.67 -4.27 -29.69
C VAL F 445 -27.63 -5.36 -29.18
N PRO F 446 -28.19 -5.18 -27.95
CA PRO F 446 -29.16 -6.17 -27.44
C PRO F 446 -30.38 -6.26 -28.36
N LEU F 447 -30.95 -7.48 -28.54
CA LEU F 447 -32.07 -7.67 -29.45
C LEU F 447 -33.27 -6.79 -29.20
N ALA F 448 -33.70 -6.68 -27.92
CA ALA F 448 -34.83 -5.85 -27.49
C ALA F 448 -34.70 -4.38 -27.95
N VAL F 449 -33.46 -3.85 -27.93
CA VAL F 449 -33.14 -2.49 -28.36
C VAL F 449 -33.30 -2.44 -29.88
N LYS F 450 -32.46 -3.20 -30.60
CA LYS F 450 -32.41 -3.29 -32.06
C LYS F 450 -33.78 -3.49 -32.70
N TYR F 451 -34.61 -4.38 -32.12
CA TYR F 451 -35.97 -4.67 -32.58
C TYR F 451 -36.84 -3.42 -32.50
N PHE F 452 -36.82 -2.80 -31.34
CA PHE F 452 -37.59 -1.62 -31.04
C PHE F 452 -37.25 -0.41 -31.89
N PHE F 453 -35.96 -0.11 -32.04
CA PHE F 453 -35.52 1.05 -32.83
C PHE F 453 -35.76 0.86 -34.31
N ASP F 454 -36.02 -0.40 -34.71
CA ASP F 454 -36.38 -0.76 -36.08
C ASP F 454 -37.92 -0.85 -36.17
N LEU F 455 -38.58 -0.96 -35.00
CA LEU F 455 -40.03 -0.95 -34.89
C LEU F 455 -40.47 0.50 -35.10
N LEU F 456 -39.62 1.45 -34.69
CA LEU F 456 -39.85 2.88 -34.89
C LEU F 456 -39.57 3.25 -36.36
N ASP F 457 -38.46 2.72 -36.94
CA ASP F 457 -38.04 2.97 -38.32
C ASP F 457 -39.08 2.50 -39.34
N GLU F 458 -39.84 1.45 -38.98
CA GLU F 458 -40.92 0.90 -39.78
C GLU F 458 -42.07 1.92 -39.76
N GLN F 459 -42.32 2.55 -38.59
CA GLN F 459 -43.36 3.56 -38.39
C GLN F 459 -43.04 4.88 -39.08
N ALA F 460 -41.74 5.24 -39.13
CA ALA F 460 -41.23 6.48 -39.73
C ALA F 460 -41.56 6.62 -41.22
N GLN F 461 -41.51 5.50 -41.97
CA GLN F 461 -41.80 5.47 -43.40
C GLN F 461 -43.29 5.35 -43.70
N GLN F 462 -44.08 4.84 -42.72
CA GLN F 462 -45.53 4.69 -42.83
C GLN F 462 -46.27 6.02 -42.85
N HIS F 463 -45.67 7.07 -42.24
CA HIS F 463 -46.27 8.39 -42.15
C HIS F 463 -45.45 9.48 -42.86
N GLY F 464 -44.34 9.06 -43.46
CA GLY F 464 -43.43 9.90 -44.25
C GLY F 464 -42.68 10.98 -43.51
N ILE F 465 -41.67 10.58 -42.70
CA ILE F 465 -40.81 11.52 -41.97
C ILE F 465 -39.35 11.19 -42.29
N SER F 466 -38.76 11.95 -43.24
CA SER F 466 -37.37 11.78 -43.67
C SER F 466 -36.39 12.28 -42.61
N ASP F 467 -36.82 13.30 -41.85
CA ASP F 467 -36.06 13.94 -40.80
C ASP F 467 -35.77 12.96 -39.66
N GLN F 468 -34.48 12.58 -39.52
CA GLN F 468 -33.99 11.65 -38.49
C GLN F 468 -33.89 12.30 -37.10
N ASP F 469 -33.91 13.66 -37.05
CA ASP F 469 -33.88 14.45 -35.81
C ASP F 469 -35.21 14.30 -35.09
N THR F 470 -36.32 14.20 -35.85
CA THR F 470 -37.67 13.97 -35.31
C THR F 470 -37.73 12.51 -34.85
N ILE F 471 -37.08 11.59 -35.62
CA ILE F 471 -36.98 10.15 -35.35
C ILE F 471 -36.18 9.87 -34.06
N HIS F 472 -35.03 10.56 -33.90
CA HIS F 472 -34.13 10.45 -32.75
C HIS F 472 -34.80 10.68 -31.38
N ILE F 473 -35.67 11.71 -31.24
CA ILE F 473 -36.36 12.00 -29.96
C ILE F 473 -37.46 10.99 -29.59
N TRP F 474 -37.92 10.22 -30.58
CA TRP F 474 -38.86 9.13 -30.33
C TRP F 474 -38.00 7.96 -29.89
N LYS F 475 -36.78 7.85 -30.49
CA LYS F 475 -35.78 6.81 -30.21
C LYS F 475 -35.16 6.99 -28.80
N THR F 476 -34.80 8.26 -28.47
CA THR F 476 -34.23 8.67 -27.17
C THR F 476 -35.26 8.40 -26.04
N ASN F 477 -36.46 9.05 -26.14
CA ASN F 477 -37.56 8.86 -25.21
C ASN F 477 -38.20 7.47 -25.42
N SER F 478 -37.38 6.39 -25.48
CA SER F 478 -37.78 5.02 -25.78
C SER F 478 -36.75 4.50 -24.80
N LEU F 479 -35.60 4.11 -25.31
CA LEU F 479 -34.69 3.27 -24.59
C LEU F 479 -33.95 4.09 -23.52
N PRO F 480 -33.06 5.08 -23.85
CA PRO F 480 -32.36 5.76 -22.76
C PRO F 480 -33.19 6.60 -21.77
N LEU F 481 -33.87 7.65 -22.30
CA LEU F 481 -34.74 8.59 -21.55
C LEU F 481 -36.05 8.00 -21.04
N ARG F 482 -36.23 6.75 -21.37
CA ARG F 482 -37.33 6.07 -20.83
C ARG F 482 -36.77 5.11 -19.77
N PHE F 483 -35.95 4.11 -20.22
CA PHE F 483 -35.36 3.08 -19.35
C PHE F 483 -34.10 3.48 -18.56
N TRP F 484 -32.97 3.70 -19.25
CA TRP F 484 -31.67 4.02 -18.63
C TRP F 484 -31.67 5.13 -17.62
N ILE F 485 -32.49 6.14 -17.87
CA ILE F 485 -32.68 7.31 -17.03
C ILE F 485 -33.15 6.95 -15.64
N ASN F 486 -34.03 5.96 -15.54
CA ASN F 486 -34.64 5.49 -14.30
C ASN F 486 -33.71 4.78 -13.37
N ILE F 487 -32.83 3.95 -13.94
CA ILE F 487 -31.87 3.15 -13.21
C ILE F 487 -30.77 4.05 -12.62
N ILE F 488 -30.32 5.07 -13.39
CA ILE F 488 -29.34 6.04 -12.92
C ILE F 488 -30.00 6.82 -11.81
N LYS F 489 -31.21 7.41 -12.09
CA LYS F 489 -32.12 8.19 -11.21
C LYS F 489 -32.35 7.47 -9.88
N ASN F 490 -32.83 6.24 -9.97
CA ASN F 490 -33.03 5.45 -8.79
C ASN F 490 -32.30 4.10 -8.91
N PRO F 491 -31.27 3.86 -8.06
CA PRO F 491 -30.51 2.60 -8.14
C PRO F 491 -31.09 1.44 -7.28
N GLN F 492 -32.09 1.75 -6.44
CA GLN F 492 -32.77 0.78 -5.60
C GLN F 492 -33.54 -0.22 -6.45
N PHE F 493 -33.45 -0.13 -7.79
CA PHE F 493 -34.13 -1.02 -8.72
C PHE F 493 -33.33 -2.23 -9.07
N VAL F 494 -32.02 -2.13 -8.90
CA VAL F 494 -31.13 -3.24 -9.22
C VAL F 494 -30.50 -3.80 -7.95
N PHE F 495 -30.24 -2.93 -6.98
CA PHE F 495 -29.55 -3.29 -5.76
C PHE F 495 -30.37 -3.29 -4.51
N ASP F 496 -30.10 -4.25 -3.63
CA ASP F 496 -30.77 -4.28 -2.34
C ASP F 496 -29.97 -3.33 -1.46
N VAL F 497 -30.26 -2.03 -1.60
CA VAL F 497 -29.57 -0.94 -0.90
C VAL F 497 -30.53 0.12 -0.35
N GLN F 498 -30.06 0.85 0.69
CA GLN F 498 -30.78 1.98 1.27
C GLN F 498 -30.17 3.22 0.64
N THR F 499 -30.99 3.95 -0.12
CA THR F 499 -30.53 5.13 -0.83
C THR F 499 -30.80 6.39 0.00
N SER F 500 -29.75 7.22 0.19
CA SER F 500 -29.88 8.47 0.92
C SER F 500 -30.72 9.47 0.09
N ASP F 501 -31.27 10.49 0.76
CA ASP F 501 -32.07 11.54 0.13
C ASP F 501 -31.12 12.37 -0.74
N ASN F 502 -29.99 12.85 -0.14
CA ASN F 502 -28.94 13.64 -0.80
C ASN F 502 -28.28 12.84 -1.92
N MET F 503 -28.28 11.50 -1.77
CA MET F 503 -27.76 10.54 -2.71
C MET F 503 -28.59 10.62 -3.98
N ASP F 504 -29.91 10.67 -3.82
CA ASP F 504 -30.83 10.74 -4.93
C ASP F 504 -30.72 12.04 -5.71
N ALA F 505 -30.49 13.18 -5.01
CA ALA F 505 -30.30 14.50 -5.62
C ALA F 505 -29.06 14.48 -6.51
N VAL F 506 -28.01 13.77 -6.06
CA VAL F 506 -26.76 13.57 -6.79
C VAL F 506 -27.05 12.76 -8.05
N LEU F 507 -27.56 11.52 -7.88
CA LEU F 507 -27.92 10.58 -8.93
C LEU F 507 -28.85 11.15 -10.00
N LEU F 508 -29.88 11.89 -9.57
CA LEU F 508 -30.82 12.53 -10.44
C LEU F 508 -30.09 13.54 -11.33
N VAL F 509 -29.14 14.32 -10.74
CA VAL F 509 -28.34 15.29 -11.48
C VAL F 509 -27.32 14.64 -12.44
N ILE F 510 -27.08 13.32 -12.29
CA ILE F 510 -26.28 12.50 -13.21
C ILE F 510 -27.23 12.01 -14.33
N ALA F 511 -28.51 11.71 -13.97
CA ALA F 511 -29.52 11.30 -14.92
C ALA F 511 -29.90 12.47 -15.83
N GLN F 512 -30.06 13.69 -15.27
CA GLN F 512 -30.36 14.87 -16.08
C GLN F 512 -29.19 15.37 -16.88
N THR F 513 -27.98 14.82 -16.62
CA THR F 513 -26.76 15.12 -17.37
C THR F 513 -26.72 14.17 -18.56
N PHE F 514 -27.07 12.89 -18.34
CA PHE F 514 -27.14 11.84 -19.37
C PHE F 514 -28.22 12.21 -20.40
N MET F 515 -29.33 12.70 -19.88
CA MET F 515 -30.50 13.10 -20.63
C MET F 515 -30.19 14.22 -21.60
N ASP F 516 -29.54 15.29 -21.12
CA ASP F 516 -29.15 16.45 -21.91
C ASP F 516 -28.23 16.07 -23.08
N ALA F 517 -27.52 14.92 -22.95
CA ALA F 517 -26.60 14.33 -23.94
C ALA F 517 -27.39 13.58 -24.99
N CYS F 518 -28.47 12.93 -24.55
CA CYS F 518 -29.35 12.19 -25.43
C CYS F 518 -30.02 13.17 -26.41
N THR F 519 -30.85 14.06 -25.87
CA THR F 519 -31.57 15.08 -26.63
C THR F 519 -30.58 16.07 -27.28
N LEU F 520 -30.74 16.33 -28.59
CA LEU F 520 -29.88 17.21 -29.41
C LEU F 520 -29.80 18.70 -29.00
N ALA F 521 -30.77 19.20 -28.23
CA ALA F 521 -30.79 20.60 -27.79
C ALA F 521 -30.25 20.78 -26.35
N PRO F 530 -29.16 25.08 -16.31
CA PRO F 530 -29.27 25.43 -14.89
C PRO F 530 -27.99 25.07 -14.11
N ILE F 531 -28.07 24.13 -13.17
CA ILE F 531 -26.88 23.64 -12.49
C ILE F 531 -26.27 22.66 -13.50
N ASN F 532 -26.95 21.51 -13.67
CA ASN F 532 -26.62 20.42 -14.54
C ASN F 532 -26.19 20.78 -15.95
N LYS F 533 -26.73 21.88 -16.52
CA LYS F 533 -26.33 22.28 -17.87
C LYS F 533 -24.93 22.91 -17.85
N LEU F 534 -24.79 24.08 -17.24
CA LEU F 534 -23.48 24.71 -17.19
C LEU F 534 -22.68 24.27 -15.97
N LEU F 535 -22.61 22.93 -15.77
CA LEU F 535 -21.84 22.22 -14.75
C LEU F 535 -21.03 21.17 -15.51
N TYR F 536 -21.75 20.27 -16.16
CA TYR F 536 -21.16 19.21 -16.97
C TYR F 536 -20.95 19.66 -18.41
N ALA F 537 -21.16 20.95 -18.74
CA ALA F 537 -20.92 21.58 -20.05
C ALA F 537 -19.60 21.17 -20.74
N ARG F 538 -18.61 20.68 -19.96
CA ARG F 538 -17.33 20.20 -20.46
C ARG F 538 -17.54 18.84 -21.10
N ASP F 539 -18.17 17.91 -20.35
CA ASP F 539 -18.44 16.51 -20.74
C ASP F 539 -19.73 16.27 -21.57
N ILE F 540 -20.71 17.20 -21.56
CA ILE F 540 -21.95 17.07 -22.34
C ILE F 540 -21.71 17.02 -23.89
N PRO F 541 -20.78 17.80 -24.52
CA PRO F 541 -20.54 17.63 -25.97
C PRO F 541 -19.81 16.33 -26.28
N ARG F 542 -19.21 15.71 -25.25
CA ARG F 542 -18.49 14.43 -25.32
C ARG F 542 -19.50 13.29 -25.30
N TYR F 543 -20.54 13.40 -24.46
CA TYR F 543 -21.58 12.39 -24.38
C TYR F 543 -22.50 12.45 -25.60
N LYS F 544 -22.72 13.66 -26.17
CA LYS F 544 -23.54 13.84 -27.38
C LYS F 544 -22.92 13.07 -28.54
N ARG F 545 -21.57 12.93 -28.51
CA ARG F 545 -20.82 12.16 -29.49
C ARG F 545 -21.21 10.71 -29.29
N MET F 546 -21.09 10.20 -28.05
CA MET F 546 -21.42 8.82 -27.65
C MET F 546 -22.82 8.38 -28.04
N VAL F 547 -23.80 9.31 -27.98
CA VAL F 547 -25.19 9.04 -28.33
C VAL F 547 -25.30 8.72 -29.82
N GLU F 548 -24.76 9.60 -30.69
CA GLU F 548 -24.75 9.36 -32.12
C GLU F 548 -23.97 8.08 -32.43
N ARG F 549 -22.76 7.93 -31.83
CA ARG F 549 -21.90 6.75 -31.95
C ARG F 549 -22.69 5.46 -31.69
N TYR F 550 -23.65 5.51 -30.74
CA TYR F 550 -24.49 4.38 -30.37
C TYR F 550 -25.58 4.16 -31.40
N TYR F 551 -26.12 5.24 -31.98
CA TYR F 551 -27.19 5.13 -32.98
C TYR F 551 -26.68 4.71 -34.34
N ALA F 552 -25.37 4.72 -34.50
CA ALA F 552 -24.72 4.28 -35.72
C ALA F 552 -24.87 2.77 -35.81
N ASP F 553 -24.56 2.08 -34.70
CA ASP F 553 -24.67 0.62 -34.55
C ASP F 553 -26.13 0.17 -34.74
N ILE F 554 -27.08 0.92 -34.14
CA ILE F 554 -28.53 0.71 -34.20
C ILE F 554 -29.05 0.52 -35.65
N ARG F 555 -28.41 1.17 -36.62
CA ARG F 555 -28.80 1.08 -38.03
C ARG F 555 -27.85 0.18 -38.80
N GLN F 556 -26.53 0.27 -38.53
CA GLN F 556 -25.50 -0.50 -39.21
C GLN F 556 -25.54 -2.00 -38.99
N THR F 557 -26.04 -2.45 -37.82
CA THR F 557 -26.10 -3.89 -37.52
C THR F 557 -27.26 -4.61 -38.19
N VAL F 558 -27.25 -5.96 -38.14
CA VAL F 558 -28.25 -6.87 -38.72
C VAL F 558 -29.61 -6.67 -38.04
N PRO F 559 -30.69 -6.36 -38.78
CA PRO F 559 -32.01 -6.21 -38.14
C PRO F 559 -32.52 -7.52 -37.55
N ALA F 560 -33.35 -7.42 -36.51
CA ALA F 560 -33.90 -8.57 -35.79
C ALA F 560 -35.25 -9.02 -36.37
N SER F 561 -35.34 -10.31 -36.73
CA SER F 561 -36.55 -10.91 -37.28
C SER F 561 -37.56 -11.14 -36.17
N ASP F 562 -38.86 -10.89 -36.46
CA ASP F 562 -39.97 -11.08 -35.50
C ASP F 562 -40.13 -12.56 -35.13
N GLN F 563 -39.74 -13.44 -36.07
CA GLN F 563 -39.71 -14.89 -35.98
C GLN F 563 -38.69 -15.29 -34.90
N GLU F 564 -37.54 -14.60 -34.92
CA GLU F 564 -36.37 -14.72 -34.06
C GLU F 564 -36.64 -14.01 -32.71
N MET F 565 -37.52 -13.00 -32.73
CA MET F 565 -37.91 -12.18 -31.58
C MET F 565 -38.77 -12.93 -30.57
N ASN F 566 -40.04 -13.25 -30.95
CA ASN F 566 -41.00 -13.95 -30.06
C ASN F 566 -40.45 -15.25 -29.45
N SER F 567 -39.30 -15.72 -30.00
CA SER F 567 -38.51 -16.87 -29.55
C SER F 567 -37.90 -16.52 -28.18
N VAL F 568 -37.46 -15.27 -28.06
CA VAL F 568 -36.85 -14.72 -26.85
C VAL F 568 -37.94 -14.30 -25.88
N LEU F 569 -39.01 -13.66 -26.38
CA LEU F 569 -40.14 -13.17 -25.57
C LEU F 569 -40.87 -14.26 -24.79
N ALA F 570 -40.87 -15.49 -25.33
CA ALA F 570 -41.51 -16.62 -24.69
C ALA F 570 -40.68 -17.09 -23.49
N GLU F 571 -39.34 -17.24 -23.67
CA GLU F 571 -38.42 -17.69 -22.60
C GLU F 571 -38.35 -16.73 -21.42
N LEU F 572 -39.00 -15.56 -21.52
CA LEU F 572 -39.05 -14.55 -20.48
C LEU F 572 -40.30 -14.67 -19.56
N SER F 573 -41.32 -15.42 -20.01
CA SER F 573 -42.50 -15.73 -19.22
C SER F 573 -42.13 -17.00 -18.45
N TRP F 574 -41.15 -17.75 -19.00
CA TRP F 574 -40.54 -18.98 -18.48
C TRP F 574 -39.68 -18.58 -17.29
N ASN F 575 -38.54 -17.90 -17.59
CA ASN F 575 -37.51 -17.45 -16.66
C ASN F 575 -37.94 -16.41 -15.61
N TYR F 576 -39.20 -15.96 -15.70
CA TYR F 576 -39.85 -15.10 -14.71
C TYR F 576 -40.32 -16.17 -13.70
N SER F 577 -39.63 -16.22 -12.54
CA SER F 577 -39.82 -17.21 -11.46
C SER F 577 -41.27 -17.54 -11.01
N GLY F 578 -42.00 -16.55 -10.44
CA GLY F 578 -43.38 -16.73 -9.96
C GLY F 578 -44.37 -15.64 -10.32
N ASP F 579 -45.58 -15.72 -9.70
CA ASP F 579 -46.68 -14.77 -9.56
C ASP F 579 -46.27 -13.44 -8.94
N LEU F 580 -46.18 -12.42 -9.81
CA LEU F 580 -45.81 -11.06 -9.39
C LEU F 580 -46.98 -10.33 -8.65
N GLY F 581 -48.13 -11.02 -8.59
CA GLY F 581 -49.34 -10.56 -7.91
C GLY F 581 -50.58 -10.48 -8.78
N ALA F 582 -50.59 -11.23 -9.90
CA ALA F 582 -51.67 -11.27 -10.89
C ALA F 582 -53.13 -11.28 -10.37
N ARG F 583 -53.39 -11.93 -9.23
CA ARG F 583 -54.73 -11.99 -8.62
C ARG F 583 -55.19 -10.56 -8.40
N VAL F 584 -54.46 -9.86 -7.53
CA VAL F 584 -54.67 -8.48 -7.13
C VAL F 584 -54.67 -7.61 -8.35
N ALA F 585 -53.77 -7.89 -9.28
CA ALA F 585 -53.64 -7.14 -10.53
C ALA F 585 -54.97 -7.08 -11.27
N LEU F 586 -55.66 -8.21 -11.35
CA LEU F 586 -56.94 -8.26 -12.03
C LEU F 586 -58.03 -7.54 -11.22
N HIS F 587 -58.07 -7.77 -9.89
CA HIS F 587 -59.03 -7.14 -8.93
C HIS F 587 -58.87 -5.61 -8.93
N GLU F 588 -57.61 -5.12 -8.87
CA GLU F 588 -57.24 -3.70 -8.90
C GLU F 588 -57.59 -3.07 -10.24
N LEU F 589 -57.43 -3.86 -11.33
CA LEU F 589 -57.78 -3.41 -12.67
C LEU F 589 -59.28 -3.33 -12.80
N TYR F 590 -60.04 -4.22 -12.07
CA TYR F 590 -61.50 -4.16 -12.04
C TYR F 590 -61.95 -2.91 -11.26
N LYS F 591 -61.16 -2.49 -10.21
CA LYS F 591 -61.44 -1.29 -9.42
C LYS F 591 -61.57 -0.07 -10.33
N TYR F 592 -60.79 -0.05 -11.43
CA TYR F 592 -60.82 0.96 -12.48
C TYR F 592 -62.12 0.81 -13.28
N ILE F 593 -62.27 -0.36 -13.95
CA ILE F 593 -63.44 -0.74 -14.75
C ILE F 593 -64.75 -0.33 -14.04
N ASN F 594 -64.88 -0.68 -12.75
CA ASN F 594 -66.03 -0.37 -11.90
C ASN F 594 -66.40 1.11 -11.91
N LYS F 595 -65.39 2.00 -11.85
CA LYS F 595 -65.62 3.44 -11.83
C LYS F 595 -65.97 4.02 -13.20
N TYR F 596 -65.30 3.55 -14.25
CA TYR F 596 -65.49 4.08 -15.60
C TYR F 596 -66.36 3.18 -16.48
N TYR F 597 -67.11 2.28 -15.83
CA TYR F 597 -67.99 1.28 -16.44
C TYR F 597 -68.73 1.64 -17.73
N ASP F 598 -69.56 2.68 -17.67
CA ASP F 598 -70.42 3.11 -18.78
C ASP F 598 -69.68 3.71 -19.96
N GLN F 599 -68.65 4.52 -19.69
CA GLN F 599 -67.82 5.16 -20.71
C GLN F 599 -67.16 4.09 -21.55
N ILE F 600 -66.93 2.92 -20.94
CA ILE F 600 -66.37 1.74 -21.59
C ILE F 600 -67.44 1.09 -22.51
N ILE F 601 -68.69 0.95 -22.01
CA ILE F 601 -69.82 0.40 -22.77
C ILE F 601 -69.98 1.14 -24.11
N THR F 602 -69.69 2.45 -24.09
CA THR F 602 -69.73 3.36 -25.24
C THR F 602 -68.90 2.78 -26.38
N ALA F 603 -67.58 2.64 -26.17
CA ALA F 603 -66.63 2.08 -27.13
C ALA F 603 -66.89 0.60 -27.37
N LEU F 604 -67.48 -0.09 -26.36
CA LEU F 604 -67.81 -1.51 -26.44
C LEU F 604 -68.88 -1.82 -27.47
N GLU F 605 -69.76 -0.84 -27.77
CA GLU F 605 -70.82 -1.05 -28.74
C GLU F 605 -70.84 -0.09 -29.92
N GLU F 606 -70.12 1.04 -29.84
CA GLU F 606 -70.02 2.00 -30.96
C GLU F 606 -69.26 1.38 -32.14
N ASP F 607 -68.45 0.36 -31.86
CA ASP F 607 -67.68 -0.38 -32.85
C ASP F 607 -68.46 -1.60 -33.34
N GLY F 608 -68.41 -1.82 -34.65
CA GLY F 608 -69.07 -2.92 -35.34
C GLY F 608 -68.55 -4.30 -34.99
N THR F 609 -67.22 -4.48 -35.01
CA THR F 609 -66.56 -5.75 -34.68
C THR F 609 -66.79 -6.09 -33.20
N ALA F 610 -66.85 -5.05 -32.33
CA ALA F 610 -67.08 -5.16 -30.89
C ALA F 610 -68.45 -5.76 -30.56
N GLN F 611 -69.43 -5.49 -31.45
CA GLN F 611 -70.78 -6.03 -31.35
C GLN F 611 -70.71 -7.53 -31.68
N LYS F 612 -70.05 -7.87 -32.83
CA LYS F 612 -69.83 -9.23 -33.34
C LYS F 612 -69.13 -10.11 -32.31
N MET F 613 -68.11 -9.55 -31.64
CA MET F 613 -67.31 -10.21 -30.61
C MET F 613 -68.14 -10.48 -29.34
N GLN F 614 -69.25 -9.72 -29.15
CA GLN F 614 -70.13 -9.77 -27.99
C GLN F 614 -69.32 -9.39 -26.74
N LEU F 615 -68.45 -8.38 -26.91
CA LEU F 615 -67.57 -7.88 -25.87
C LEU F 615 -68.34 -7.30 -24.71
N GLY F 616 -69.35 -6.48 -25.02
CA GLY F 616 -70.20 -5.84 -24.04
C GLY F 616 -70.71 -6.81 -23.00
N TYR F 617 -71.36 -7.89 -23.47
CA TYR F 617 -71.91 -8.96 -22.64
C TYR F 617 -70.81 -9.70 -21.87
N ARG F 618 -69.64 -9.95 -22.52
CA ARG F 618 -68.51 -10.60 -21.88
C ARG F 618 -68.14 -9.84 -20.61
N LEU F 619 -68.04 -8.50 -20.72
CA LEU F 619 -67.75 -7.60 -19.60
C LEU F 619 -68.86 -7.65 -18.56
N GLN F 620 -70.12 -7.47 -19.00
CA GLN F 620 -71.31 -7.49 -18.15
C GLN F 620 -71.31 -8.72 -17.26
N GLN F 621 -70.98 -9.90 -17.83
CA GLN F 621 -70.92 -11.17 -17.11
C GLN F 621 -69.89 -11.10 -15.97
N ILE F 622 -68.73 -10.50 -16.24
CA ILE F 622 -67.66 -10.36 -15.24
C ILE F 622 -68.08 -9.32 -14.20
N ALA F 623 -68.72 -8.22 -14.66
CA ALA F 623 -69.18 -7.14 -13.79
C ALA F 623 -70.05 -7.67 -12.67
N ALA F 624 -71.00 -8.55 -13.02
CA ALA F 624 -71.91 -9.17 -12.07
C ALA F 624 -71.22 -10.25 -11.24
N ALA F 625 -70.17 -10.91 -11.82
CA ALA F 625 -69.42 -11.97 -11.14
C ALA F 625 -68.69 -11.45 -9.90
N VAL F 626 -68.34 -10.16 -9.90
CA VAL F 626 -67.69 -9.51 -8.77
C VAL F 626 -68.77 -9.01 -7.83
N GLU F 627 -69.80 -8.33 -8.38
CA GLU F 627 -70.91 -7.77 -7.62
C GLU F 627 -72.24 -7.85 -8.39
MG MG G . 35.99 15.88 7.02
PG GNP H . 36.84 16.90 8.52
O1G GNP H . 37.33 17.33 9.81
O2G GNP H . 37.52 15.49 8.16
O3G GNP H . 35.23 16.84 8.59
N3B GNP H . 37.20 18.02 7.32
PB GNP H . 38.69 17.92 6.54
O1B GNP H . 39.85 17.98 7.42
O2B GNP H . 38.87 16.53 5.85
O3A GNP H . 38.67 19.16 5.54
PA GNP H . 37.98 18.81 4.15
O1A GNP H . 39.02 18.10 3.45
O2A GNP H . 36.68 17.84 4.20
O5' GNP H . 37.57 20.12 3.36
C5' GNP H . 38.48 21.18 3.65
C4' GNP H . 37.87 22.57 3.33
O4' GNP H . 38.94 23.53 3.12
C3' GNP H . 37.00 22.59 2.02
O3' GNP H . 36.02 23.65 1.99
C2' GNP H . 38.08 22.79 0.94
O2' GNP H . 37.56 23.56 -0.17
C1' GNP H . 39.28 23.49 1.70
N9 GNP H . 40.67 22.97 1.43
C8 GNP H . 41.26 21.77 1.80
N7 GNP H . 42.49 21.66 1.36
C5 GNP H . 42.79 22.80 0.69
C6 GNP H . 43.95 23.31 -0.01
O6 GNP H . 44.98 22.68 -0.07
N1 GNP H . 43.92 24.53 -0.62
C2 GNP H . 42.78 25.29 -0.56
N2 GNP H . 42.77 26.50 -1.19
N3 GNP H . 41.69 24.85 0.09
C4 GNP H . 41.64 23.64 0.72
MG MG I . -12.32 35.79 -11.69
PG GNP J . -11.54 37.62 -11.70
O1G GNP J . -10.70 38.80 -11.93
O2G GNP J . -11.96 37.04 -13.14
O3G GNP J . -10.75 36.56 -10.80
N3B GNP J . -12.92 38.03 -10.84
PB GNP J . -14.27 38.61 -11.67
O1B GNP J . -14.04 39.80 -12.52
O2B GNP J . -14.74 37.56 -12.72
O3A GNP J . -15.31 38.94 -10.53
PA GNP J . -16.14 37.68 -10.13
O1A GNP J . -17.13 37.60 -11.18
O2A GNP J . -15.39 36.27 -10.09
O5' GNP J . -16.84 37.88 -8.72
C5' GNP J . -17.18 39.26 -8.53
C4' GNP J . -17.37 39.59 -7.03
O4' GNP J . -18.18 40.79 -6.90
C3' GNP J . -18.12 38.47 -6.22
O3' GNP J . -17.84 38.49 -4.81
C2' GNP J . -19.59 38.81 -6.53
O2' GNP J . -20.43 38.45 -5.41
C1' GNP J . -19.57 40.35 -6.89
N9 GNP J . -20.38 40.80 -8.08
C8 GNP J . -20.15 40.59 -9.43
N7 GNP J . -21.07 41.12 -10.18
C5 GNP J . -21.99 41.73 -9.36
C6 GNP J . -23.21 42.49 -9.54
O6 GNP J . -23.62 42.73 -10.64
N1 GNP J . -23.91 42.96 -8.47
C2 GNP J . -23.45 42.74 -7.18
N2 GNP J . -24.17 43.22 -6.13
N3 GNP J . -22.32 42.05 -6.97
C4 GNP J . -21.56 41.53 -8.01
MG MG K . -9.61 10.08 37.41
PG GNP L . -10.15 11.80 38.28
O1G GNP L . -10.84 13.05 38.66
O2G GNP L . -11.21 10.59 38.43
O3G GNP L . -9.56 11.96 36.79
N3B GNP L . -8.84 11.52 39.27
PB GNP L . -9.09 10.72 40.73
O1B GNP L . -10.06 11.34 41.64
O2B GNP L . -9.71 9.31 40.50
O3A GNP L . -7.64 10.71 41.40
PA GNP L . -6.78 9.47 40.91
O1A GNP L . -7.29 8.37 41.71
O2A GNP L . -6.90 9.03 39.36
O5' GNP L . -5.23 9.71 41.22
C5' GNP L . -5.07 10.49 42.41
C4' GNP L . -3.68 11.17 42.46
O4' GNP L . -3.35 11.48 43.84
C3' GNP L . -2.52 10.27 41.95
O3' GNP L . -1.38 11.01 41.48
C2' GNP L . -2.19 9.44 43.21
O2' GNP L . -0.80 9.08 43.25
C1' GNP L . -2.68 10.32 44.41
N9 GNP L . -3.46 9.66 45.51
C8 GNP L . -4.74 9.15 45.50
N7 GNP L . -5.09 8.63 46.64
C5 GNP L . -4.04 8.75 47.50
C6 GNP L . -3.79 8.40 48.88
O6 GNP L . -4.63 7.87 49.56
N1 GNP L . -2.57 8.67 49.46
C2 GNP L . -1.59 9.31 48.72
N2 GNP L . -0.38 9.57 49.34
N3 GNP L . -1.81 9.66 47.44
C4 GNP L . -3.00 9.41 46.80
#